data_6CF5
#
_entry.id   6CF5
#
_cell.length_a   72.583
_cell.length_b   232.980
_cell.length_c   72.626
_cell.angle_alpha   90.00
_cell.angle_beta   118.91
_cell.angle_gamma   90.00
#
_symmetry.space_group_name_H-M   'P 1 21 1'
#
loop_
_entity.id
_entity.type
_entity.pdbx_description
1 polymer Hemagglutinin
2 polymer Hemagglutinin
3 branched 2-acetamido-2-deoxy-beta-D-glucopyranose-(1-4)-2-acetamido-2-deoxy-beta-D-glucopyranose
4 non-polymer '2-[N-CYCLOHEXYLAMINO]ETHANE SULFONIC ACID'
5 non-polymer 2-acetamido-2-deoxy-beta-D-glucopyranose
6 non-polymer DI(HYDROXYETHYL)ETHER
7 non-polymer GLYCEROL
8 water water
#
loop_
_entity_poly.entity_id
_entity_poly.type
_entity_poly.pdbx_seq_one_letter_code
_entity_poly.pdbx_strand_id
1 'polypeptide(L)'
;ADPGDQICIGYHANNSTEQVDTIMEKNVTVTHAQDILEKKHNGKLCDLDGVKPLILRDCSVAGWLLGNPMCDEFINVPEW
SYIVEKANPVNDLCYPGDFNDYEELKHLLSRINHFEKIQIIPKSSWSSHEASLGVSSACPYQGKSSFFRNVVWLIKKNST
YPTIKRSYNNTNQEDLLVLWGIHHPNDAAEQTKLYQNPTTYISVGTSTLNQRLVPRIATRSKVNGQSGRMEFFWTILKPN
DAINFESNGNFIAPEYAYKIVKKGDSTIMKSELEYGNCNTKCQTPMGAINSSMPFHNIHPLTIGECPKYVKSNRLVLATG
LRNSPQRERRRKKR
;
A,C,E
2 'polypeptide(L)'
;GLFGAIAGFIEGGWQGMVDGWYGYHHSNEQGSGYAADKESTQKAIDGVTNKVNSIIDKMNTQFEAVGREFNNLERRIENL
NKKMEDGFLDVWTYNAELLVLMENERTLDFHDSNVKNLYDKVRLQLRDNAKELGNGCFEFYHKCDNECMESVRNGTYDYP
QYSEEARLKREEISSGR
;
B,D,F
#
loop_
_chem_comp.id
_chem_comp.type
_chem_comp.name
_chem_comp.formula
GOL non-polymer GLYCEROL 'C3 H8 O3'
NAG D-saccharide, beta linking 2-acetamido-2-deoxy-beta-D-glucopyranose 'C8 H15 N O6'
NHE non-polymer '2-[N-CYCLOHEXYLAMINO]ETHANE SULFONIC ACID' 'C8 H17 N O3 S'
PEG non-polymer DI(HYDROXYETHYL)ETHER 'C4 H10 O3'
#
# COMPACT_ATOMS: atom_id res chain seq x y z
N ASP A 2 -25.55 -41.13 52.09
CA ASP A 2 -25.32 -39.73 52.44
C ASP A 2 -24.51 -39.01 51.36
N PRO A 3 -24.84 -37.74 51.10
CA PRO A 3 -24.08 -36.97 50.10
C PRO A 3 -22.65 -36.72 50.57
N GLY A 4 -21.69 -37.07 49.71
CA GLY A 4 -20.29 -36.90 50.03
C GLY A 4 -19.82 -35.48 49.83
N ASP A 5 -18.56 -35.26 50.19
CA ASP A 5 -17.92 -33.96 49.98
C ASP A 5 -17.81 -33.67 48.49
N GLN A 6 -17.72 -32.38 48.16
CA GLN A 6 -17.69 -31.94 46.78
C GLN A 6 -16.56 -30.94 46.55
N ILE A 7 -15.97 -31.01 45.36
CA ILE A 7 -15.09 -29.97 44.86
C ILE A 7 -15.57 -29.60 43.46
N CYS A 8 -15.65 -28.30 43.18
CA CYS A 8 -16.19 -27.80 41.92
C CYS A 8 -15.14 -26.94 41.23
N ILE A 9 -15.15 -26.99 39.90
CA ILE A 9 -14.28 -26.15 39.09
C ILE A 9 -15.12 -25.03 38.50
N GLY A 10 -14.65 -23.81 38.62
CA GLY A 10 -15.39 -22.66 38.12
C GLY A 10 -14.49 -21.54 37.65
N TYR A 11 -15.09 -20.40 37.30
CA TYR A 11 -14.33 -19.29 36.73
C TYR A 11 -14.89 -17.98 37.22
N HIS A 12 -14.09 -16.92 37.04
CA HIS A 12 -14.41 -15.60 37.56
C HIS A 12 -15.61 -14.98 36.86
N ALA A 13 -16.37 -14.20 37.62
CA ALA A 13 -17.42 -13.36 37.08
C ALA A 13 -17.48 -12.08 37.92
N ASN A 14 -17.91 -10.99 37.30
CA ASN A 14 -18.02 -9.73 38.01
C ASN A 14 -19.19 -8.94 37.41
N ASN A 15 -19.26 -7.65 37.73
CA ASN A 15 -20.31 -6.77 37.21
C ASN A 15 -19.80 -5.86 36.10
N SER A 16 -18.77 -6.31 35.37
CA SER A 16 -18.26 -5.55 34.24
C SER A 16 -19.29 -5.55 33.11
N THR A 17 -19.45 -4.39 32.48
CA THR A 17 -20.30 -4.25 31.30
C THR A 17 -19.49 -3.98 30.04
N GLU A 18 -18.15 -4.04 30.13
CA GLU A 18 -17.30 -3.83 28.97
C GLU A 18 -17.57 -4.91 27.93
N GLN A 19 -17.64 -4.50 26.66
CA GLN A 19 -17.98 -5.38 25.56
C GLN A 19 -16.87 -5.38 24.51
N VAL A 20 -16.75 -6.52 23.83
CA VAL A 20 -15.82 -6.68 22.70
C VAL A 20 -16.57 -7.33 21.55
N ASP A 21 -15.97 -7.27 20.37
CA ASP A 21 -16.50 -7.91 19.18
C ASP A 21 -15.59 -9.04 18.74
N THR A 22 -16.17 -10.04 18.10
CA THR A 22 -15.46 -11.13 17.46
C THR A 22 -16.02 -11.29 16.05
N ILE A 23 -15.42 -12.22 15.30
CA ILE A 23 -15.91 -12.48 13.94
C ILE A 23 -17.33 -13.01 13.97
N MET A 24 -17.62 -13.94 14.89
CA MET A 24 -18.93 -14.59 14.90
C MET A 24 -19.92 -13.94 15.85
N GLU A 25 -19.47 -13.01 16.70
CA GLU A 25 -20.38 -12.44 17.70
C GLU A 25 -19.94 -11.03 18.06
N LYS A 26 -20.88 -10.10 18.05
CA LYS A 26 -20.63 -8.73 18.46
C LYS A 26 -21.15 -8.52 19.88
N ASN A 27 -20.60 -7.52 20.55
CA ASN A 27 -21.04 -7.09 21.87
C ASN A 27 -21.03 -8.24 22.88
N VAL A 28 -19.84 -8.83 23.04
CA VAL A 28 -19.64 -9.87 24.03
C VAL A 28 -19.17 -9.20 25.31
N THR A 29 -19.97 -9.31 26.37
CA THR A 29 -19.58 -8.73 27.65
C THR A 29 -18.49 -9.59 28.27
N VAL A 30 -17.41 -8.94 28.71
CA VAL A 30 -16.26 -9.64 29.26
C VAL A 30 -15.96 -9.09 30.65
N THR A 31 -15.30 -9.91 31.47
CA THR A 31 -14.95 -9.51 32.82
C THR A 31 -13.86 -8.43 32.83
N HIS A 32 -12.97 -8.46 31.84
CA HIS A 32 -11.88 -7.51 31.74
C HIS A 32 -11.58 -7.21 30.28
N ALA A 33 -11.31 -5.95 29.98
CA ALA A 33 -10.97 -5.55 28.62
C ALA A 33 -10.01 -4.37 28.68
N GLN A 34 -9.35 -4.11 27.56
CA GLN A 34 -8.41 -3.01 27.46
C GLN A 34 -8.71 -2.18 26.22
N ASP A 35 -9.09 -0.93 26.44
CA ASP A 35 -9.19 0.03 25.34
C ASP A 35 -7.80 0.41 24.88
N ILE A 36 -7.55 0.33 23.57
CA ILE A 36 -6.24 0.66 23.03
C ILE A 36 -6.32 1.84 22.06
N LEU A 37 -7.44 2.55 22.01
CA LEU A 37 -7.65 3.64 21.06
C LEU A 37 -7.85 4.93 21.84
N GLU A 38 -6.92 5.87 21.67
CA GLU A 38 -7.08 7.22 22.22
C GLU A 38 -7.98 8.04 21.32
N LYS A 39 -9.00 8.66 21.91
CA LYS A 39 -9.99 9.40 21.14
C LYS A 39 -10.11 10.86 21.57
N LYS A 40 -9.25 11.33 22.47
CA LYS A 40 -9.38 12.66 23.05
C LYS A 40 -8.14 13.50 22.78
N HIS A 41 -8.36 14.79 22.58
CA HIS A 41 -7.30 15.78 22.40
C HIS A 41 -7.73 17.06 23.10
N ASN A 42 -6.77 17.95 23.35
CA ASN A 42 -7.05 19.17 24.09
C ASN A 42 -7.49 20.33 23.21
N GLY A 43 -7.56 20.13 21.89
CA GLY A 43 -8.03 21.17 20.99
C GLY A 43 -7.15 22.40 20.90
N LYS A 44 -5.88 22.30 21.29
CA LYS A 44 -4.98 23.44 21.27
C LYS A 44 -3.71 23.08 20.51
N LEU A 45 -3.04 24.12 20.00
CA LEU A 45 -1.71 23.99 19.43
C LEU A 45 -0.70 24.35 20.51
N CYS A 46 0.15 23.39 20.87
CA CYS A 46 1.07 23.55 21.99
C CYS A 46 2.51 23.52 21.53
N ASP A 47 3.40 23.89 22.45
CA ASP A 47 4.82 23.64 22.23
C ASP A 47 5.08 22.16 22.11
N LEU A 48 6.10 21.81 21.33
CA LEU A 48 6.51 20.42 21.14
C LEU A 48 7.76 20.19 21.98
N ASP A 49 7.59 19.55 23.13
CA ASP A 49 8.68 19.28 24.08
C ASP A 49 9.40 20.57 24.46
N GLY A 50 8.61 21.61 24.77
CA GLY A 50 9.15 22.87 25.21
C GLY A 50 9.51 23.85 24.13
N VAL A 51 9.43 23.46 22.85
CA VAL A 51 9.80 24.33 21.74
C VAL A 51 8.53 24.86 21.09
N LYS A 52 8.36 26.18 21.10
CA LYS A 52 7.14 26.78 20.59
C LYS A 52 7.10 26.67 19.06
N PRO A 53 5.94 26.39 18.48
CA PRO A 53 5.82 26.38 17.02
C PRO A 53 5.80 27.79 16.45
N LEU A 54 6.08 27.86 15.15
CA LEU A 54 5.91 29.08 14.37
C LEU A 54 4.49 29.11 13.83
N ILE A 55 3.66 29.98 14.38
CA ILE A 55 2.26 30.09 14.00
C ILE A 55 2.10 31.33 13.14
N LEU A 56 1.90 31.13 11.83
CA LEU A 56 1.92 32.20 10.84
C LEU A 56 0.63 33.03 10.82
N ARG A 57 -0.41 32.59 11.55
CA ARG A 57 -1.66 33.34 11.66
C ARG A 57 -2.26 33.66 10.29
N ASP A 58 -2.32 34.93 9.92
CA ASP A 58 -2.91 35.34 8.66
C ASP A 58 -1.91 35.43 7.53
N CYS A 59 -0.67 35.01 7.75
CA CYS A 59 0.38 35.08 6.74
C CYS A 59 0.68 33.69 6.19
N SER A 60 0.97 33.63 4.89
CA SER A 60 1.41 32.41 4.26
C SER A 60 2.93 32.28 4.38
N VAL A 61 3.43 31.10 4.03
CA VAL A 61 4.87 30.90 3.99
C VAL A 61 5.53 31.89 3.01
N ALA A 62 4.89 32.12 1.86
CA ALA A 62 5.43 33.09 0.91
C ALA A 62 5.40 34.51 1.48
N GLY A 63 4.29 34.89 2.12
CA GLY A 63 4.22 36.20 2.74
C GLY A 63 5.29 36.39 3.80
N TRP A 64 5.57 35.34 4.56
CA TRP A 64 6.64 35.40 5.56
C TRP A 64 8.00 35.56 4.89
N LEU A 65 8.34 34.64 3.98
CA LEU A 65 9.70 34.60 3.43
C LEU A 65 10.00 35.79 2.54
N LEU A 66 9.03 36.25 1.74
CA LEU A 66 9.25 37.42 0.91
C LEU A 66 9.13 38.72 1.70
N GLY A 67 8.46 38.69 2.85
CA GLY A 67 8.33 39.88 3.67
C GLY A 67 7.18 40.76 3.27
N ASN A 68 6.01 40.16 3.03
CA ASN A 68 4.78 40.91 2.91
C ASN A 68 4.70 41.91 4.07
N PRO A 69 4.55 43.21 3.79
CA PRO A 69 4.61 44.21 4.87
C PRO A 69 3.52 44.06 5.92
N MET A 70 2.50 43.25 5.67
CA MET A 70 1.52 42.89 6.69
C MET A 70 1.96 41.73 7.56
N CYS A 71 3.19 41.23 7.36
CA CYS A 71 3.71 40.08 8.08
C CYS A 71 4.92 40.44 8.93
N ASP A 72 4.99 41.70 9.39
CA ASP A 72 6.12 42.15 10.19
C ASP A 72 6.24 41.39 11.50
N GLU A 73 5.18 40.73 11.97
CA GLU A 73 5.31 39.88 13.14
C GLU A 73 6.38 38.82 12.96
N PHE A 74 6.70 38.45 11.71
CA PHE A 74 7.64 37.38 11.42
C PHE A 74 8.89 37.86 10.70
N ILE A 75 9.29 39.12 10.93
CA ILE A 75 10.51 39.63 10.30
C ILE A 75 11.73 38.88 10.82
N ASN A 76 11.74 38.54 12.10
CA ASN A 76 12.81 37.74 12.70
C ASN A 76 12.16 36.79 13.70
N VAL A 77 12.00 35.53 13.31
CA VAL A 77 11.35 34.54 14.17
C VAL A 77 12.40 33.70 14.86
N PRO A 78 12.19 33.30 16.10
CA PRO A 78 13.12 32.38 16.78
C PRO A 78 12.92 30.97 16.25
N GLU A 79 13.78 30.07 16.73
CA GLU A 79 13.69 28.65 16.40
C GLU A 79 12.29 28.12 16.69
N TRP A 80 11.80 27.25 15.81
CA TRP A 80 10.48 26.64 15.95
C TRP A 80 10.59 25.12 15.93
N SER A 81 9.52 24.49 16.41
CA SER A 81 9.39 23.03 16.40
C SER A 81 8.58 22.53 15.20
N TYR A 82 7.49 23.23 14.87
CA TYR A 82 6.74 22.99 13.65
C TYR A 82 6.11 24.32 13.24
N ILE A 83 5.68 24.39 11.99
CA ILE A 83 5.07 25.58 11.43
C ILE A 83 3.58 25.32 11.29
N VAL A 84 2.75 26.33 11.57
CA VAL A 84 1.31 26.25 11.42
C VAL A 84 0.88 27.30 10.40
N GLU A 85 0.20 26.86 9.34
CA GLU A 85 -0.31 27.75 8.31
C GLU A 85 -1.80 27.51 8.12
N LYS A 86 -2.55 28.59 7.96
CA LYS A 86 -3.97 28.46 7.70
C LYS A 86 -4.22 27.93 6.29
N ALA A 87 -5.47 27.51 6.04
CA ALA A 87 -5.81 26.95 4.74
C ALA A 87 -5.69 27.99 3.64
N ASN A 88 -6.15 29.22 3.90
CA ASN A 88 -6.11 30.30 2.91
C ASN A 88 -5.68 31.59 3.62
N PRO A 89 -4.39 31.75 3.90
CA PRO A 89 -3.92 32.98 4.54
C PRO A 89 -4.19 34.18 3.65
N VAL A 90 -4.69 35.26 4.26
CA VAL A 90 -5.04 36.45 3.47
C VAL A 90 -3.80 37.25 3.09
N ASN A 91 -2.72 37.15 3.87
CA ASN A 91 -1.49 37.89 3.60
C ASN A 91 -0.52 36.94 2.91
N ASP A 92 -0.55 36.97 1.58
CA ASP A 92 0.27 36.09 0.75
C ASP A 92 1.10 36.93 -0.22
N LEU A 93 0.83 36.82 -1.52
CA LEU A 93 1.49 37.68 -2.50
C LEU A 93 0.63 38.92 -2.62
N CYS A 94 0.97 39.95 -1.84
CA CYS A 94 0.19 41.19 -1.87
C CYS A 94 0.19 41.80 -3.28
N TYR A 95 1.37 41.93 -3.87
CA TYR A 95 1.43 42.18 -5.30
C TYR A 95 1.24 40.85 -6.02
N PRO A 96 0.24 40.71 -6.89
CA PRO A 96 -0.10 39.39 -7.43
C PRO A 96 1.00 38.82 -8.31
N GLY A 97 1.00 37.49 -8.41
CA GLY A 97 1.96 36.80 -9.24
C GLY A 97 2.11 35.33 -8.89
N ASP A 98 3.33 34.82 -8.98
CA ASP A 98 3.60 33.40 -8.76
C ASP A 98 4.89 33.24 -7.97
N PHE A 99 4.97 32.13 -7.24
CA PHE A 99 6.16 31.73 -6.50
C PHE A 99 6.65 30.43 -7.13
N ASN A 100 7.78 30.49 -7.85
CA ASN A 100 8.28 29.34 -8.58
C ASN A 100 8.74 28.24 -7.64
N ASP A 101 8.36 27.00 -7.96
CA ASP A 101 8.72 25.83 -7.16
C ASP A 101 8.39 26.05 -5.68
N TYR A 102 7.21 26.63 -5.45
CA TYR A 102 6.80 26.98 -4.09
C TYR A 102 6.63 25.73 -3.22
N GLU A 103 6.00 24.70 -3.77
CA GLU A 103 5.77 23.49 -2.97
C GLU A 103 7.08 22.78 -2.66
N GLU A 104 8.05 22.80 -3.58
CA GLU A 104 9.36 22.24 -3.29
C GLU A 104 10.05 23.02 -2.16
N LEU A 105 9.87 24.35 -2.15
CA LEU A 105 10.44 25.14 -1.05
C LEU A 105 9.78 24.80 0.28
N LYS A 106 8.45 24.66 0.30
CA LYS A 106 7.76 24.25 1.52
C LYS A 106 8.23 22.87 1.98
N HIS A 107 8.46 21.96 1.04
CA HIS A 107 8.99 20.66 1.41
C HIS A 107 10.36 20.80 2.07
N LEU A 108 11.23 21.65 1.51
CA LEU A 108 12.51 21.94 2.17
C LEU A 108 12.30 22.48 3.58
N LEU A 109 11.32 23.39 3.73
CA LEU A 109 11.02 23.97 5.03
C LEU A 109 10.66 22.90 6.05
N SER A 110 10.02 21.82 5.60
CA SER A 110 9.66 20.75 6.53
C SER A 110 10.86 20.15 7.25
N ARG A 111 12.08 20.43 6.81
CA ARG A 111 13.28 19.93 7.46
C ARG A 111 14.14 21.04 8.05
N ILE A 112 13.57 22.21 8.31
CA ILE A 112 14.29 23.35 8.83
C ILE A 112 13.61 23.83 10.11
N ASN A 113 14.40 24.15 11.13
CA ASN A 113 13.86 24.63 12.39
C ASN A 113 14.17 26.09 12.70
N HIS A 114 15.13 26.72 12.02
CA HIS A 114 15.43 28.11 12.31
C HIS A 114 16.14 28.76 11.14
N PHE A 115 15.71 29.98 10.81
CA PHE A 115 16.38 30.85 9.87
C PHE A 115 17.05 32.00 10.61
N GLU A 116 18.14 32.51 10.04
CA GLU A 116 18.72 33.78 10.46
C GLU A 116 18.77 34.72 9.26
N LYS A 117 17.97 35.78 9.30
CA LYS A 117 17.94 36.73 8.19
C LYS A 117 19.21 37.56 8.17
N ILE A 118 19.80 37.71 6.97
CA ILE A 118 21.02 38.49 6.78
C ILE A 118 20.89 39.34 5.53
N GLN A 119 21.41 40.56 5.59
CA GLN A 119 21.41 41.45 4.43
C GLN A 119 22.56 41.08 3.49
N ILE A 120 22.23 40.64 2.27
CA ILE A 120 23.26 40.24 1.33
C ILE A 120 23.52 41.32 0.29
N ILE A 121 22.50 42.13 0.00
CA ILE A 121 22.67 43.23 -0.94
C ILE A 121 21.96 44.46 -0.36
N PRO A 122 22.69 45.42 0.17
CA PRO A 122 22.04 46.58 0.79
C PRO A 122 21.17 47.37 -0.19
N LYS A 123 19.98 47.76 0.29
CA LYS A 123 19.10 48.59 -0.53
C LYS A 123 19.75 49.90 -0.92
N SER A 124 20.66 50.41 -0.10
CA SER A 124 21.35 51.67 -0.35
C SER A 124 22.51 51.54 -1.33
N SER A 125 22.83 50.32 -1.78
CA SER A 125 23.97 50.11 -2.67
C SER A 125 23.62 50.25 -4.14
N TRP A 126 22.40 50.69 -4.47
CA TRP A 126 21.98 50.86 -5.85
C TRP A 126 22.17 52.31 -6.24
N SER A 127 23.41 52.64 -6.65
CA SER A 127 23.75 54.02 -6.96
C SER A 127 23.34 54.43 -8.35
N SER A 128 23.18 53.49 -9.28
CA SER A 128 22.81 53.79 -10.64
C SER A 128 21.33 53.52 -10.94
N HIS A 129 20.56 53.12 -9.95
CA HIS A 129 19.15 52.81 -10.15
C HIS A 129 18.35 53.41 -9.00
N GLU A 130 17.05 53.61 -9.26
CA GLU A 130 16.14 54.07 -8.22
C GLU A 130 15.69 52.87 -7.39
N ALA A 131 15.99 52.89 -6.10
CA ALA A 131 15.69 51.76 -5.23
C ALA A 131 14.57 52.00 -4.23
N SER A 132 14.04 53.22 -4.14
CA SER A 132 13.04 53.54 -3.13
C SER A 132 11.69 53.94 -3.71
N LEU A 133 11.46 53.68 -5.00
CA LEU A 133 10.17 53.99 -5.61
C LEU A 133 9.35 52.74 -5.92
N GLY A 134 9.91 51.54 -5.74
CA GLY A 134 9.19 50.33 -6.10
C GLY A 134 8.19 49.91 -5.05
N VAL A 135 7.12 50.69 -4.90
CA VAL A 135 6.06 50.40 -3.95
C VAL A 135 4.74 50.41 -4.71
N SER A 136 3.75 49.73 -4.13
CA SER A 136 2.46 49.58 -4.77
C SER A 136 1.37 49.66 -3.72
N SER A 137 0.19 50.11 -4.17
CA SER A 137 -1.00 50.09 -3.34
C SER A 137 -1.50 48.67 -3.11
N ALA A 138 -1.06 47.70 -3.91
CA ALA A 138 -1.42 46.31 -3.65
C ALA A 138 -0.74 45.77 -2.40
N CYS A 139 0.34 46.41 -1.93
CA CYS A 139 1.06 45.98 -0.73
C CYS A 139 1.05 47.12 0.28
N PRO A 140 -0.10 47.42 0.86
CA PRO A 140 -0.18 48.55 1.79
C PRO A 140 0.53 48.25 3.10
N TYR A 141 1.12 49.28 3.67
CA TYR A 141 1.65 49.22 5.03
C TYR A 141 1.25 50.52 5.74
N GLN A 142 0.39 50.41 6.75
CA GLN A 142 -0.05 51.57 7.52
C GLN A 142 -0.60 52.67 6.62
N GLY A 143 -1.42 52.27 5.66
CA GLY A 143 -2.05 53.21 4.76
C GLY A 143 -1.19 53.69 3.62
N LYS A 144 0.10 53.36 3.60
CA LYS A 144 1.02 53.78 2.56
C LYS A 144 1.27 52.64 1.58
N SER A 145 1.53 53.00 0.33
CA SER A 145 1.99 52.02 -0.64
C SER A 145 3.32 51.44 -0.20
N SER A 146 3.48 50.12 -0.32
CA SER A 146 4.72 49.49 0.15
C SER A 146 5.01 48.29 -0.74
N PHE A 147 5.85 47.37 -0.25
CA PHE A 147 6.28 46.22 -1.05
C PHE A 147 6.87 45.17 -0.13
N PHE A 148 7.05 43.96 -0.68
CA PHE A 148 7.79 42.92 0.03
C PHE A 148 9.10 43.47 0.55
N ARG A 149 9.40 43.18 1.82
CA ARG A 149 10.53 43.82 2.50
C ARG A 149 11.87 43.18 2.20
N ASN A 150 11.90 41.91 1.81
CA ASN A 150 13.18 41.23 1.63
C ASN A 150 13.74 41.36 0.22
N VAL A 151 12.99 41.96 -0.70
CA VAL A 151 13.44 42.22 -2.05
C VAL A 151 13.17 43.67 -2.41
N VAL A 152 13.86 44.15 -3.45
CA VAL A 152 13.85 45.56 -3.83
C VAL A 152 13.40 45.65 -5.29
N TRP A 153 12.31 46.37 -5.53
CA TRP A 153 11.80 46.64 -6.86
C TRP A 153 12.53 47.85 -7.45
N LEU A 154 13.58 47.58 -8.23
CA LEU A 154 14.40 48.63 -8.82
C LEU A 154 13.72 49.27 -10.02
N ILE A 155 13.93 50.58 -10.18
CA ILE A 155 13.33 51.39 -11.23
C ILE A 155 14.44 52.16 -11.92
N LYS A 156 14.21 52.53 -13.18
CA LYS A 156 15.20 53.32 -13.92
C LYS A 156 15.49 54.62 -13.18
N LYS A 157 16.68 55.17 -13.46
CA LYS A 157 17.15 56.39 -12.82
C LYS A 157 17.61 57.37 -13.89
N ASN A 158 17.08 58.59 -13.84
CA ASN A 158 17.37 59.62 -14.82
C ASN A 158 17.17 59.10 -16.24
N SER A 159 16.02 58.47 -16.45
CA SER A 159 15.61 57.92 -17.75
C SER A 159 16.57 56.88 -18.28
N THR A 160 17.38 56.27 -17.41
CA THR A 160 18.33 55.23 -17.82
C THR A 160 18.30 54.08 -16.82
N TYR A 161 18.52 52.88 -17.33
CA TYR A 161 18.61 51.66 -16.52
C TYR A 161 19.88 50.95 -16.95
N PRO A 162 21.03 51.30 -16.37
CA PRO A 162 22.28 50.62 -16.72
C PRO A 162 22.23 49.14 -16.37
N THR A 163 23.08 48.38 -17.05
CA THR A 163 23.14 46.95 -16.83
C THR A 163 23.71 46.65 -15.44
N ILE A 164 22.91 45.97 -14.62
CA ILE A 164 23.30 45.53 -13.29
C ILE A 164 24.15 44.27 -13.43
N LYS A 165 25.29 44.27 -12.75
CA LYS A 165 26.13 43.08 -12.57
C LYS A 165 26.53 43.06 -11.10
N ARG A 166 25.91 42.17 -10.32
CA ARG A 166 26.16 42.08 -8.89
C ARG A 166 26.43 40.63 -8.50
N SER A 167 27.31 40.43 -7.53
CA SER A 167 27.64 39.10 -7.04
C SER A 167 27.54 39.08 -5.52
N TYR A 168 27.14 37.94 -4.98
CA TYR A 168 27.22 37.70 -3.55
C TYR A 168 27.86 36.35 -3.31
N ASN A 169 28.94 36.32 -2.54
CA ASN A 169 29.65 35.12 -2.16
C ASN A 169 29.17 34.69 -0.78
N ASN A 170 28.67 33.45 -0.68
CA ASN A 170 28.23 32.96 0.62
C ASN A 170 29.44 32.62 1.48
N THR A 171 29.92 33.61 2.24
CA THR A 171 31.05 33.41 3.14
C THR A 171 30.62 32.81 4.48
N ASN A 172 29.33 32.55 4.66
CA ASN A 172 28.87 31.91 5.88
C ASN A 172 29.13 30.41 5.82
N GLN A 173 28.90 29.74 6.94
CA GLN A 173 29.14 28.30 7.01
C GLN A 173 27.88 27.49 6.78
N GLU A 174 26.73 28.15 6.66
CA GLU A 174 25.45 27.48 6.49
C GLU A 174 24.90 27.73 5.10
N ASP A 175 24.00 26.85 4.67
CA ASP A 175 23.29 27.08 3.41
C ASP A 175 22.48 28.38 3.49
N LEU A 176 22.31 29.01 2.34
CA LEU A 176 21.61 30.29 2.26
C LEU A 176 20.40 30.15 1.34
N LEU A 177 19.21 30.49 1.84
CA LEU A 177 18.02 30.57 1.00
C LEU A 177 17.97 31.97 0.40
N VAL A 178 18.13 32.06 -0.92
CA VAL A 178 18.15 33.33 -1.63
C VAL A 178 16.90 33.46 -2.48
N LEU A 179 16.24 34.61 -2.41
CA LEU A 179 15.01 34.92 -3.12
C LEU A 179 15.19 36.14 -4.00
N TRP A 180 14.62 36.09 -5.21
CA TRP A 180 14.60 37.24 -6.11
C TRP A 180 13.34 37.16 -6.95
N GLY A 181 13.16 38.11 -7.85
CA GLY A 181 11.95 38.10 -8.64
C GLY A 181 12.08 38.89 -9.92
N ILE A 182 11.02 38.80 -10.74
CA ILE A 182 10.93 39.52 -12.00
C ILE A 182 9.54 40.15 -12.08
N HIS A 183 9.47 41.35 -12.65
CA HIS A 183 8.21 42.05 -12.86
C HIS A 183 7.76 41.86 -14.30
N HIS A 184 6.55 41.30 -14.46
CA HIS A 184 5.87 41.19 -15.75
C HIS A 184 4.91 42.37 -15.87
N PRO A 185 5.23 43.38 -16.68
CA PRO A 185 4.40 44.60 -16.75
C PRO A 185 3.21 44.42 -17.66
N ASN A 186 2.38 45.46 -17.72
CA ASN A 186 1.09 45.40 -18.40
C ASN A 186 1.20 45.62 -19.89
N ASP A 187 2.17 46.41 -20.34
CA ASP A 187 2.31 46.72 -21.75
C ASP A 187 3.69 47.31 -21.99
N ALA A 188 4.03 47.48 -23.28
CA ALA A 188 5.34 48.01 -23.64
C ALA A 188 5.52 49.44 -23.12
N ALA A 189 4.42 50.19 -23.04
CA ALA A 189 4.51 51.55 -22.51
C ALA A 189 4.97 51.54 -21.06
N GLU A 190 4.41 50.64 -20.25
CA GLU A 190 4.87 50.53 -18.86
C GLU A 190 6.31 50.06 -18.80
N GLN A 191 6.70 49.15 -19.70
CA GLN A 191 8.08 48.70 -19.77
C GLN A 191 9.02 49.89 -19.95
N THR A 192 8.70 50.77 -20.91
CA THR A 192 9.51 51.97 -21.13
C THR A 192 9.47 52.89 -19.92
N LYS A 193 8.28 53.08 -19.35
CA LYS A 193 8.10 54.03 -18.25
C LYS A 193 8.94 53.63 -17.03
N LEU A 194 8.97 52.34 -16.72
CA LEU A 194 9.68 51.87 -15.53
C LEU A 194 11.15 51.55 -15.77
N TYR A 195 11.49 50.94 -16.91
CA TYR A 195 12.83 50.40 -17.09
C TYR A 195 13.54 50.92 -18.34
N GLN A 196 12.87 51.76 -19.14
CA GLN A 196 13.45 52.36 -20.35
C GLN A 196 13.78 51.32 -21.42
N ASN A 197 14.60 50.33 -21.09
CA ASN A 197 15.01 49.33 -22.06
C ASN A 197 13.83 48.43 -22.46
N PRO A 198 13.57 48.24 -23.76
CA PRO A 198 12.40 47.47 -24.19
C PRO A 198 12.56 45.95 -24.09
N THR A 199 13.78 45.44 -24.22
CA THR A 199 14.04 44.01 -24.25
C THR A 199 14.98 43.68 -23.11
N THR A 200 14.48 42.99 -22.08
CA THR A 200 15.23 42.84 -20.85
C THR A 200 15.32 41.37 -20.45
N TYR A 201 16.15 41.13 -19.44
CA TYR A 201 16.46 39.78 -18.98
C TYR A 201 16.99 39.89 -17.56
N ILE A 202 16.98 38.75 -16.87
CA ILE A 202 17.65 38.61 -15.58
C ILE A 202 18.39 37.29 -15.63
N SER A 203 19.71 37.33 -15.66
CA SER A 203 20.53 36.13 -15.62
CA SER A 203 20.53 36.13 -15.62
C SER A 203 21.00 35.89 -14.20
N VAL A 204 20.90 34.64 -13.75
CA VAL A 204 21.28 34.25 -12.40
C VAL A 204 22.12 32.98 -12.49
N GLY A 205 23.29 33.01 -11.87
CA GLY A 205 24.15 31.86 -11.92
C GLY A 205 24.80 31.51 -10.59
N THR A 206 24.85 30.21 -10.28
CA THR A 206 25.66 29.69 -9.19
C THR A 206 26.49 28.55 -9.77
N SER A 207 27.00 27.67 -8.90
CA SER A 207 27.69 26.49 -9.40
C SER A 207 26.72 25.53 -10.09
N THR A 208 25.45 25.56 -9.73
CA THR A 208 24.44 24.67 -10.29
C THR A 208 23.32 25.38 -11.04
N LEU A 209 23.03 26.63 -10.70
CA LEU A 209 21.94 27.37 -11.32
C LEU A 209 22.44 28.11 -12.55
N ASN A 210 21.68 28.01 -13.65
CA ASN A 210 22.00 28.69 -14.91
C ASN A 210 20.66 29.19 -15.48
N GLN A 211 20.23 30.36 -15.00
CA GLN A 211 18.89 30.85 -15.25
C GLN A 211 18.93 32.16 -16.04
N ARG A 212 17.95 32.34 -16.92
CA ARG A 212 17.73 33.61 -17.60
CA ARG A 212 17.73 33.61 -17.60
C ARG A 212 16.24 33.84 -17.73
N LEU A 213 15.72 34.79 -16.96
CA LEU A 213 14.30 35.14 -16.97
C LEU A 213 14.05 36.27 -17.96
N VAL A 214 12.91 36.21 -18.63
CA VAL A 214 12.50 37.25 -19.57
C VAL A 214 11.08 37.67 -19.19
N PRO A 215 10.79 38.97 -19.10
CA PRO A 215 9.43 39.39 -18.73
C PRO A 215 8.43 38.99 -19.80
N ARG A 216 7.23 38.59 -19.35
CA ARG A 216 6.13 38.23 -20.24
C ARG A 216 5.05 39.29 -20.13
N ILE A 217 4.92 40.11 -21.16
CA ILE A 217 3.92 41.16 -21.21
C ILE A 217 2.61 40.58 -21.73
N ALA A 218 1.54 40.79 -20.97
CA ALA A 218 0.21 40.31 -21.34
C ALA A 218 -0.82 41.17 -20.63
N THR A 219 -2.05 41.16 -21.16
CA THR A 219 -3.15 41.90 -20.58
C THR A 219 -3.88 40.99 -19.60
N ARG A 220 -3.93 41.39 -18.34
CA ARG A 220 -4.42 40.50 -17.30
C ARG A 220 -5.49 41.18 -16.47
N SER A 221 -6.29 40.34 -15.81
CA SER A 221 -7.27 40.80 -14.85
C SER A 221 -6.58 41.43 -13.64
N LYS A 222 -7.21 42.44 -13.07
CA LYS A 222 -6.67 43.09 -11.89
C LYS A 222 -6.85 42.20 -10.67
N VAL A 223 -5.77 41.99 -9.93
CA VAL A 223 -5.79 41.28 -8.66
C VAL A 223 -5.12 42.16 -7.63
N ASN A 224 -5.81 42.40 -6.52
CA ASN A 224 -5.39 43.40 -5.53
C ASN A 224 -5.14 44.75 -6.23
N GLY A 225 -5.93 45.04 -7.27
CA GLY A 225 -5.84 46.29 -8.00
C GLY A 225 -4.75 46.36 -9.05
N GLN A 226 -4.00 45.29 -9.30
CA GLN A 226 -2.86 45.31 -10.20
C GLN A 226 -3.03 44.28 -11.31
N SER A 227 -2.77 44.71 -12.54
CA SER A 227 -2.72 43.80 -13.67
C SER A 227 -1.33 43.27 -13.96
N GLY A 228 -0.28 43.92 -13.45
CA GLY A 228 1.05 43.37 -13.54
C GLY A 228 1.24 42.20 -12.59
N ARG A 229 2.36 41.49 -12.77
CA ARG A 229 2.62 40.33 -11.93
C ARG A 229 4.07 40.33 -11.48
N MET A 230 4.30 39.79 -10.29
CA MET A 230 5.64 39.51 -9.79
C MET A 230 5.83 38.02 -9.72
N GLU A 231 6.90 37.52 -10.33
CA GLU A 231 7.21 36.09 -10.30
C GLU A 231 8.52 35.89 -9.54
N PHE A 232 8.48 35.13 -8.46
CA PHE A 232 9.61 34.99 -7.55
C PHE A 232 10.29 33.63 -7.71
N PHE A 233 11.61 33.65 -7.57
CA PHE A 233 12.47 32.48 -7.73
C PHE A 233 13.40 32.41 -6.53
N TRP A 234 13.90 31.21 -6.27
CA TRP A 234 14.74 30.96 -5.12
C TRP A 234 15.81 29.93 -5.43
N THR A 235 16.86 29.93 -4.63
CA THR A 235 17.84 28.86 -4.68
C THR A 235 18.52 28.71 -3.33
N ILE A 236 19.12 27.55 -3.12
CA ILE A 236 19.96 27.28 -1.96
C ILE A 236 21.41 27.50 -2.40
N LEU A 237 22.03 28.57 -1.90
CA LEU A 237 23.43 28.87 -2.16
C LEU A 237 24.28 28.20 -1.10
N LYS A 238 25.13 27.27 -1.53
CA LYS A 238 25.96 26.50 -0.62
C LYS A 238 27.13 27.34 -0.12
N PRO A 239 27.73 26.96 1.02
CA PRO A 239 28.90 27.70 1.53
C PRO A 239 30.01 27.76 0.50
N ASN A 240 30.66 28.92 0.42
CA ASN A 240 31.75 29.23 -0.49
C ASN A 240 31.31 29.29 -1.95
N ASP A 241 30.02 29.14 -2.24
CA ASP A 241 29.52 29.37 -3.59
C ASP A 241 29.01 30.80 -3.69
N ALA A 242 29.00 31.33 -4.92
CA ALA A 242 28.53 32.68 -5.16
C ALA A 242 27.37 32.66 -6.13
N ILE A 243 26.51 33.67 -6.01
CA ILE A 243 25.39 33.88 -6.92
C ILE A 243 25.65 35.18 -7.67
N ASN A 244 25.48 35.13 -8.99
CA ASN A 244 25.73 36.27 -9.86
C ASN A 244 24.44 36.67 -10.55
N PHE A 245 24.08 37.95 -10.44
CA PHE A 245 22.93 38.54 -11.09
C PHE A 245 23.39 39.51 -12.16
N GLU A 246 22.73 39.45 -13.31
CA GLU A 246 22.90 40.48 -14.34
C GLU A 246 21.53 40.82 -14.92
N SER A 247 21.25 42.11 -15.08
CA SER A 247 19.93 42.47 -15.57
C SER A 247 19.90 43.89 -16.11
N ASN A 248 19.15 44.09 -17.19
CA ASN A 248 18.92 45.44 -17.72
C ASN A 248 17.47 45.88 -17.54
N GLY A 249 16.75 45.29 -16.60
CA GLY A 249 15.39 45.72 -16.30
C GLY A 249 14.57 44.63 -15.65
N ASN A 250 13.48 45.07 -15.01
CA ASN A 250 12.46 44.21 -14.42
C ASN A 250 12.99 43.38 -13.26
N PHE A 251 14.17 43.71 -12.73
CA PHE A 251 14.82 42.94 -11.69
C PHE A 251 14.23 43.29 -10.32
N ILE A 252 13.71 42.28 -9.62
CA ILE A 252 13.29 42.42 -8.23
C ILE A 252 14.43 41.82 -7.41
N ALA A 253 15.37 42.66 -7.01
CA ALA A 253 16.65 42.22 -6.48
C ALA A 253 16.54 41.72 -5.04
N PRO A 254 17.40 40.79 -4.64
CA PRO A 254 17.45 40.43 -3.22
C PRO A 254 17.99 41.59 -2.40
N GLU A 255 17.47 41.72 -1.18
CA GLU A 255 18.17 42.45 -0.13
C GLU A 255 18.53 41.55 1.03
N TYR A 256 17.55 40.84 1.60
CA TYR A 256 17.77 39.92 2.70
C TYR A 256 17.62 38.48 2.22
N ALA A 257 18.54 37.63 2.66
CA ALA A 257 18.46 36.18 2.49
C ALA A 257 18.40 35.51 3.86
N TYR A 258 18.21 34.19 3.85
CA TYR A 258 18.02 33.42 5.07
C TYR A 258 19.11 32.36 5.22
N LYS A 259 19.92 32.48 6.28
CA LYS A 259 20.85 31.43 6.64
C LYS A 259 20.09 30.30 7.33
N ILE A 260 20.33 29.07 6.88
CA ILE A 260 19.71 27.90 7.48
C ILE A 260 20.60 27.49 8.65
N VAL A 261 20.21 27.90 9.86
CA VAL A 261 21.06 27.74 11.03
C VAL A 261 20.73 26.48 11.84
N LYS A 262 19.54 25.90 11.68
CA LYS A 262 19.24 24.65 12.36
C LYS A 262 18.34 23.80 11.48
N LYS A 263 18.78 22.57 11.24
CA LYS A 263 18.00 21.58 10.50
C LYS A 263 17.50 20.52 11.46
N GLY A 264 16.32 19.99 11.16
CA GLY A 264 15.73 18.99 12.02
C GLY A 264 14.38 18.58 11.50
N ASP A 265 13.68 17.79 12.30
CA ASP A 265 12.36 17.28 11.92
C ASP A 265 11.30 18.33 12.21
N SER A 266 10.73 18.89 11.15
CA SER A 266 9.62 19.84 11.28
C SER A 266 8.50 19.42 10.34
N THR A 267 7.46 20.26 10.24
CA THR A 267 6.37 20.01 9.31
C THR A 267 5.58 21.30 9.18
N ILE A 268 4.86 21.42 8.09
CA ILE A 268 3.93 22.52 7.89
C ILE A 268 2.53 21.96 8.12
N MET A 269 1.97 22.26 9.28
CA MET A 269 0.66 21.80 9.69
C MET A 269 -0.40 22.78 9.23
N LYS A 270 -1.43 22.28 8.55
CA LYS A 270 -2.54 23.10 8.11
C LYS A 270 -3.61 23.12 9.19
N SER A 271 -3.86 24.29 9.77
CA SER A 271 -4.83 24.41 10.85
C SER A 271 -5.27 25.85 10.95
N GLU A 272 -6.54 26.04 11.31
CA GLU A 272 -7.07 27.36 11.59
C GLU A 272 -6.89 27.75 13.05
N LEU A 273 -6.44 26.83 13.89
CA LEU A 273 -6.18 27.12 15.29
C LEU A 273 -4.95 28.00 15.42
N GLU A 274 -4.80 28.59 16.61
CA GLU A 274 -3.60 29.35 16.91
C GLU A 274 -3.05 28.94 18.27
N TYR A 275 -2.11 29.70 18.81
CA TYR A 275 -1.39 29.27 19.99
C TYR A 275 -2.33 29.04 21.17
N GLY A 276 -2.08 27.95 21.89
CA GLY A 276 -2.88 27.59 23.04
C GLY A 276 -2.19 27.67 24.37
N ASN A 277 -0.95 28.15 24.42
CA ASN A 277 -0.19 28.32 25.67
C ASN A 277 -0.16 27.01 26.46
N CYS A 278 0.39 25.99 25.83
CA CYS A 278 0.47 24.66 26.42
C CYS A 278 1.71 23.96 25.90
N ASN A 279 1.97 22.78 26.46
CA ASN A 279 3.08 21.93 26.04
C ASN A 279 2.57 20.52 25.85
N THR A 280 3.19 19.81 24.91
CA THR A 280 2.74 18.47 24.61
C THR A 280 3.88 17.66 24.05
N LYS A 281 3.62 16.37 23.95
CA LYS A 281 4.56 15.45 23.34
C LYS A 281 4.12 14.99 21.95
N CYS A 282 2.86 15.19 21.61
CA CYS A 282 2.29 14.74 20.35
C CYS A 282 1.29 15.79 19.92
N GLN A 283 1.47 16.33 18.71
CA GLN A 283 0.62 17.41 18.21
C GLN A 283 -0.04 16.99 16.91
N THR A 284 -1.33 17.29 16.79
CA THR A 284 -2.14 17.14 15.60
C THR A 284 -2.74 18.48 15.20
N PRO A 285 -3.18 18.64 13.96
CA PRO A 285 -3.78 19.92 13.54
C PRO A 285 -5.02 20.28 14.32
N MET A 286 -5.66 19.31 14.99
CA MET A 286 -6.87 19.55 15.75
C MET A 286 -6.62 19.77 17.23
N GLY A 287 -5.44 19.40 17.73
CA GLY A 287 -5.14 19.51 19.14
C GLY A 287 -4.05 18.54 19.53
N ALA A 288 -3.58 18.70 20.76
CA ALA A 288 -2.49 17.90 21.28
C ALA A 288 -3.03 16.61 21.93
N ILE A 289 -2.16 15.60 21.99
CA ILE A 289 -2.50 14.29 22.54
C ILE A 289 -1.56 14.00 23.70
N ASN A 290 -2.15 13.63 24.84
CA ASN A 290 -1.39 13.16 26.01
C ASN A 290 -2.00 11.82 26.42
N SER A 291 -1.36 10.72 26.03
CA SER A 291 -1.98 9.42 26.17
C SER A 291 -0.93 8.34 26.23
N SER A 292 -1.29 7.23 26.89
CA SER A 292 -0.50 6.01 26.87
C SER A 292 -1.08 4.96 25.94
N MET A 293 -2.23 5.25 25.32
CA MET A 293 -2.82 4.33 24.35
C MET A 293 -1.87 4.12 23.17
N PRO A 294 -1.79 2.91 22.63
CA PRO A 294 -0.94 2.69 21.45
C PRO A 294 -1.53 3.22 20.15
N PHE A 295 -2.84 3.44 20.09
CA PHE A 295 -3.49 3.95 18.89
C PHE A 295 -4.31 5.20 19.21
N HIS A 296 -4.58 5.97 18.16
CA HIS A 296 -5.46 7.12 18.25
C HIS A 296 -6.17 7.29 16.91
N ASN A 297 -7.28 8.02 16.92
CA ASN A 297 -8.03 8.29 15.70
C ASN A 297 -8.27 9.79 15.50
N ILE A 298 -7.41 10.63 16.07
CA ILE A 298 -7.63 12.08 16.02
C ILE A 298 -7.42 12.60 14.61
N HIS A 299 -6.20 12.41 14.08
CA HIS A 299 -5.83 12.97 12.78
C HIS A 299 -4.60 12.22 12.29
N PRO A 300 -4.53 11.90 10.99
CA PRO A 300 -3.37 11.13 10.51
C PRO A 300 -2.07 11.90 10.52
N LEU A 301 -2.11 13.23 10.40
CA LEU A 301 -0.89 14.04 10.31
C LEU A 301 -0.53 14.52 11.72
N THR A 302 0.43 13.85 12.35
CA THR A 302 0.88 14.21 13.68
C THR A 302 2.38 14.45 13.67
N ILE A 303 2.86 15.06 14.75
CA ILE A 303 4.30 15.23 14.95
C ILE A 303 4.62 15.01 16.42
N GLY A 304 5.75 14.35 16.69
CA GLY A 304 6.20 14.05 18.03
C GLY A 304 6.13 12.55 18.32
N GLU A 305 6.17 12.23 19.61
CA GLU A 305 6.02 10.86 20.09
C GLU A 305 4.53 10.56 20.19
N CYS A 306 3.97 9.95 19.15
CA CYS A 306 2.54 9.79 19.01
C CYS A 306 2.14 8.32 18.96
N PRO A 307 0.90 8.00 19.34
CA PRO A 307 0.36 6.69 19.02
C PRO A 307 0.16 6.55 17.52
N LYS A 308 -0.16 5.33 17.10
CA LYS A 308 -0.41 5.06 15.69
C LYS A 308 -1.84 5.40 15.33
N TYR A 309 -2.00 6.08 14.19
CA TYR A 309 -3.32 6.51 13.75
C TYR A 309 -4.06 5.39 13.03
N VAL A 310 -5.33 5.20 13.37
CA VAL A 310 -6.23 4.32 12.65
C VAL A 310 -7.56 5.05 12.50
N LYS A 311 -8.33 4.66 11.48
CA LYS A 311 -9.63 5.25 11.23
C LYS A 311 -10.73 4.65 12.09
N SER A 312 -10.39 3.79 13.05
CA SER A 312 -11.39 3.10 13.84
C SER A 312 -12.11 4.05 14.79
N ASN A 313 -13.39 3.77 15.01
CA ASN A 313 -14.15 4.44 16.06
C ASN A 313 -14.06 3.70 17.39
N ARG A 314 -13.61 2.45 17.38
CA ARG A 314 -13.51 1.65 18.59
C ARG A 314 -12.48 0.55 18.38
N LEU A 315 -11.61 0.35 19.38
CA LEU A 315 -10.62 -0.73 19.35
C LEU A 315 -10.43 -1.20 20.79
N VAL A 316 -11.08 -2.32 21.13
CA VAL A 316 -11.06 -2.85 22.50
C VAL A 316 -10.62 -4.31 22.44
N LEU A 317 -9.53 -4.62 23.13
CA LEU A 317 -9.04 -6.00 23.23
C LEU A 317 -9.68 -6.68 24.43
N ALA A 318 -10.16 -7.90 24.22
CA ALA A 318 -10.59 -8.71 25.34
C ALA A 318 -9.37 -9.20 26.10
N THR A 319 -9.39 -9.05 27.42
CA THR A 319 -8.33 -9.61 28.25
C THR A 319 -8.86 -10.68 29.20
N GLY A 320 -10.03 -10.46 29.77
CA GLY A 320 -10.67 -11.45 30.61
C GLY A 320 -11.57 -12.37 29.81
N LEU A 321 -12.44 -13.07 30.51
CA LEU A 321 -13.31 -14.06 29.90
C LEU A 321 -14.75 -13.55 29.78
N ARG A 322 -15.55 -14.32 29.04
CA ARG A 322 -16.96 -13.99 28.85
C ARG A 322 -17.67 -13.91 30.19
N ASN A 323 -18.27 -12.75 30.46
CA ASN A 323 -18.83 -12.46 31.78
C ASN A 323 -20.25 -12.99 31.91
N SER A 324 -20.48 -13.78 32.94
CA SER A 324 -21.80 -14.34 33.21
C SER A 324 -22.71 -13.26 33.79
N PRO A 325 -23.93 -13.09 33.26
CA PRO A 325 -24.89 -12.09 33.77
C PRO A 325 -25.37 -12.42 35.18
N GLY B 1 -19.05 -21.71 23.76
CA GLY B 1 -17.65 -21.63 23.38
C GLY B 1 -17.13 -22.89 22.72
N LEU B 2 -15.93 -22.78 22.13
CA LEU B 2 -15.35 -23.90 21.39
C LEU B 2 -15.08 -25.10 22.29
N PHE B 3 -14.79 -24.87 23.57
CA PHE B 3 -14.37 -25.94 24.46
C PHE B 3 -15.43 -26.35 25.45
N GLY B 4 -16.62 -25.77 25.38
CA GLY B 4 -17.78 -26.26 26.09
C GLY B 4 -17.76 -26.12 27.60
N ALA B 5 -16.77 -25.41 28.15
CA ALA B 5 -16.68 -25.25 29.61
C ALA B 5 -17.39 -23.98 30.07
N ILE B 6 -16.84 -22.82 29.71
CA ILE B 6 -17.46 -21.55 30.09
C ILE B 6 -18.83 -21.43 29.45
N ALA B 7 -19.85 -21.18 30.28
CA ALA B 7 -21.23 -21.11 29.82
C ALA B 7 -21.62 -22.37 29.05
N GLY B 8 -21.01 -23.50 29.40
CA GLY B 8 -21.33 -24.77 28.80
C GLY B 8 -21.83 -25.74 29.85
N PHE B 9 -21.03 -26.78 30.16
CA PHE B 9 -21.42 -27.65 31.26
C PHE B 9 -21.23 -26.98 32.61
N ILE B 10 -20.44 -25.90 32.66
CA ILE B 10 -20.40 -25.00 33.81
C ILE B 10 -21.23 -23.79 33.41
N GLU B 11 -22.45 -23.70 33.95
CA GLU B 11 -23.42 -22.73 33.42
C GLU B 11 -22.96 -21.29 33.61
N GLY B 12 -22.36 -20.97 34.75
CA GLY B 12 -22.03 -19.58 35.01
C GLY B 12 -20.77 -19.43 35.84
N GLY B 13 -20.32 -18.18 35.94
CA GLY B 13 -19.16 -17.85 36.73
C GLY B 13 -19.48 -17.61 38.19
N TRP B 14 -18.43 -17.39 38.96
CA TRP B 14 -18.52 -17.18 40.41
C TRP B 14 -18.15 -15.73 40.72
N GLN B 15 -19.12 -14.94 41.17
CA GLN B 15 -18.81 -13.60 41.66
C GLN B 15 -17.96 -13.66 42.92
N GLY B 16 -18.07 -14.75 43.69
CA GLY B 16 -17.36 -14.87 44.96
C GLY B 16 -15.87 -15.11 44.81
N MET B 17 -15.41 -15.53 43.63
CA MET B 17 -13.99 -15.75 43.39
C MET B 17 -13.42 -14.50 42.74
N VAL B 18 -12.68 -13.71 43.51
CA VAL B 18 -12.20 -12.42 43.06
C VAL B 18 -10.71 -12.41 42.79
N ASP B 19 -9.93 -13.30 43.41
CA ASP B 19 -8.47 -13.27 43.31
C ASP B 19 -7.94 -14.11 42.15
N GLY B 20 -8.78 -14.46 41.18
CA GLY B 20 -8.30 -15.25 40.07
C GLY B 20 -9.35 -15.42 38.99
N TRP B 21 -8.87 -15.85 37.82
CA TRP B 21 -9.76 -16.09 36.68
C TRP B 21 -10.41 -17.47 36.76
N TYR B 22 -9.67 -18.47 37.22
CA TYR B 22 -10.17 -19.83 37.37
C TYR B 22 -9.86 -20.34 38.76
N GLY B 23 -10.64 -21.30 39.23
CA GLY B 23 -10.39 -21.86 40.54
C GLY B 23 -11.41 -22.91 40.93
N TYR B 24 -11.50 -23.13 42.23
CA TYR B 24 -12.28 -24.21 42.81
C TYR B 24 -13.21 -23.67 43.87
N HIS B 25 -14.31 -24.37 44.09
CA HIS B 25 -15.14 -24.21 45.27
C HIS B 25 -15.26 -25.57 45.93
N HIS B 26 -14.85 -25.65 47.19
CA HIS B 26 -14.88 -26.92 47.92
C HIS B 26 -15.91 -26.86 49.03
N SER B 27 -16.37 -28.04 49.43
CA SER B 27 -17.36 -28.17 50.50
C SER B 27 -17.14 -29.52 51.17
N ASN B 28 -16.73 -29.49 52.43
CA ASN B 28 -16.54 -30.71 53.21
C ASN B 28 -17.00 -30.44 54.64
N GLU B 29 -16.74 -31.40 55.51
CA GLU B 29 -17.19 -31.31 56.90
C GLU B 29 -16.65 -30.06 57.58
N GLN B 30 -15.43 -29.65 57.25
CA GLN B 30 -14.82 -28.48 57.86
C GLN B 30 -15.33 -27.16 57.29
N GLY B 31 -16.20 -27.17 56.29
CA GLY B 31 -16.76 -25.97 55.74
C GLY B 31 -16.60 -25.92 54.23
N SER B 32 -16.92 -24.77 53.65
CA SER B 32 -16.88 -24.58 52.21
C SER B 32 -16.22 -23.24 51.88
N GLY B 33 -15.78 -23.11 50.63
CA GLY B 33 -15.19 -21.84 50.22
C GLY B 33 -14.58 -21.89 48.84
N TYR B 34 -14.20 -20.70 48.36
CA TYR B 34 -13.56 -20.50 47.08
C TYR B 34 -12.05 -20.46 47.22
N ALA B 35 -11.36 -20.87 46.16
CA ALA B 35 -9.90 -20.80 46.11
C ALA B 35 -9.47 -20.70 44.65
N ALA B 36 -8.87 -19.58 44.26
CA ALA B 36 -8.42 -19.41 42.89
C ALA B 36 -7.23 -20.31 42.59
N ASP B 37 -7.21 -20.89 41.40
CA ASP B 37 -6.07 -21.70 40.96
C ASP B 37 -4.98 -20.76 40.45
N LYS B 38 -3.91 -20.60 41.23
CA LYS B 38 -2.86 -19.63 40.89
C LYS B 38 -2.16 -19.97 39.58
N GLU B 39 -1.86 -21.24 39.35
CA GLU B 39 -0.99 -21.60 38.24
C GLU B 39 -1.66 -21.31 36.89
N SER B 40 -2.90 -21.78 36.72
CA SER B 40 -3.60 -21.55 35.46
C SER B 40 -3.93 -20.07 35.28
N THR B 41 -4.27 -19.38 36.38
CA THR B 41 -4.54 -17.95 36.30
C THR B 41 -3.31 -17.16 35.85
N GLN B 42 -2.15 -17.49 36.43
CA GLN B 42 -0.91 -16.80 36.06
C GLN B 42 -0.50 -17.14 34.63
N LYS B 43 -0.69 -18.39 34.21
CA LYS B 43 -0.37 -18.74 32.83
C LYS B 43 -1.26 -17.97 31.86
N ALA B 44 -2.55 -17.84 32.19
CA ALA B 44 -3.45 -17.04 31.37
C ALA B 44 -3.05 -15.57 31.36
N ILE B 45 -2.64 -15.05 32.52
CA ILE B 45 -2.20 -13.64 32.60
C ILE B 45 -1.00 -13.41 31.69
N ASP B 46 -0.01 -14.30 31.79
CA ASP B 46 1.17 -14.20 30.95
C ASP B 46 0.80 -14.27 29.47
N GLY B 47 -0.06 -15.23 29.11
CA GLY B 47 -0.46 -15.36 27.71
C GLY B 47 -1.16 -14.12 27.19
N VAL B 48 -2.11 -13.59 27.95
CA VAL B 48 -2.87 -12.43 27.50
C VAL B 48 -1.99 -11.19 27.43
N THR B 49 -1.10 -11.01 28.42
CA THR B 49 -0.18 -9.87 28.39
C THR B 49 0.73 -9.94 27.19
N ASN B 50 1.33 -11.11 26.93
CA ASN B 50 2.16 -11.27 25.76
C ASN B 50 1.37 -11.02 24.48
N LYS B 51 0.10 -11.43 24.45
CA LYS B 51 -0.73 -11.20 23.28
C LYS B 51 -0.91 -9.71 23.01
N VAL B 52 -1.30 -8.96 24.05
CA VAL B 52 -1.50 -7.51 23.90
C VAL B 52 -0.21 -6.84 23.43
N ASN B 53 0.90 -7.19 24.08
CA ASN B 53 2.18 -6.59 23.71
C ASN B 53 2.58 -6.96 22.29
N SER B 54 2.28 -8.19 21.87
CA SER B 54 2.62 -8.62 20.52
C SER B 54 1.80 -7.86 19.48
N ILE B 55 0.51 -7.66 19.75
CA ILE B 55 -0.32 -6.87 18.83
C ILE B 55 0.24 -5.46 18.71
N ILE B 56 0.47 -4.80 19.86
CA ILE B 56 1.00 -3.44 19.85
C ILE B 56 2.33 -3.38 19.08
N ASP B 57 3.24 -4.32 19.36
CA ASP B 57 4.54 -4.31 18.71
C ASP B 57 4.45 -4.64 17.22
N LYS B 58 3.47 -5.43 16.81
CA LYS B 58 3.28 -5.68 15.39
C LYS B 58 2.68 -4.48 14.68
N MET B 59 2.07 -3.56 15.42
CA MET B 59 1.66 -2.28 14.85
C MET B 59 2.72 -1.20 15.02
N ASN B 60 3.96 -1.59 15.31
CA ASN B 60 5.04 -0.61 15.49
C ASN B 60 5.41 0.03 14.16
N THR B 61 5.37 -0.76 13.07
CA THR B 61 5.84 -0.32 11.76
C THR B 61 4.68 -0.02 10.81
N GLN B 62 3.66 0.67 11.31
CA GLN B 62 2.55 1.00 10.44
C GLN B 62 2.84 2.30 9.68
N PHE B 63 2.04 2.56 8.66
CA PHE B 63 2.24 3.71 7.80
C PHE B 63 2.02 5.00 8.59
N GLU B 64 2.91 5.97 8.38
CA GLU B 64 2.77 7.31 8.98
C GLU B 64 2.57 8.31 7.86
N ALA B 65 1.43 8.99 7.87
CA ALA B 65 1.12 9.94 6.80
C ALA B 65 2.01 11.17 6.89
N VAL B 66 2.31 11.74 5.73
CA VAL B 66 3.18 12.92 5.61
C VAL B 66 2.46 13.95 4.75
N GLY B 67 2.44 15.19 5.21
CA GLY B 67 1.80 16.25 4.45
C GLY B 67 2.63 16.65 3.25
N ARG B 68 2.04 16.58 2.06
CA ARG B 68 2.67 17.06 0.84
C ARG B 68 1.70 17.98 0.11
N GLU B 69 2.23 19.01 -0.55
CA GLU B 69 1.42 19.99 -1.23
C GLU B 69 1.77 20.05 -2.71
N PHE B 70 0.75 20.36 -3.52
CA PHE B 70 0.86 20.37 -4.97
C PHE B 70 0.09 21.56 -5.52
N ASN B 71 0.55 22.08 -6.65
CA ASN B 71 -0.09 23.25 -7.24
C ASN B 71 -1.23 22.81 -8.17
N ASN B 72 -1.87 23.80 -8.82
CA ASN B 72 -3.10 23.56 -9.56
C ASN B 72 -2.88 22.76 -10.84
N LEU B 73 -1.66 22.67 -11.35
CA LEU B 73 -1.36 21.86 -12.52
C LEU B 73 -0.64 20.57 -12.15
N GLU B 74 -0.76 20.13 -10.90
CA GLU B 74 -0.23 18.87 -10.42
C GLU B 74 -1.35 18.02 -9.81
N ARG B 75 -2.54 18.08 -10.41
CA ARG B 75 -3.70 17.40 -9.85
C ARG B 75 -3.56 15.89 -9.91
N ARG B 76 -2.92 15.37 -10.96
CA ARG B 76 -2.74 13.92 -11.08
C ARG B 76 -1.88 13.39 -9.94
N ILE B 77 -0.72 14.00 -9.71
CA ILE B 77 0.14 13.50 -8.63
CA ILE B 77 0.15 13.51 -8.63
C ILE B 77 -0.44 13.84 -7.26
N GLU B 78 -1.17 14.95 -7.14
CA GLU B 78 -1.85 15.22 -5.88
C GLU B 78 -2.87 14.13 -5.56
N ASN B 79 -3.64 13.70 -6.58
CA ASN B 79 -4.59 12.62 -6.39
C ASN B 79 -3.88 11.31 -6.10
N LEU B 80 -2.77 11.04 -6.80
CA LEU B 80 -1.98 9.85 -6.52
C LEU B 80 -1.51 9.84 -5.07
N ASN B 81 -1.00 10.97 -4.59
CA ASN B 81 -0.54 11.09 -3.21
C ASN B 81 -1.67 10.81 -2.23
N LYS B 82 -2.82 11.44 -2.46
CA LYS B 82 -3.97 11.24 -1.58
C LYS B 82 -4.37 9.77 -1.54
N LYS B 83 -4.48 9.15 -2.72
CA LYS B 83 -4.88 7.75 -2.78
C LYS B 83 -3.86 6.83 -2.13
N MET B 84 -2.57 7.14 -2.27
CA MET B 84 -1.53 6.34 -1.63
C MET B 84 -1.65 6.39 -0.11
N GLU B 85 -1.74 7.61 0.44
CA GLU B 85 -1.80 7.76 1.88
C GLU B 85 -3.09 7.15 2.45
N ASP B 86 -4.22 7.45 1.81
CA ASP B 86 -5.49 6.85 2.22
C ASP B 86 -5.46 5.34 2.11
N GLY B 87 -4.86 4.82 1.04
CA GLY B 87 -4.77 3.38 0.87
C GLY B 87 -4.00 2.71 1.99
N PHE B 88 -2.83 3.27 2.35
CA PHE B 88 -2.08 2.69 3.45
C PHE B 88 -2.82 2.82 4.77
N LEU B 89 -3.49 3.96 4.99
CA LEU B 89 -4.28 4.12 6.21
C LEU B 89 -5.39 3.08 6.29
N ASP B 90 -6.06 2.81 5.16
CA ASP B 90 -7.10 1.79 5.15
C ASP B 90 -6.51 0.40 5.39
N VAL B 91 -5.36 0.11 4.79
CA VAL B 91 -4.73 -1.19 5.00
C VAL B 91 -4.41 -1.40 6.48
N TRP B 92 -3.83 -0.39 7.13
CA TRP B 92 -3.44 -0.58 8.51
C TRP B 92 -4.63 -0.54 9.47
N THR B 93 -5.67 0.22 9.14
CA THR B 93 -6.90 0.15 9.92
C THR B 93 -7.51 -1.25 9.82
N TYR B 94 -7.55 -1.81 8.61
CA TYR B 94 -8.00 -3.18 8.44
C TYR B 94 -7.17 -4.15 9.27
N ASN B 95 -5.84 -4.02 9.20
CA ASN B 95 -4.97 -4.90 9.97
C ASN B 95 -5.29 -4.83 11.45
N ALA B 96 -5.38 -3.61 12.00
CA ALA B 96 -5.67 -3.44 13.42
C ALA B 96 -7.01 -4.06 13.79
N GLU B 97 -8.07 -3.68 13.07
CA GLU B 97 -9.42 -4.13 13.43
C GLU B 97 -9.55 -5.64 13.31
N LEU B 98 -9.04 -6.21 12.22
CA LEU B 98 -9.14 -7.65 12.01
C LEU B 98 -8.32 -8.42 13.05
N LEU B 99 -7.10 -7.96 13.34
CA LEU B 99 -6.30 -8.62 14.35
C LEU B 99 -7.00 -8.59 15.70
N VAL B 100 -7.62 -7.46 16.04
CA VAL B 100 -8.32 -7.37 17.32
C VAL B 100 -9.49 -8.34 17.35
N LEU B 101 -10.29 -8.39 16.27
CA LEU B 101 -11.41 -9.33 16.22
C LEU B 101 -10.94 -10.77 16.40
N MET B 102 -9.98 -11.19 15.58
CA MET B 102 -9.51 -12.58 15.60
C MET B 102 -8.91 -12.94 16.96
N GLU B 103 -8.07 -12.07 17.51
CA GLU B 103 -7.43 -12.39 18.77
C GLU B 103 -8.41 -12.29 19.94
N ASN B 104 -9.47 -11.49 19.83
CA ASN B 104 -10.51 -11.52 20.85
C ASN B 104 -11.21 -12.88 20.87
N GLU B 105 -11.55 -13.40 19.68
CA GLU B 105 -12.11 -14.75 19.63
C GLU B 105 -11.16 -15.75 20.27
N ARG B 106 -9.88 -15.69 19.90
CA ARG B 106 -8.91 -16.64 20.45
C ARG B 106 -8.75 -16.48 21.95
N THR B 107 -8.87 -15.26 22.48
CA THR B 107 -8.72 -15.04 23.91
C THR B 107 -9.89 -15.65 24.68
N LEU B 108 -11.11 -15.43 24.20
CA LEU B 108 -12.27 -16.04 24.85
C LEU B 108 -12.15 -17.56 24.83
N ASP B 109 -11.81 -18.13 23.67
CA ASP B 109 -11.65 -19.58 23.58
C ASP B 109 -10.49 -20.07 24.43
N PHE B 110 -9.46 -19.24 24.63
CA PHE B 110 -8.33 -19.60 25.48
C PHE B 110 -8.76 -19.73 26.93
N HIS B 111 -9.56 -18.78 27.42
CA HIS B 111 -10.12 -18.92 28.76
C HIS B 111 -11.00 -20.18 28.87
N ASP B 112 -11.85 -20.41 27.87
CA ASP B 112 -12.69 -21.61 27.85
C ASP B 112 -11.83 -22.87 27.97
N SER B 113 -10.76 -22.94 27.16
CA SER B 113 -9.85 -24.07 27.20
C SER B 113 -9.18 -24.23 28.55
N ASN B 114 -8.78 -23.13 29.17
CA ASN B 114 -8.13 -23.22 30.48
C ASN B 114 -9.07 -23.79 31.52
N VAL B 115 -10.34 -23.35 31.49
CA VAL B 115 -11.33 -23.91 32.42
C VAL B 115 -11.50 -25.41 32.16
N LYS B 116 -11.68 -25.79 30.89
CA LYS B 116 -11.87 -27.20 30.56
C LYS B 116 -10.68 -28.03 31.01
N ASN B 117 -9.46 -27.52 30.81
CA ASN B 117 -8.26 -28.26 31.18
C ASN B 117 -8.14 -28.41 32.69
N LEU B 118 -8.50 -27.36 33.45
CA LEU B 118 -8.49 -27.48 34.90
C LEU B 118 -9.49 -28.53 35.37
N TYR B 119 -10.70 -28.49 34.81
CA TYR B 119 -11.70 -29.50 35.13
C TYR B 119 -11.19 -30.91 34.82
N ASP B 120 -10.58 -31.09 33.65
CA ASP B 120 -10.10 -32.42 33.27
C ASP B 120 -8.91 -32.85 34.13
N LYS B 121 -8.08 -31.90 34.56
CA LYS B 121 -6.99 -32.23 35.48
C LYS B 121 -7.55 -32.82 36.77
N VAL B 122 -8.56 -32.16 37.36
CA VAL B 122 -9.18 -32.69 38.56
C VAL B 122 -9.83 -34.06 38.27
N ARG B 123 -10.51 -34.17 37.13
CA ARG B 123 -11.22 -35.41 36.80
C ARG B 123 -10.24 -36.58 36.69
N LEU B 124 -9.12 -36.37 36.01
CA LEU B 124 -8.14 -37.44 35.83
C LEU B 124 -7.35 -37.72 37.10
N GLN B 125 -7.30 -36.75 38.02
CA GLN B 125 -6.78 -37.07 39.36
C GLN B 125 -7.73 -37.98 40.12
N LEU B 126 -9.02 -37.63 40.13
CA LEU B 126 -9.96 -38.33 41.01
C LEU B 126 -10.33 -39.70 40.47
N ARG B 127 -10.51 -39.84 39.15
CA ARG B 127 -10.91 -41.10 38.50
C ARG B 127 -12.19 -41.59 39.18
N ASP B 128 -12.29 -42.87 39.56
CA ASP B 128 -13.50 -43.41 40.14
C ASP B 128 -13.58 -43.25 41.65
N ASN B 129 -12.67 -42.46 42.24
CA ASN B 129 -12.79 -42.10 43.65
C ASN B 129 -13.84 -41.01 43.88
N ALA B 130 -14.34 -40.39 42.81
CA ALA B 130 -15.39 -39.40 42.88
C ALA B 130 -16.34 -39.58 41.69
N LYS B 131 -17.54 -39.04 41.84
CA LYS B 131 -18.59 -39.14 40.84
C LYS B 131 -18.73 -37.79 40.12
N GLU B 132 -18.78 -37.85 38.79
CA GLU B 132 -18.94 -36.66 37.96
C GLU B 132 -20.41 -36.24 37.97
N LEU B 133 -20.69 -35.06 38.52
CA LEU B 133 -22.07 -34.62 38.63
C LEU B 133 -22.60 -33.98 37.35
N GLY B 134 -21.72 -33.56 36.44
CA GLY B 134 -22.14 -32.99 35.18
C GLY B 134 -22.29 -31.49 35.15
N ASN B 135 -21.98 -30.80 36.26
CA ASN B 135 -22.11 -29.36 36.34
C ASN B 135 -20.79 -28.68 36.68
N GLY B 136 -19.67 -29.40 36.57
CA GLY B 136 -18.38 -28.89 36.99
C GLY B 136 -17.94 -29.37 38.36
N CYS B 137 -18.79 -30.10 39.08
CA CYS B 137 -18.51 -30.57 40.42
C CYS B 137 -18.26 -32.06 40.43
N PHE B 138 -17.47 -32.51 41.40
CA PHE B 138 -17.24 -33.92 41.67
C PHE B 138 -17.69 -34.22 43.09
N GLU B 139 -18.41 -35.32 43.27
CA GLU B 139 -18.87 -35.76 44.59
C GLU B 139 -17.98 -36.92 45.02
N PHE B 140 -17.15 -36.69 46.04
CA PHE B 140 -16.22 -37.72 46.47
C PHE B 140 -16.95 -38.94 47.01
N TYR B 141 -16.38 -40.12 46.74
CA TYR B 141 -16.84 -41.34 47.39
C TYR B 141 -16.18 -41.55 48.75
N HIS B 142 -15.31 -40.64 49.16
CA HIS B 142 -14.60 -40.73 50.43
C HIS B 142 -14.58 -39.36 51.10
N LYS B 143 -14.19 -39.35 52.38
CA LYS B 143 -13.99 -38.10 53.08
C LYS B 143 -12.77 -37.38 52.52
N CYS B 144 -12.92 -36.09 52.21
CA CYS B 144 -11.86 -35.28 51.62
C CYS B 144 -11.76 -33.99 52.44
N ASP B 145 -10.84 -33.97 53.40
CA ASP B 145 -10.67 -32.83 54.28
C ASP B 145 -9.93 -31.71 53.54
N ASN B 146 -9.58 -30.64 54.27
CA ASN B 146 -8.95 -29.49 53.64
C ASN B 146 -7.59 -29.86 53.03
N GLU B 147 -6.85 -30.77 53.67
CA GLU B 147 -5.58 -31.20 53.10
C GLU B 147 -5.80 -32.04 51.85
N CYS B 148 -6.85 -32.87 51.85
CA CYS B 148 -7.24 -33.59 50.65
C CYS B 148 -7.64 -32.63 49.53
N MET B 149 -8.48 -31.63 49.85
CA MET B 149 -8.87 -30.63 48.87
C MET B 149 -7.65 -29.91 48.30
N GLU B 150 -6.69 -29.56 49.15
CA GLU B 150 -5.49 -28.88 48.68
C GLU B 150 -4.64 -29.80 47.81
N SER B 151 -4.58 -31.09 48.15
CA SER B 151 -3.87 -32.03 47.29
C SER B 151 -4.53 -32.11 45.92
N VAL B 152 -5.85 -32.01 45.88
CA VAL B 152 -6.54 -31.96 44.59
C VAL B 152 -6.18 -30.68 43.85
N ARG B 153 -6.18 -29.54 44.56
CA ARG B 153 -5.97 -28.26 43.90
C ARG B 153 -4.56 -28.12 43.34
N ASN B 154 -3.55 -28.62 44.06
CA ASN B 154 -2.17 -28.50 43.61
C ASN B 154 -1.72 -29.67 42.74
N GLY B 155 -2.59 -30.66 42.51
CA GLY B 155 -2.25 -31.76 41.63
C GLY B 155 -1.48 -32.89 42.28
N THR B 156 -1.61 -33.07 43.60
CA THR B 156 -0.90 -34.13 44.31
C THR B 156 -1.86 -35.09 45.01
N TYR B 157 -3.10 -35.19 44.52
CA TYR B 157 -4.07 -36.11 45.10
C TYR B 157 -3.56 -37.55 44.99
N ASP B 158 -3.68 -38.29 46.10
CA ASP B 158 -3.17 -39.65 46.22
C ASP B 158 -4.33 -40.62 46.08
N TYR B 159 -4.56 -41.10 44.86
CA TYR B 159 -5.68 -42.01 44.60
C TYR B 159 -5.61 -43.29 45.43
N PRO B 160 -4.50 -44.04 45.48
CA PRO B 160 -4.50 -45.28 46.28
C PRO B 160 -4.74 -45.05 47.76
N GLN B 161 -4.47 -43.85 48.28
CA GLN B 161 -4.69 -43.57 49.69
C GLN B 161 -6.17 -43.65 50.06
N TYR B 162 -7.06 -43.32 49.13
CA TYR B 162 -8.50 -43.32 49.38
C TYR B 162 -9.25 -44.35 48.55
N SER B 163 -8.54 -45.13 47.74
CA SER B 163 -9.20 -46.04 46.80
C SER B 163 -10.07 -47.07 47.53
N GLU B 164 -9.62 -47.58 48.68
CA GLU B 164 -10.38 -48.62 49.37
C GLU B 164 -11.66 -48.07 49.98
N GLU B 165 -11.57 -46.91 50.64
CA GLU B 165 -12.76 -46.25 51.15
C GLU B 165 -13.74 -45.94 50.03
N ALA B 166 -13.24 -45.43 48.91
CA ALA B 166 -14.09 -45.14 47.77
C ALA B 166 -14.75 -46.41 47.23
N ARG B 167 -14.00 -47.52 47.19
CA ARG B 167 -14.57 -48.77 46.71
C ARG B 167 -15.69 -49.25 47.63
N LEU B 168 -15.49 -49.14 48.94
CA LEU B 168 -16.55 -49.52 49.87
C LEU B 168 -17.79 -48.66 49.66
N LYS B 169 -17.62 -47.35 49.51
CA LYS B 169 -18.75 -46.47 49.29
C LYS B 169 -19.46 -46.77 47.96
N ARG B 170 -18.68 -47.00 46.90
CA ARG B 170 -19.27 -47.31 45.60
C ARG B 170 -20.04 -48.61 45.65
N GLU B 171 -19.52 -49.62 46.35
CA GLU B 171 -20.24 -50.88 46.47
C GLU B 171 -21.52 -50.70 47.27
N GLU B 172 -21.47 -49.85 48.31
CA GLU B 172 -22.67 -49.57 49.08
C GLU B 172 -23.74 -48.89 48.22
N ILE B 173 -23.33 -47.94 47.38
CA ILE B 173 -24.28 -47.23 46.54
C ILE B 173 -24.83 -48.15 45.45
N SER B 174 -23.95 -48.90 44.77
CA SER B 174 -24.39 -49.80 43.71
C SER B 174 -25.30 -50.91 44.24
N SER B 175 -25.07 -51.37 45.47
CA SER B 175 -25.91 -52.40 46.05
C SER B 175 -27.26 -51.89 46.52
N GLY B 176 -27.48 -50.58 46.51
CA GLY B 176 -28.75 -50.02 46.92
C GLY B 176 -29.01 -50.13 48.41
N PRO C 3 -31.21 -55.77 24.70
CA PRO C 3 -30.73 -54.47 24.22
C PRO C 3 -31.65 -53.32 24.63
N GLY C 4 -31.07 -52.30 25.28
CA GLY C 4 -31.84 -51.18 25.76
C GLY C 4 -32.10 -50.13 24.68
N ASP C 5 -32.89 -49.13 25.05
CA ASP C 5 -33.14 -48.01 24.16
C ASP C 5 -31.85 -47.23 23.90
N GLN C 6 -31.80 -46.55 22.77
CA GLN C 6 -30.61 -45.81 22.36
C GLN C 6 -30.97 -44.41 21.89
N ILE C 7 -30.09 -43.46 22.17
CA ILE C 7 -30.11 -42.15 21.55
C ILE C 7 -28.71 -41.86 21.03
N CYS C 8 -28.63 -41.35 19.81
CA CYS C 8 -27.36 -41.10 19.14
C CYS C 8 -27.26 -39.62 18.78
N ILE C 9 -26.04 -39.09 18.86
CA ILE C 9 -25.76 -37.72 18.46
C ILE C 9 -25.07 -37.76 17.11
N GLY C 10 -25.56 -36.96 16.16
CA GLY C 10 -25.00 -36.95 14.83
C GLY C 10 -25.10 -35.59 14.15
N TYR C 11 -24.73 -35.54 12.87
CA TYR C 11 -24.66 -34.27 12.16
C TYR C 11 -25.14 -34.45 10.73
N HIS C 12 -25.43 -33.31 10.10
CA HIS C 12 -26.03 -33.30 8.78
C HIS C 12 -25.07 -33.82 7.71
N ALA C 13 -25.64 -34.47 6.70
CA ALA C 13 -24.91 -34.85 5.50
C ALA C 13 -25.87 -34.76 4.32
N ASN C 14 -25.30 -34.48 3.14
CA ASN C 14 -26.10 -34.40 1.93
C ASN C 14 -25.24 -34.84 0.75
N ASN C 15 -25.72 -34.55 -0.46
CA ASN C 15 -25.00 -34.91 -1.68
C ASN C 15 -24.36 -33.68 -2.32
N SER C 16 -24.05 -32.67 -1.52
CA SER C 16 -23.36 -31.49 -2.02
C SER C 16 -21.93 -31.84 -2.39
N THR C 17 -21.47 -31.31 -3.53
CA THR C 17 -20.11 -31.47 -3.99
C THR C 17 -19.32 -30.17 -3.92
N GLU C 18 -19.90 -29.13 -3.32
CA GLU C 18 -19.20 -27.86 -3.20
C GLU C 18 -17.93 -28.03 -2.36
N GLN C 19 -16.85 -27.41 -2.81
CA GLN C 19 -15.55 -27.56 -2.17
C GLN C 19 -15.03 -26.20 -1.72
N VAL C 20 -14.26 -26.21 -0.63
CA VAL C 20 -13.57 -25.03 -0.12
C VAL C 20 -12.14 -25.42 0.17
N ASP C 21 -11.30 -24.40 0.34
CA ASP C 21 -9.91 -24.60 0.69
C ASP C 21 -9.64 -24.07 2.10
N THR C 22 -8.68 -24.68 2.77
CA THR C 22 -8.18 -24.24 4.06
C THR C 22 -6.65 -24.19 4.00
N ILE C 23 -6.04 -23.75 5.08
CA ILE C 23 -4.57 -23.67 5.13
C ILE C 23 -3.95 -25.06 5.01
N MET C 24 -4.52 -26.05 5.71
CA MET C 24 -3.94 -27.38 5.76
C MET C 24 -4.53 -28.35 4.75
N GLU C 25 -5.63 -28.01 4.09
CA GLU C 25 -6.27 -28.96 3.19
C GLU C 25 -7.02 -28.22 2.10
N LYS C 26 -6.82 -28.65 0.86
CA LYS C 26 -7.52 -28.09 -0.29
C LYS C 26 -8.64 -29.02 -0.71
N ASN C 27 -9.63 -28.45 -1.42
CA ASN C 27 -10.74 -29.21 -1.99
C ASN C 27 -11.46 -30.04 -0.93
N VAL C 28 -11.95 -29.35 0.11
CA VAL C 28 -12.73 -29.98 1.16
C VAL C 28 -14.20 -29.89 0.80
N THR C 29 -14.84 -31.03 0.58
CA THR C 29 -16.26 -31.04 0.27
C THR C 29 -17.08 -30.69 1.51
N VAL C 30 -18.00 -29.75 1.36
CA VAL C 30 -18.82 -29.27 2.47
C VAL C 30 -20.29 -29.40 2.12
N THR C 31 -21.12 -29.46 3.17
CA THR C 31 -22.55 -29.58 2.96
C THR C 31 -23.16 -28.28 2.44
N HIS C 32 -22.58 -27.14 2.82
CA HIS C 32 -23.08 -25.85 2.40
C HIS C 32 -21.89 -24.90 2.23
N ALA C 33 -21.95 -24.08 1.18
CA ALA C 33 -20.92 -23.08 0.94
C ALA C 33 -21.54 -21.89 0.24
N GLN C 34 -20.83 -20.78 0.25
CA GLN C 34 -21.30 -19.56 -0.40
C GLN C 34 -20.18 -19.01 -1.29
N ASP C 35 -20.44 -18.98 -2.59
CA ASP C 35 -19.54 -18.28 -3.51
C ASP C 35 -19.72 -16.78 -3.32
N ILE C 36 -18.60 -16.07 -3.13
CA ILE C 36 -18.65 -14.63 -2.94
C ILE C 36 -17.92 -13.88 -4.03
N LEU C 37 -17.57 -14.55 -5.13
CA LEU C 37 -16.80 -13.94 -6.21
C LEU C 37 -17.62 -13.96 -7.50
N GLU C 38 -17.97 -12.78 -8.00
CA GLU C 38 -18.61 -12.66 -9.30
C GLU C 38 -17.55 -12.74 -10.39
N LYS C 39 -17.79 -13.60 -11.39
CA LYS C 39 -16.82 -13.83 -12.44
C LYS C 39 -17.38 -13.59 -13.84
N LYS C 40 -18.61 -13.11 -13.95
CA LYS C 40 -19.27 -12.97 -15.25
C LYS C 40 -19.66 -11.52 -15.49
N HIS C 41 -19.59 -11.12 -16.75
CA HIS C 41 -20.00 -9.81 -17.22
C HIS C 41 -20.68 -9.96 -18.57
N ASN C 42 -21.41 -8.93 -18.99
CA ASN C 42 -22.17 -9.01 -20.23
C ASN C 42 -21.38 -8.58 -21.46
N GLY C 43 -20.12 -8.18 -21.29
CA GLY C 43 -19.28 -7.82 -22.42
C GLY C 43 -19.74 -6.61 -23.18
N LYS C 44 -20.55 -5.74 -22.58
CA LYS C 44 -21.10 -4.58 -23.26
C LYS C 44 -20.83 -3.32 -22.45
N LEU C 45 -20.80 -2.19 -23.16
CA LEU C 45 -20.78 -0.86 -22.53
C LEU C 45 -22.21 -0.35 -22.48
N CYS C 46 -22.71 -0.12 -21.27
CA CYS C 46 -24.11 0.23 -21.06
C CYS C 46 -24.24 1.61 -20.44
N ASP C 47 -25.47 2.11 -20.41
CA ASP C 47 -25.80 3.28 -19.62
C ASP C 47 -25.53 2.98 -18.15
N LEU C 48 -25.16 4.02 -17.40
CA LEU C 48 -24.93 3.90 -15.96
C LEU C 48 -26.15 4.49 -15.25
N ASP C 49 -27.03 3.62 -14.75
CA ASP C 49 -28.26 4.02 -14.08
C ASP C 49 -29.09 4.96 -14.95
N GLY C 50 -29.24 4.59 -16.22
CA GLY C 50 -30.04 5.36 -17.15
C GLY C 50 -29.30 6.48 -17.87
N VAL C 51 -28.05 6.76 -17.52
CA VAL C 51 -27.29 7.84 -18.12
C VAL C 51 -26.31 7.24 -19.13
N LYS C 52 -26.46 7.62 -20.39
CA LYS C 52 -25.63 7.04 -21.45
C LYS C 52 -24.20 7.57 -21.36
N PRO C 53 -23.21 6.71 -21.58
CA PRO C 53 -21.82 7.19 -21.61
C PRO C 53 -21.51 7.94 -22.91
N LEU C 54 -20.46 8.74 -22.85
CA LEU C 54 -19.89 9.38 -24.03
C LEU C 54 -18.86 8.43 -24.62
N ILE C 55 -19.18 7.83 -25.74
CA ILE C 55 -18.31 6.85 -26.40
C ILE C 55 -17.69 7.53 -27.62
N LEU C 56 -16.40 7.86 -27.51
CA LEU C 56 -15.73 8.68 -28.50
C LEU C 56 -15.36 7.93 -29.77
N ARG C 57 -15.52 6.60 -29.79
CA ARG C 57 -15.26 5.79 -30.97
C ARG C 57 -13.86 6.02 -31.51
N ASP C 58 -13.73 6.58 -32.71
CA ASP C 58 -12.43 6.79 -33.34
C ASP C 58 -11.82 8.15 -33.01
N CYS C 59 -12.43 8.91 -32.11
CA CYS C 59 -11.96 10.24 -31.76
C CYS C 59 -11.31 10.22 -30.37
N SER C 60 -10.26 11.01 -30.22
CA SER C 60 -9.63 11.21 -28.93
C SER C 60 -10.30 12.35 -28.20
N VAL C 61 -9.96 12.50 -26.92
CA VAL C 61 -10.47 13.62 -26.14
C VAL C 61 -10.06 14.94 -26.79
N ALA C 62 -8.82 15.03 -27.26
CA ALA C 62 -8.39 16.25 -27.94
C ALA C 62 -9.15 16.47 -29.24
N GLY C 63 -9.35 15.41 -30.02
CA GLY C 63 -10.10 15.55 -31.26
C GLY C 63 -11.51 16.04 -31.03
N TRP C 64 -12.13 15.58 -29.94
CA TRP C 64 -13.45 16.05 -29.54
C TRP C 64 -13.42 17.51 -29.13
N LEU C 65 -12.56 17.86 -28.17
CA LEU C 65 -12.61 19.21 -27.59
C LEU C 65 -12.18 20.28 -28.58
N LEU C 66 -11.17 20.00 -29.41
CA LEU C 66 -10.76 20.96 -30.41
C LEU C 66 -11.69 20.97 -31.62
N GLY C 67 -12.43 19.89 -31.85
CA GLY C 67 -13.36 19.83 -32.96
C GLY C 67 -12.72 19.39 -34.25
N ASN C 68 -11.91 18.34 -34.17
CA ASN C 68 -11.42 17.64 -35.35
C ASN C 68 -12.60 17.39 -36.28
N PRO C 69 -12.54 17.84 -37.55
CA PRO C 69 -13.72 17.73 -38.43
C PRO C 69 -14.17 16.30 -38.70
N MET C 70 -13.38 15.29 -38.34
CA MET C 70 -13.82 13.92 -38.38
C MET C 70 -14.57 13.51 -37.12
N CYS C 71 -14.81 14.45 -36.21
CA CYS C 71 -15.45 14.16 -34.93
C CYS C 71 -16.76 14.91 -34.77
N ASP C 72 -17.43 15.21 -35.88
CA ASP C 72 -18.69 15.95 -35.84
C ASP C 72 -19.77 15.24 -35.06
N GLU C 73 -19.66 13.93 -34.86
CA GLU C 73 -20.61 13.22 -34.01
C GLU C 73 -20.65 13.81 -32.61
N PHE C 74 -19.58 14.49 -32.18
CA PHE C 74 -19.47 15.00 -30.82
C PHE C 74 -19.41 16.53 -30.80
N ILE C 75 -20.03 17.19 -31.79
CA ILE C 75 -20.07 18.65 -31.80
C ILE C 75 -20.88 19.16 -30.62
N ASN C 76 -21.95 18.46 -30.26
CA ASN C 76 -22.76 18.81 -29.09
C ASN C 76 -23.20 17.52 -28.41
N VAL C 77 -22.54 17.17 -27.31
CA VAL C 77 -22.87 15.93 -26.61
C VAL C 77 -23.76 16.24 -25.42
N PRO C 78 -24.73 15.39 -25.11
CA PRO C 78 -25.53 15.55 -23.90
C PRO C 78 -24.72 15.09 -22.68
N GLU C 79 -25.34 15.25 -21.51
CA GLU C 79 -24.73 14.79 -20.27
C GLU C 79 -24.33 13.33 -20.37
N TRP C 80 -23.19 12.98 -19.80
CA TRP C 80 -22.69 11.62 -19.83
C TRP C 80 -22.44 11.13 -18.41
N SER C 81 -22.34 9.81 -18.30
CA SER C 81 -22.00 9.15 -17.04
C SER C 81 -20.52 8.83 -16.93
N TYR C 82 -19.93 8.34 -18.02
CA TYR C 82 -18.50 8.15 -18.12
C TYR C 82 -18.12 8.29 -19.58
N ILE C 83 -16.83 8.49 -19.82
CA ILE C 83 -16.31 8.66 -21.18
C ILE C 83 -15.58 7.38 -21.55
N VAL C 84 -15.71 6.96 -22.81
CA VAL C 84 -14.99 5.80 -23.32
C VAL C 84 -14.10 6.26 -24.45
N GLU C 85 -12.81 5.97 -24.34
CA GLU C 85 -11.84 6.33 -25.37
C GLU C 85 -11.07 5.08 -25.75
N LYS C 86 -10.82 4.91 -27.04
CA LYS C 86 -10.01 3.78 -27.50
C LYS C 86 -8.55 4.01 -27.13
N ALA C 87 -7.76 2.93 -27.22
CA ALA C 87 -6.35 3.01 -26.86
C ALA C 87 -5.60 3.96 -27.78
N ASN C 88 -5.87 3.92 -29.08
CA ASN C 88 -5.20 4.78 -30.06
C ASN C 88 -6.22 5.30 -31.06
N PRO C 89 -7.00 6.31 -30.68
CA PRO C 89 -7.97 6.88 -31.61
C PRO C 89 -7.29 7.47 -32.83
N VAL C 90 -7.85 7.20 -34.01
CA VAL C 90 -7.23 7.66 -35.25
C VAL C 90 -7.47 9.14 -35.48
N ASN C 91 -8.57 9.69 -34.94
CA ASN C 91 -8.91 11.10 -35.13
C ASN C 91 -8.47 11.86 -33.88
N ASP C 92 -7.26 12.42 -33.96
CA ASP C 92 -6.67 13.14 -32.85
C ASP C 92 -6.32 14.55 -33.28
N LEU C 93 -5.03 14.88 -33.33
CA LEU C 93 -4.57 16.17 -33.85
C LEU C 93 -4.35 15.99 -35.35
N CYS C 94 -5.39 16.30 -36.14
CA CYS C 94 -5.29 16.13 -37.58
C CYS C 94 -4.15 16.98 -38.14
N TYR C 95 -4.11 18.26 -37.80
CA TYR C 95 -2.89 19.03 -38.01
C TYR C 95 -1.92 18.71 -36.87
N PRO C 96 -0.73 18.20 -37.14
CA PRO C 96 0.13 17.69 -36.07
C PRO C 96 0.58 18.77 -35.11
N GLY C 97 0.95 18.34 -33.91
CA GLY C 97 1.45 19.26 -32.90
C GLY C 97 1.37 18.70 -31.50
N ASP C 98 1.06 19.56 -30.53
CA ASP C 98 1.03 19.17 -29.13
C ASP C 98 -0.16 19.81 -28.44
N PHE C 99 -0.64 19.13 -27.41
CA PHE C 99 -1.70 19.63 -26.54
C PHE C 99 -1.07 19.81 -25.16
N ASN C 100 -0.88 21.06 -24.76
CA ASN C 100 -0.18 21.37 -23.52
C ASN C 100 -0.99 20.90 -22.31
N ASP C 101 -0.31 20.25 -21.36
CA ASP C 101 -0.95 19.76 -20.13
C ASP C 101 -2.20 18.93 -20.43
N TYR C 102 -2.07 18.05 -21.44
CA TYR C 102 -3.22 17.26 -21.90
C TYR C 102 -3.70 16.30 -20.82
N GLU C 103 -2.78 15.64 -20.12
CA GLU C 103 -3.18 14.68 -19.10
C GLU C 103 -3.84 15.35 -17.90
N GLU C 104 -3.37 16.55 -17.53
CA GLU C 104 -4.05 17.31 -16.48
C GLU C 104 -5.47 17.68 -16.91
N LEU C 105 -5.66 18.00 -18.18
CA LEU C 105 -7.02 18.28 -18.67
C LEU C 105 -7.89 17.02 -18.62
N LYS C 106 -7.34 15.87 -19.05
CA LYS C 106 -8.12 14.63 -18.96
C LYS C 106 -8.48 14.32 -17.52
N HIS C 107 -7.57 14.59 -16.59
CA HIS C 107 -7.88 14.42 -15.17
C HIS C 107 -9.04 15.30 -14.74
N LEU C 108 -9.03 16.58 -15.16
CA LEU C 108 -10.18 17.45 -14.89
C LEU C 108 -11.46 16.87 -15.48
N LEU C 109 -11.38 16.38 -16.72
CA LEU C 109 -12.54 15.79 -17.38
C LEU C 109 -13.11 14.63 -16.58
N SER C 110 -12.26 13.90 -15.87
CA SER C 110 -12.76 12.78 -15.06
C SER C 110 -13.75 13.23 -13.99
N ARG C 111 -13.85 14.53 -13.70
CA ARG C 111 -14.79 15.04 -12.71
C ARG C 111 -15.89 15.91 -13.33
N ILE C 112 -16.14 15.77 -14.62
CA ILE C 112 -17.13 16.56 -15.33
C ILE C 112 -18.11 15.62 -16.01
N ASN C 113 -19.40 15.95 -15.95
CA ASN C 113 -20.44 15.14 -16.57
C ASN C 113 -21.14 15.80 -17.74
N HIS C 114 -21.02 17.12 -17.90
CA HIS C 114 -21.70 17.78 -19.01
C HIS C 114 -21.04 19.11 -19.32
N PHE C 115 -20.84 19.37 -20.61
CA PHE C 115 -20.41 20.66 -21.14
C PHE C 115 -21.57 21.35 -21.85
N GLU C 116 -21.55 22.67 -21.87
CA GLU C 116 -22.38 23.47 -22.77
C GLU C 116 -21.45 24.31 -23.62
N LYS C 117 -21.43 24.04 -24.92
CA LYS C 117 -20.57 24.82 -25.81
C LYS C 117 -21.09 26.24 -25.93
N ILE C 118 -20.18 27.21 -25.89
CA ILE C 118 -20.55 28.62 -25.97
C ILE C 118 -19.57 29.33 -26.89
N GLN C 119 -20.09 30.19 -27.75
CA GLN C 119 -19.26 31.00 -28.63
C GLN C 119 -18.76 32.21 -27.86
N ILE C 120 -17.44 32.30 -27.67
CA ILE C 120 -16.88 33.41 -26.90
C ILE C 120 -16.32 34.47 -27.85
N ILE C 121 -15.90 34.04 -29.03
CA ILE C 121 -15.41 34.96 -30.07
C ILE C 121 -15.99 34.55 -31.41
N PRO C 122 -16.97 35.28 -31.94
CA PRO C 122 -17.58 34.90 -33.22
C PRO C 122 -16.57 34.88 -34.34
N LYS C 123 -16.64 33.83 -35.18
CA LYS C 123 -15.76 33.75 -36.34
C LYS C 123 -15.99 34.92 -37.29
N SER C 124 -17.21 35.45 -37.32
CA SER C 124 -17.56 36.57 -38.20
C SER C 124 -17.11 37.92 -37.65
N SER C 125 -16.55 37.96 -36.45
CA SER C 125 -16.13 39.21 -35.83
C SER C 125 -14.70 39.61 -36.18
N TRP C 126 -14.04 38.86 -37.08
CA TRP C 126 -12.67 39.15 -37.47
C TRP C 126 -12.70 40.01 -38.73
N SER C 127 -12.82 41.32 -38.54
CA SER C 127 -12.97 42.24 -39.66
C SER C 127 -11.65 42.64 -40.29
N SER C 128 -10.54 42.56 -39.54
CA SER C 128 -9.23 42.94 -40.04
C SER C 128 -8.35 41.76 -40.39
N HIS C 129 -8.86 40.53 -40.29
CA HIS C 129 -8.09 39.34 -40.60
C HIS C 129 -8.96 38.39 -41.40
N GLU C 130 -8.31 37.49 -42.13
CA GLU C 130 -9.02 36.44 -42.84
C GLU C 130 -9.30 35.28 -41.91
N ALA C 131 -10.57 34.97 -41.71
CA ALA C 131 -10.97 33.94 -40.76
C ALA C 131 -11.45 32.67 -41.42
N SER C 132 -11.56 32.64 -42.75
CA SER C 132 -12.09 31.48 -43.46
C SER C 132 -11.08 30.86 -44.41
N LEU C 133 -9.79 31.21 -44.30
CA LEU C 133 -8.75 30.64 -45.13
C LEU C 133 -7.86 29.66 -44.39
N GLY C 134 -8.02 29.53 -43.08
CA GLY C 134 -7.17 28.67 -42.28
C GLY C 134 -7.57 27.21 -42.35
N VAL C 135 -7.37 26.60 -43.51
CA VAL C 135 -7.71 25.19 -43.69
C VAL C 135 -6.47 24.46 -44.17
N SER C 136 -6.49 23.14 -43.96
CA SER C 136 -5.36 22.30 -44.29
C SER C 136 -5.87 20.96 -44.82
N SER C 137 -5.06 20.37 -45.71
CA SER C 137 -5.30 19.02 -46.18
C SER C 137 -5.03 17.99 -45.10
N ALA C 138 -4.32 18.36 -44.04
CA ALA C 138 -4.14 17.45 -42.91
C ALA C 138 -5.43 17.26 -42.12
N CYS C 139 -6.39 18.16 -42.26
CA CYS C 139 -7.67 18.08 -41.55
C CYS C 139 -8.82 18.03 -42.55
N PRO C 140 -8.94 16.94 -43.29
CA PRO C 140 -9.98 16.88 -44.34
C PRO C 140 -11.37 16.76 -43.74
N TYR C 141 -12.33 17.36 -44.43
CA TYR C 141 -13.75 17.16 -44.14
C TYR C 141 -14.47 16.97 -45.46
N GLN C 142 -14.99 15.76 -45.69
CA GLN C 142 -15.72 15.44 -46.92
C GLN C 142 -14.90 15.75 -48.16
N GLY C 143 -13.62 15.34 -48.13
CA GLY C 143 -12.72 15.50 -49.24
C GLY C 143 -12.08 16.86 -49.42
N LYS C 144 -12.56 17.88 -48.71
CA LYS C 144 -11.97 19.21 -48.78
C LYS C 144 -11.12 19.53 -47.55
N SER C 145 -10.12 20.37 -47.76
CA SER C 145 -9.29 20.86 -46.67
C SER C 145 -10.14 21.60 -45.64
N SER C 146 -9.87 21.34 -44.37
CA SER C 146 -10.67 21.91 -43.29
C SER C 146 -9.77 22.16 -42.09
N PHE C 147 -10.37 22.27 -40.90
CA PHE C 147 -9.61 22.57 -39.70
C PHE C 147 -10.46 22.25 -38.48
N PHE C 148 -9.80 22.22 -37.31
CA PHE C 148 -10.50 22.13 -36.04
C PHE C 148 -11.62 23.15 -35.99
N ARG C 149 -12.80 22.72 -35.55
CA ARG C 149 -13.98 23.57 -35.64
C ARG C 149 -14.10 24.56 -34.49
N ASN C 150 -13.50 24.30 -33.35
CA ASN C 150 -13.68 25.17 -32.19
C ASN C 150 -12.65 26.27 -32.09
N VAL C 151 -11.65 26.27 -32.97
CA VAL C 151 -10.65 27.33 -33.04
C VAL C 151 -10.53 27.78 -34.48
N VAL C 152 -9.96 28.97 -34.67
CA VAL C 152 -9.91 29.65 -35.97
C VAL C 152 -8.45 29.96 -36.30
N TRP C 153 -7.98 29.41 -37.41
CA TRP C 153 -6.64 29.68 -37.91
C TRP C 153 -6.69 30.98 -38.70
N LEU C 154 -6.37 32.09 -38.03
CA LEU C 154 -6.44 33.41 -38.65
C LEU C 154 -5.27 33.66 -39.58
N ILE C 155 -5.55 34.35 -40.69
CA ILE C 155 -4.57 34.63 -41.73
C ILE C 155 -4.58 36.13 -42.01
N LYS C 156 -3.45 36.65 -42.48
CA LYS C 156 -3.35 38.05 -42.84
C LYS C 156 -4.39 38.42 -43.89
N LYS C 157 -4.74 39.70 -43.94
CA LYS C 157 -5.74 40.21 -44.86
C LYS C 157 -5.16 41.42 -45.59
N ASN C 158 -5.21 41.38 -46.93
CA ASN C 158 -4.63 42.42 -47.78
C ASN C 158 -3.19 42.72 -47.38
N SER C 159 -2.40 41.65 -47.24
CA SER C 159 -0.97 41.72 -46.91
C SER C 159 -0.70 42.43 -45.58
N THR C 160 -1.67 42.46 -44.67
CA THR C 160 -1.49 43.07 -43.37
C THR C 160 -2.09 42.16 -42.30
N TYR C 161 -1.46 42.18 -41.12
CA TYR C 161 -1.95 41.45 -39.95
C TYR C 161 -1.93 42.43 -38.79
N PRO C 162 -2.99 43.22 -38.61
CA PRO C 162 -3.03 44.15 -37.49
C PRO C 162 -2.99 43.42 -36.16
N THR C 163 -2.53 44.14 -35.13
CA THR C 163 -2.44 43.54 -33.81
C THR C 163 -3.84 43.25 -33.26
N ILE C 164 -4.08 41.99 -32.94
CA ILE C 164 -5.33 41.53 -32.35
C ILE C 164 -5.31 41.84 -30.86
N LYS C 165 -6.40 42.44 -30.37
CA LYS C 165 -6.65 42.62 -28.93
C LYS C 165 -8.11 42.24 -28.70
N ARG C 166 -8.34 41.05 -28.15
CA ARG C 166 -9.70 40.57 -27.91
C ARG C 166 -9.83 40.05 -26.50
N SER C 167 -10.99 40.29 -25.89
CA SER C 167 -11.24 39.85 -24.52
C SER C 167 -12.57 39.13 -24.44
N TYR C 168 -12.66 38.15 -23.54
CA TYR C 168 -13.93 37.53 -23.20
C TYR C 168 -14.07 37.49 -21.68
N ASN C 169 -15.17 38.04 -21.18
CA ASN C 169 -15.49 38.04 -19.76
C ASN C 169 -16.48 36.91 -19.49
N ASN C 170 -16.12 36.00 -18.58
CA ASN C 170 -17.00 34.90 -18.22
C ASN C 170 -18.11 35.43 -17.32
N THR C 171 -19.21 35.88 -17.94
CA THR C 171 -20.36 36.37 -17.19
C THR C 171 -21.28 35.25 -16.72
N ASN C 172 -20.94 33.99 -17.01
CA ASN C 172 -21.73 32.86 -16.56
C ASN C 172 -21.42 32.54 -15.10
N GLN C 173 -22.21 31.61 -14.55
CA GLN C 173 -22.05 31.15 -13.18
C GLN C 173 -21.16 29.93 -13.07
N GLU C 174 -20.77 29.35 -14.20
CA GLU C 174 -19.98 28.13 -14.23
C GLU C 174 -18.58 28.41 -14.75
N ASP C 175 -17.65 27.52 -14.40
CA ASP C 175 -16.31 27.58 -14.97
C ASP C 175 -16.35 27.38 -16.47
N LEU C 176 -15.39 27.97 -17.17
CA LEU C 176 -15.32 27.90 -18.62
C LEU C 176 -13.99 27.29 -19.04
N LEU C 177 -14.03 26.22 -19.82
CA LEU C 177 -12.82 25.65 -20.41
C LEU C 177 -12.53 26.37 -21.72
N VAL C 178 -11.42 27.10 -21.78
CA VAL C 178 -11.06 27.90 -22.95
C VAL C 178 -9.83 27.28 -23.61
N LEU C 179 -9.88 27.13 -24.93
CA LEU C 179 -8.83 26.52 -25.72
C LEU C 179 -8.35 27.50 -26.80
N TRP C 180 -7.03 27.54 -27.01
CA TRP C 180 -6.45 28.33 -28.10
C TRP C 180 -5.16 27.65 -28.53
N GLY C 181 -4.49 28.24 -29.52
CA GLY C 181 -3.28 27.61 -30.00
C GLY C 181 -2.36 28.58 -30.72
N ILE C 182 -1.20 28.05 -31.09
CA ILE C 182 -0.19 28.79 -31.84
C ILE C 182 0.30 27.90 -32.98
N HIS C 183 0.58 28.52 -34.12
CA HIS C 183 1.12 27.82 -35.28
C HIS C 183 2.64 28.04 -35.35
N HIS C 184 3.39 26.94 -35.33
CA HIS C 184 4.83 26.95 -35.56
C HIS C 184 5.07 26.60 -37.03
N PRO C 185 5.41 27.55 -37.88
CA PRO C 185 5.52 27.29 -39.31
C PRO C 185 6.86 26.62 -39.65
N ASN C 186 6.99 26.28 -40.93
CA ASN C 186 8.14 25.52 -41.42
C ASN C 186 9.33 26.42 -41.75
N ASP C 187 9.10 27.62 -42.29
CA ASP C 187 10.20 28.51 -42.63
C ASP C 187 9.71 29.96 -42.60
N ALA C 188 10.67 30.89 -42.71
CA ALA C 188 10.34 32.31 -42.66
C ALA C 188 9.48 32.73 -43.84
N ALA C 189 9.66 32.11 -44.99
CA ALA C 189 8.82 32.42 -46.15
C ALA C 189 7.36 32.13 -45.86
N GLU C 190 7.09 30.99 -45.23
CA GLU C 190 5.71 30.68 -44.83
C GLU C 190 5.21 31.65 -43.78
N GLN C 191 6.08 32.06 -42.85
CA GLN C 191 5.69 33.06 -41.85
C GLN C 191 5.20 34.33 -42.52
N THR C 192 5.96 34.84 -43.50
CA THR C 192 5.54 36.03 -44.24
C THR C 192 4.27 35.76 -45.05
N LYS C 193 4.19 34.58 -45.66
CA LYS C 193 3.04 34.23 -46.50
C LYS C 193 1.75 34.28 -45.71
N LEU C 194 1.78 33.75 -44.48
CA LEU C 194 0.57 33.62 -43.68
C LEU C 194 0.28 34.85 -42.82
N TYR C 195 1.29 35.44 -42.19
CA TYR C 195 1.06 36.44 -41.17
C TYR C 195 1.75 37.77 -41.43
N GLN C 196 2.49 37.90 -42.53
CA GLN C 196 3.19 39.13 -42.91
C GLN C 196 4.28 39.52 -41.91
N ASN C 197 3.91 39.69 -40.65
CA ASN C 197 4.88 40.10 -39.64
C ASN C 197 5.89 38.99 -39.40
N PRO C 198 7.19 39.29 -39.44
CA PRO C 198 8.19 38.22 -39.28
C PRO C 198 8.39 37.80 -37.84
N THR C 199 8.17 38.72 -36.90
CA THR C 199 8.41 38.48 -35.47
C THR C 199 7.10 38.65 -34.73
N THR C 200 6.55 37.55 -34.23
CA THR C 200 5.19 37.54 -33.70
C THR C 200 5.15 36.92 -32.31
N TYR C 201 3.97 37.04 -31.69
CA TYR C 201 3.77 36.59 -30.32
C TYR C 201 2.27 36.41 -30.12
N ILE C 202 1.93 35.67 -29.06
CA ILE C 202 0.57 35.57 -28.56
C ILE C 202 0.64 35.73 -27.05
N SER C 203 0.03 36.78 -26.51
CA SER C 203 -0.04 36.96 -25.07
C SER C 203 -1.46 36.66 -24.61
N VAL C 204 -1.57 35.95 -23.48
CA VAL C 204 -2.85 35.54 -22.93
C VAL C 204 -2.83 35.79 -21.43
N GLY C 205 -3.84 36.50 -20.95
CA GLY C 205 -3.90 36.80 -19.52
C GLY C 205 -5.26 36.63 -18.90
N THR C 206 -5.30 36.06 -17.70
CA THR C 206 -6.49 36.05 -16.86
C THR C 206 -6.06 36.59 -15.49
N SER C 207 -6.85 36.28 -14.46
CA SER C 207 -6.41 36.63 -13.11
C SER C 207 -5.19 35.81 -12.68
N THR C 208 -5.02 34.63 -13.26
CA THR C 208 -3.91 33.75 -12.90
C THR C 208 -2.98 33.42 -14.06
N LEU C 209 -3.46 33.45 -15.29
CA LEU C 209 -2.65 33.05 -16.44
C LEU C 209 -1.84 34.24 -16.92
N ASN C 210 -0.55 34.02 -17.19
CA ASN C 210 0.36 35.06 -17.68
C ASN C 210 1.23 34.43 -18.75
N GLN C 211 0.72 34.34 -19.98
CA GLN C 211 1.33 33.55 -21.03
C GLN C 211 1.80 34.45 -22.16
N ARG C 212 3.00 34.19 -22.68
CA ARG C 212 3.45 34.82 -23.91
C ARG C 212 4.16 33.77 -24.74
N LEU C 213 3.54 33.38 -25.85
CA LEU C 213 4.05 32.36 -26.75
C LEU C 213 4.74 33.02 -27.93
N VAL C 214 5.82 32.38 -28.39
CA VAL C 214 6.56 32.84 -29.56
C VAL C 214 6.66 31.65 -30.52
N PRO C 215 6.34 31.84 -31.80
CA PRO C 215 6.43 30.72 -32.75
C PRO C 215 7.87 30.28 -32.95
N ARG C 216 8.04 28.97 -33.10
CA ARG C 216 9.34 28.34 -33.37
C ARG C 216 9.34 27.91 -34.83
N ILE C 217 10.06 28.66 -35.66
CA ILE C 217 10.14 28.39 -37.08
C ILE C 217 11.28 27.41 -37.34
N ALA C 218 10.95 26.23 -37.86
CA ALA C 218 11.96 25.22 -38.11
C ALA C 218 11.44 24.18 -39.11
N THR C 219 12.39 23.47 -39.72
CA THR C 219 12.08 22.40 -40.67
C THR C 219 11.95 21.09 -39.90
N ARG C 220 10.79 20.43 -40.04
CA ARG C 220 10.47 19.24 -39.26
C ARG C 220 9.97 18.13 -40.19
N SER C 221 9.97 16.91 -39.64
CA SER C 221 9.40 15.79 -40.35
C SER C 221 7.92 16.02 -40.60
N LYS C 222 7.44 15.57 -41.75
CA LYS C 222 6.03 15.73 -42.10
C LYS C 222 5.17 14.70 -41.39
N VAL C 223 4.10 15.18 -40.76
CA VAL C 223 3.06 14.35 -40.15
C VAL C 223 1.74 14.78 -40.75
N ASN C 224 0.99 13.83 -41.30
CA ASN C 224 -0.21 14.13 -42.08
C ASN C 224 0.08 15.16 -43.16
N GLY C 225 1.27 15.07 -43.75
CA GLY C 225 1.67 15.95 -44.82
C GLY C 225 2.16 17.32 -44.40
N GLN C 226 2.29 17.59 -43.10
CA GLN C 226 2.61 18.93 -42.62
C GLN C 226 3.92 18.92 -41.86
N SER C 227 4.80 19.88 -42.18
CA SER C 227 6.00 20.12 -41.41
C SER C 227 5.81 21.17 -40.33
N GLY C 228 4.77 22.00 -40.44
CA GLY C 228 4.41 22.90 -39.36
C GLY C 228 3.77 22.14 -38.22
N ARG C 229 3.57 22.84 -37.11
CA ARG C 229 2.96 22.24 -35.92
C ARG C 229 1.95 23.21 -35.34
N MET C 230 0.91 22.66 -34.72
CA MET C 230 -0.04 23.44 -33.92
C MET C 230 0.13 23.06 -32.46
N GLU C 231 0.33 24.04 -31.60
CA GLU C 231 0.48 23.79 -30.17
C GLU C 231 -0.69 24.44 -29.44
N PHE C 232 -1.46 23.62 -28.73
CA PHE C 232 -2.70 24.08 -28.12
C PHE C 232 -2.55 24.21 -26.61
N PHE C 233 -3.24 25.20 -26.07
CA PHE C 233 -3.22 25.54 -24.66
C PHE C 233 -4.66 25.70 -24.19
N TRP C 234 -4.85 25.56 -22.88
CA TRP C 234 -6.17 25.64 -22.29
C TRP C 234 -6.05 26.29 -20.93
N THR C 235 -7.18 26.83 -20.47
CA THR C 235 -7.28 27.30 -19.10
C THR C 235 -8.72 27.19 -18.64
N ILE C 236 -8.89 27.22 -17.32
CA ILE C 236 -10.21 27.31 -16.69
C ILE C 236 -10.42 28.78 -16.34
N LEU C 237 -11.35 29.41 -17.02
CA LEU C 237 -11.74 30.79 -16.74
C LEU C 237 -12.87 30.78 -15.71
N LYS C 238 -12.59 31.33 -14.53
CA LYS C 238 -13.57 31.33 -13.44
C LYS C 238 -14.65 32.38 -13.67
N PRO C 239 -15.80 32.22 -13.03
CA PRO C 239 -16.87 33.22 -13.16
C PRO C 239 -16.37 34.61 -12.77
N ASN C 240 -16.82 35.61 -13.54
CA ASN C 240 -16.48 37.03 -13.40
C ASN C 240 -15.02 37.33 -13.71
N ASP C 241 -14.24 36.36 -14.14
CA ASP C 241 -12.89 36.63 -14.63
C ASP C 241 -12.93 36.77 -16.15
N ALA C 242 -11.94 37.48 -16.68
CA ALA C 242 -11.84 37.69 -18.11
C ALA C 242 -10.52 37.14 -18.63
N ILE C 243 -10.52 36.73 -19.90
CA ILE C 243 -9.32 36.29 -20.60
C ILE C 243 -9.04 37.27 -21.73
N ASN C 244 -7.79 37.73 -21.83
CA ASN C 244 -7.38 38.72 -22.80
C ASN C 244 -6.31 38.13 -23.71
N PHE C 245 -6.55 38.19 -25.02
CA PHE C 245 -5.63 37.73 -26.05
C PHE C 245 -5.08 38.93 -26.81
N GLU C 246 -3.78 38.90 -27.07
CA GLU C 246 -3.16 39.87 -27.97
C GLU C 246 -2.18 39.15 -28.87
N SER C 247 -2.20 39.47 -30.17
CA SER C 247 -1.30 38.75 -31.06
C SER C 247 -1.13 39.48 -32.38
N ASN C 248 0.08 39.47 -32.92
CA ASN C 248 0.33 40.00 -34.25
C ASN C 248 0.66 38.89 -35.26
N GLY C 249 0.28 37.65 -34.97
CA GLY C 249 0.46 36.57 -35.91
C GLY C 249 0.46 35.22 -35.23
N ASN C 250 0.26 34.19 -36.05
CA ASN C 250 0.34 32.78 -35.65
C ASN C 250 -0.72 32.40 -34.63
N PHE C 251 -1.73 33.23 -34.43
CA PHE C 251 -2.76 33.01 -33.41
C PHE C 251 -3.80 32.03 -33.91
N ILE C 252 -3.99 30.93 -33.18
CA ILE C 252 -5.10 30.01 -33.43
C ILE C 252 -6.16 30.39 -32.40
N ALA C 253 -7.07 31.27 -32.80
CA ALA C 253 -7.97 31.95 -31.88
C ALA C 253 -9.11 31.05 -31.42
N PRO C 254 -9.61 31.27 -30.21
CA PRO C 254 -10.83 30.57 -29.81
C PRO C 254 -12.03 31.07 -30.58
N GLU C 255 -12.95 30.15 -30.85
CA GLU C 255 -14.33 30.53 -31.14
C GLU C 255 -15.29 29.98 -30.11
N TYR C 256 -15.27 28.67 -29.89
CA TYR C 256 -16.11 28.02 -28.89
C TYR C 256 -15.28 27.58 -27.69
N ALA C 257 -15.84 27.83 -26.50
CA ALA C 257 -15.34 27.34 -25.23
C ALA C 257 -16.40 26.43 -24.63
N TYR C 258 -16.06 25.78 -23.52
CA TYR C 258 -16.95 24.80 -22.90
C TYR C 258 -17.29 25.27 -21.49
N LYS C 259 -18.57 25.58 -21.26
CA LYS C 259 -19.06 25.87 -19.92
C LYS C 259 -19.27 24.57 -19.17
N ILE C 260 -18.73 24.49 -17.96
CA ILE C 260 -18.83 23.29 -17.13
C ILE C 260 -20.16 23.37 -16.39
N VAL C 261 -21.17 22.69 -16.91
CA VAL C 261 -22.52 22.83 -16.36
C VAL C 261 -22.87 21.77 -15.33
N LYS C 262 -22.15 20.64 -15.31
CA LYS C 262 -22.40 19.64 -14.29
C LYS C 262 -21.09 18.94 -13.92
N LYS C 263 -20.79 18.94 -12.63
CA LYS C 263 -19.62 18.26 -12.09
C LYS C 263 -20.08 17.05 -11.28
N GLY C 264 -19.27 16.00 -11.29
CA GLY C 264 -19.62 14.78 -10.61
C GLY C 264 -18.55 13.73 -10.80
N ASP C 265 -18.88 12.52 -10.34
CA ASP C 265 -17.96 11.40 -10.44
C ASP C 265 -18.06 10.78 -11.84
N SER C 266 -17.00 10.94 -12.62
CA SER C 266 -16.91 10.32 -13.92
C SER C 266 -15.56 9.65 -14.06
N THR C 267 -15.24 9.17 -15.25
CA THR C 267 -13.94 8.57 -15.50
C THR C 267 -13.76 8.47 -17.01
N ILE C 268 -12.50 8.40 -17.43
CA ILE C 268 -12.16 8.12 -18.81
C ILE C 268 -11.71 6.67 -18.87
N MET C 269 -12.61 5.82 -19.36
CA MET C 269 -12.40 4.39 -19.48
C MET C 269 -11.76 4.07 -20.83
N LYS C 270 -10.68 3.31 -20.80
CA LYS C 270 -10.01 2.87 -22.02
C LYS C 270 -10.60 1.53 -22.45
N SER C 271 -11.23 1.51 -23.62
CA SER C 271 -11.85 0.30 -24.11
C SER C 271 -12.02 0.39 -25.62
N GLU C 272 -11.90 -0.76 -26.28
CA GLU C 272 -12.17 -0.86 -27.70
C GLU C 272 -13.62 -1.15 -28.01
N LEU C 273 -14.42 -1.49 -26.99
CA LEU C 273 -15.84 -1.74 -27.18
C LEU C 273 -16.58 -0.45 -27.49
N GLU C 274 -17.81 -0.60 -27.98
CA GLU C 274 -18.68 0.55 -28.18
C GLU C 274 -20.05 0.28 -27.58
N TYR C 275 -21.02 1.14 -27.89
CA TYR C 275 -22.31 1.11 -27.20
C TYR C 275 -23.02 -0.23 -27.40
N GLY C 276 -23.60 -0.75 -26.32
CA GLY C 276 -24.30 -2.01 -26.36
C GLY C 276 -25.81 -1.93 -26.18
N ASN C 277 -26.38 -0.72 -26.11
CA ASN C 277 -27.81 -0.52 -25.95
C ASN C 277 -28.34 -1.30 -24.74
N CYS C 278 -27.79 -0.96 -23.58
CA CYS C 278 -28.14 -1.65 -22.34
C CYS C 278 -28.01 -0.67 -21.18
N ASN C 279 -28.42 -1.13 -20.01
CA ASN C 279 -28.31 -0.36 -18.78
C ASN C 279 -27.73 -1.24 -17.69
N THR C 280 -27.00 -0.61 -16.76
CA THR C 280 -26.34 -1.36 -15.70
C THR C 280 -26.14 -0.46 -14.49
N LYS C 281 -25.75 -1.08 -13.39
CA LYS C 281 -25.38 -0.40 -12.16
C LYS C 281 -23.88 -0.36 -11.94
N CYS C 282 -23.12 -1.17 -12.67
CA CYS C 282 -21.68 -1.29 -12.50
C CYS C 282 -21.05 -1.55 -13.86
N GLN C 283 -20.09 -0.72 -14.25
CA GLN C 283 -19.45 -0.83 -15.56
C GLN C 283 -17.95 -1.02 -15.41
N THR C 284 -17.38 -1.92 -16.22
CA THR C 284 -15.95 -2.11 -16.38
C THR C 284 -15.60 -1.98 -17.85
N PRO C 285 -14.33 -1.72 -18.18
CA PRO C 285 -13.95 -1.58 -19.60
C PRO C 285 -14.24 -2.82 -20.43
N MET C 286 -14.41 -3.97 -19.78
CA MET C 286 -14.71 -5.22 -20.49
C MET C 286 -16.21 -5.51 -20.57
N GLY C 287 -17.01 -4.86 -19.75
CA GLY C 287 -18.43 -5.17 -19.73
C GLY C 287 -19.07 -4.77 -18.43
N ALA C 288 -20.39 -4.89 -18.40
CA ALA C 288 -21.17 -4.50 -17.24
C ALA C 288 -21.31 -5.66 -16.28
N ILE C 289 -21.54 -5.33 -15.00
CA ILE C 289 -21.69 -6.30 -13.92
C ILE C 289 -23.06 -6.10 -13.30
N ASN C 290 -23.80 -7.20 -13.18
CA ASN C 290 -25.11 -7.23 -12.51
C ASN C 290 -25.03 -8.36 -11.49
N SER C 291 -24.75 -8.02 -10.23
CA SER C 291 -24.42 -9.06 -9.27
C SER C 291 -24.70 -8.58 -7.86
N SER C 292 -24.98 -9.55 -6.98
CA SER C 292 -25.06 -9.33 -5.55
C SER C 292 -23.83 -9.84 -4.81
N MET C 293 -22.86 -10.42 -5.52
CA MET C 293 -21.64 -10.87 -4.90
C MET C 293 -20.87 -9.69 -4.32
N PRO C 294 -20.17 -9.89 -3.19
CA PRO C 294 -19.34 -8.81 -2.64
C PRO C 294 -18.02 -8.60 -3.37
N PHE C 295 -17.55 -9.60 -4.13
CA PHE C 295 -16.29 -9.50 -4.85
C PHE C 295 -16.51 -9.81 -6.33
N HIS C 296 -15.58 -9.33 -7.14
CA HIS C 296 -15.54 -9.67 -8.56
C HIS C 296 -14.08 -9.67 -9.00
N ASN C 297 -13.83 -10.34 -10.13
CA ASN C 297 -12.47 -10.39 -10.69
C ASN C 297 -12.44 -9.93 -12.15
N ILE C 298 -13.42 -9.13 -12.57
CA ILE C 298 -13.54 -8.75 -13.97
C ILE C 298 -12.42 -7.79 -14.36
N HIS C 299 -12.35 -6.64 -13.69
CA HIS C 299 -11.40 -5.58 -14.04
C HIS C 299 -11.29 -4.63 -12.88
N PRO C 300 -10.09 -4.15 -12.53
CA PRO C 300 -9.96 -3.26 -11.36
C PRO C 300 -10.58 -1.90 -11.55
N LEU C 301 -10.69 -1.41 -12.78
CA LEU C 301 -11.21 -0.06 -13.05
C LEU C 301 -12.70 -0.16 -13.31
N THR C 302 -13.51 0.15 -12.31
CA THR C 302 -14.96 0.11 -12.45
C THR C 302 -15.57 1.45 -12.08
N ILE C 303 -16.84 1.62 -12.45
CA ILE C 303 -17.60 2.78 -12.05
C ILE C 303 -19.03 2.35 -11.73
N GLY C 304 -19.60 2.93 -10.67
CA GLY C 304 -20.93 2.63 -10.21
C GLY C 304 -20.92 1.91 -8.88
N GLU C 305 -22.06 1.30 -8.57
CA GLU C 305 -22.19 0.46 -7.37
C GLU C 305 -21.69 -0.94 -7.71
N CYS C 306 -20.43 -1.20 -7.38
CA CYS C 306 -19.74 -2.40 -7.81
C CYS C 306 -19.28 -3.24 -6.62
N PRO C 307 -19.08 -4.53 -6.82
CA PRO C 307 -18.36 -5.34 -5.83
C PRO C 307 -16.91 -4.90 -5.76
N LYS C 308 -16.20 -5.44 -4.77
CA LYS C 308 -14.79 -5.13 -4.61
C LYS C 308 -13.96 -6.04 -5.51
N TYR C 309 -12.99 -5.45 -6.20
CA TYR C 309 -12.17 -6.22 -7.13
C TYR C 309 -11.05 -6.95 -6.40
N VAL C 310 -10.86 -8.22 -6.77
CA VAL C 310 -9.72 -9.02 -6.33
C VAL C 310 -9.20 -9.78 -7.53
N LYS C 311 -7.91 -10.13 -7.48
CA LYS C 311 -7.29 -10.90 -8.54
C LYS C 311 -7.55 -12.41 -8.42
N SER C 312 -8.40 -12.81 -7.49
CA SER C 312 -8.64 -14.22 -7.23
C SER C 312 -9.40 -14.87 -8.39
N ASN C 313 -9.10 -16.14 -8.62
CA ASN C 313 -9.89 -16.97 -9.52
C ASN C 313 -11.03 -17.69 -8.82
N ARG C 314 -10.98 -17.79 -7.49
CA ARG C 314 -12.01 -18.47 -6.71
C ARG C 314 -12.05 -17.90 -5.31
N LEU C 315 -13.26 -17.68 -4.80
CA LEU C 315 -13.46 -17.24 -3.41
C LEU C 315 -14.75 -17.87 -2.93
N VAL C 316 -14.63 -18.94 -2.15
CA VAL C 316 -15.78 -19.69 -1.64
C VAL C 316 -15.65 -19.81 -0.13
N LEU C 317 -16.65 -19.31 0.60
CA LEU C 317 -16.67 -19.42 2.05
C LEU C 317 -17.41 -20.69 2.45
N ALA C 318 -16.82 -21.45 3.38
CA ALA C 318 -17.52 -22.57 3.97
C ALA C 318 -18.60 -22.06 4.92
N THR C 319 -19.80 -22.59 4.79
CA THR C 319 -20.87 -22.30 5.73
C THR C 319 -21.38 -23.54 6.45
N GLY C 320 -21.45 -24.67 5.75
CA GLY C 320 -21.87 -25.93 6.35
C GLY C 320 -20.68 -26.69 6.89
N LEU C 321 -20.90 -27.99 7.12
CA LEU C 321 -19.88 -28.84 7.71
C LEU C 321 -19.22 -29.70 6.65
N ARG C 322 -18.10 -30.31 7.04
CA ARG C 322 -17.40 -31.24 6.17
C ARG C 322 -18.31 -32.39 5.77
N ASN C 323 -18.55 -32.54 4.47
CA ASN C 323 -19.54 -33.50 3.99
C ASN C 323 -18.89 -34.87 3.85
N SER C 324 -19.48 -35.87 4.51
CA SER C 324 -18.94 -37.23 4.48
C SER C 324 -19.27 -37.90 3.16
N PRO C 325 -18.29 -38.53 2.50
CA PRO C 325 -18.48 -39.25 1.22
C PRO C 325 -19.36 -40.48 1.36
N GLY D 1 -10.73 -33.69 12.49
CA GLY D 1 -10.91 -32.32 12.95
C GLY D 1 -10.27 -32.04 14.28
N LEU D 2 -10.19 -30.76 14.64
CA LEU D 2 -9.54 -30.38 15.90
C LEU D 2 -10.24 -30.97 17.11
N PHE D 3 -11.55 -31.18 17.03
CA PHE D 3 -12.33 -31.60 18.19
C PHE D 3 -12.76 -33.06 18.12
N GLY D 4 -12.35 -33.80 17.10
CA GLY D 4 -12.50 -35.25 17.07
C GLY D 4 -13.90 -35.79 16.96
N ALA D 5 -14.91 -34.97 16.73
CA ALA D 5 -16.29 -35.44 16.63
C ALA D 5 -16.66 -35.76 15.18
N ILE D 6 -16.73 -34.72 14.34
CA ILE D 6 -17.08 -34.93 12.93
C ILE D 6 -15.99 -35.75 12.27
N ALA D 7 -16.40 -36.85 11.63
CA ALA D 7 -15.47 -37.80 11.01
C ALA D 7 -14.42 -38.29 12.01
N GLY D 8 -14.80 -38.35 13.29
CA GLY D 8 -13.92 -38.84 14.33
C GLY D 8 -14.53 -40.05 15.02
N PHE D 9 -14.95 -39.90 16.28
CA PHE D 9 -15.66 -41.00 16.92
C PHE D 9 -17.09 -41.13 16.41
N ILE D 10 -17.61 -40.10 15.75
CA ILE D 10 -18.84 -40.20 14.97
C ILE D 10 -18.39 -40.31 13.50
N GLU D 11 -18.46 -41.53 12.96
CA GLU D 11 -17.78 -41.82 11.70
C GLU D 11 -18.32 -40.99 10.54
N GLY D 12 -19.63 -40.81 10.46
CA GLY D 12 -20.20 -40.14 9.31
C GLY D 12 -21.45 -39.37 9.66
N GLY D 13 -21.91 -38.58 8.68
CA GLY D 13 -23.12 -37.79 8.83
C GLY D 13 -24.37 -38.56 8.46
N TRP D 14 -25.51 -37.92 8.70
CA TRP D 14 -26.82 -38.52 8.48
C TRP D 14 -27.50 -37.83 7.31
N GLN D 15 -27.69 -38.56 6.21
CA GLN D 15 -28.52 -38.03 5.13
C GLN D 15 -29.97 -37.89 5.56
N GLY D 16 -30.40 -38.69 6.53
CA GLY D 16 -31.78 -38.67 6.98
C GLY D 16 -32.16 -37.46 7.80
N MET D 17 -31.18 -36.72 8.32
CA MET D 17 -31.43 -35.51 9.09
C MET D 17 -31.30 -34.31 8.15
N VAL D 18 -32.44 -33.74 7.78
CA VAL D 18 -32.47 -32.67 6.78
C VAL D 18 -32.77 -31.31 7.39
N ASP D 19 -33.47 -31.26 8.53
CA ASP D 19 -33.93 -30.01 9.12
C ASP D 19 -32.93 -29.38 10.08
N GLY D 20 -31.66 -29.80 10.03
CA GLY D 20 -30.69 -29.21 10.93
C GLY D 20 -29.29 -29.69 10.64
N TRP D 21 -28.32 -28.97 11.22
CA TRP D 21 -26.92 -29.33 11.08
C TRP D 21 -26.52 -30.41 12.06
N TYR D 22 -27.05 -30.34 13.28
CA TYR D 22 -26.78 -31.34 14.31
C TYR D 22 -28.09 -31.82 14.91
N GLY D 23 -28.07 -33.02 15.46
CA GLY D 23 -29.28 -33.55 16.07
C GLY D 23 -29.09 -34.94 16.62
N TYR D 24 -30.21 -35.64 16.78
CA TYR D 24 -30.26 -36.92 17.45
C TYR D 24 -30.96 -37.95 16.59
N HIS D 25 -30.60 -39.21 16.82
CA HIS D 25 -31.38 -40.35 16.34
C HIS D 25 -31.72 -41.23 17.52
N HIS D 26 -33.01 -41.45 17.75
CA HIS D 26 -33.48 -42.24 18.88
C HIS D 26 -34.12 -43.53 18.38
N SER D 27 -34.16 -44.52 19.28
CA SER D 27 -34.77 -45.82 19.01
C SER D 27 -35.27 -46.39 20.31
N ASN D 28 -36.60 -46.53 20.46
CA ASN D 28 -37.20 -47.13 21.64
C ASN D 28 -38.40 -47.97 21.19
N GLU D 29 -39.17 -48.44 22.18
CA GLU D 29 -40.31 -49.32 21.90
C GLU D 29 -41.30 -48.67 20.94
N GLN D 30 -41.50 -47.35 21.07
CA GLN D 30 -42.46 -46.66 20.22
C GLN D 30 -41.95 -46.38 18.82
N GLY D 31 -40.70 -46.73 18.51
CA GLY D 31 -40.16 -46.53 17.19
C GLY D 31 -38.84 -45.79 17.23
N SER D 32 -38.35 -45.40 16.05
CA SER D 32 -37.07 -44.74 15.92
C SER D 32 -37.20 -43.57 14.96
N GLY D 33 -36.25 -42.65 15.03
CA GLY D 33 -36.27 -41.52 14.11
C GLY D 33 -35.23 -40.47 14.43
N TYR D 34 -35.11 -39.53 13.49
CA TYR D 34 -34.21 -38.39 13.58
C TYR D 34 -34.94 -37.17 14.13
N ALA D 35 -34.18 -36.30 14.79
CA ALA D 35 -34.71 -35.04 15.28
C ALA D 35 -33.57 -34.03 15.37
N ALA D 36 -33.64 -32.97 14.57
CA ALA D 36 -32.59 -31.96 14.60
C ALA D 36 -32.62 -31.18 15.91
N ASP D 37 -31.44 -30.88 16.44
CA ASP D 37 -31.33 -30.05 17.63
C ASP D 37 -31.42 -28.58 17.21
N LYS D 38 -32.56 -27.94 17.50
CA LYS D 38 -32.80 -26.58 17.06
C LYS D 38 -31.82 -25.59 17.69
N GLU D 39 -31.51 -25.74 18.98
CA GLU D 39 -30.74 -24.73 19.68
C GLU D 39 -29.32 -24.63 19.14
N SER D 40 -28.61 -25.76 19.06
CA SER D 40 -27.23 -25.72 18.59
C SER D 40 -27.17 -25.38 17.10
N THR D 41 -28.12 -25.89 16.31
CA THR D 41 -28.14 -25.57 14.89
C THR D 41 -28.37 -24.08 14.66
N GLN D 42 -29.32 -23.48 15.40
CA GLN D 42 -29.58 -22.05 15.25
C GLN D 42 -28.40 -21.21 15.73
N LYS D 43 -27.74 -21.65 16.81
CA LYS D 43 -26.55 -20.94 17.27
C LYS D 43 -25.45 -20.97 16.23
N ALA D 44 -25.24 -22.13 15.59
CA ALA D 44 -24.25 -22.23 14.53
C ALA D 44 -24.63 -21.37 13.34
N ILE D 45 -25.91 -21.34 12.98
CA ILE D 45 -26.37 -20.52 11.86
C ILE D 45 -26.08 -19.06 12.14
N ASP D 46 -26.42 -18.58 13.34
CA ASP D 46 -26.14 -17.21 13.72
C ASP D 46 -24.65 -16.92 13.64
N GLY D 47 -23.83 -17.83 14.20
CA GLY D 47 -22.39 -17.62 14.18
C GLY D 47 -21.84 -17.51 12.76
N VAL D 48 -22.24 -18.43 11.89
CA VAL D 48 -21.72 -18.45 10.52
C VAL D 48 -22.21 -17.22 9.74
N THR D 49 -23.47 -16.83 9.94
CA THR D 49 -23.98 -15.64 9.26
C THR D 49 -23.21 -14.40 9.69
N ASN D 50 -23.01 -14.24 11.01
CA ASN D 50 -22.23 -13.11 11.50
C ASN D 50 -20.81 -13.14 10.95
N LYS D 51 -20.22 -14.34 10.82
CA LYS D 51 -18.89 -14.45 10.26
C LYS D 51 -18.83 -13.97 8.81
N VAL D 52 -19.76 -14.45 7.98
CA VAL D 52 -19.80 -14.03 6.58
C VAL D 52 -19.97 -12.53 6.47
N ASN D 53 -20.91 -11.98 7.25
CA ASN D 53 -21.16 -10.54 7.21
C ASN D 53 -19.94 -9.76 7.69
N SER D 54 -19.23 -10.29 8.69
CA SER D 54 -18.05 -9.60 9.21
C SER D 54 -16.93 -9.59 8.18
N ILE D 55 -16.73 -10.70 7.48
CA ILE D 55 -15.72 -10.74 6.42
C ILE D 55 -16.06 -9.71 5.33
N ILE D 56 -17.30 -9.76 4.83
CA ILE D 56 -17.71 -8.84 3.79
C ILE D 56 -17.52 -7.39 4.23
N ASP D 57 -17.96 -7.07 5.46
CA ASP D 57 -17.85 -5.70 5.95
C ASP D 57 -16.41 -5.29 6.21
N LYS D 58 -15.54 -6.25 6.54
CA LYS D 58 -14.13 -5.92 6.70
C LYS D 58 -13.45 -5.69 5.36
N MET D 59 -14.06 -6.16 4.27
CA MET D 59 -13.59 -5.81 2.94
C MET D 59 -14.34 -4.61 2.36
N ASN D 60 -15.02 -3.84 3.21
CA ASN D 60 -15.78 -2.69 2.73
C ASN D 60 -14.88 -1.55 2.29
N THR D 61 -13.75 -1.34 2.99
CA THR D 61 -12.87 -0.20 2.76
C THR D 61 -11.59 -0.60 2.04
N GLN D 62 -11.71 -1.43 1.01
CA GLN D 62 -10.52 -1.84 0.27
C GLN D 62 -10.20 -0.83 -0.82
N PHE D 63 -9.00 -0.97 -1.38
CA PHE D 63 -8.49 -0.02 -2.36
C PHE D 63 -9.32 -0.05 -3.64
N GLU D 64 -9.61 1.14 -4.17
CA GLU D 64 -10.31 1.30 -5.44
C GLU D 64 -9.37 1.95 -6.43
N ALA D 65 -9.05 1.25 -7.52
CA ALA D 65 -8.13 1.76 -8.51
C ALA D 65 -8.77 2.91 -9.29
N VAL D 66 -7.94 3.86 -9.70
CA VAL D 66 -8.37 5.05 -10.44
C VAL D 66 -7.49 5.19 -11.67
N GLY D 67 -8.10 5.46 -12.82
CA GLY D 67 -7.35 5.63 -14.05
C GLY D 67 -6.64 6.98 -14.08
N ARG D 68 -5.33 6.98 -14.25
CA ARG D 68 -4.53 8.18 -14.44
C ARG D 68 -3.64 8.00 -15.67
N GLU D 69 -3.40 9.09 -16.39
CA GLU D 69 -2.63 9.04 -17.62
C GLU D 69 -1.42 9.97 -17.53
N PHE D 70 -0.36 9.57 -18.25
CA PHE D 70 0.92 10.25 -18.20
C PHE D 70 1.51 10.30 -19.61
N ASN D 71 2.28 11.35 -19.90
CA ASN D 71 2.84 11.46 -21.23
C ASN D 71 4.17 10.71 -21.32
N ASN D 72 4.82 10.81 -22.49
CA ASN D 72 5.99 10.00 -22.78
C ASN D 72 7.20 10.41 -21.96
N LEU D 73 7.21 11.61 -21.37
CA LEU D 73 8.31 12.04 -20.52
C LEU D 73 7.93 12.02 -19.04
N GLU D 74 6.91 11.25 -18.69
CA GLU D 74 6.50 11.03 -17.31
C GLU D 74 6.49 9.53 -16.97
N ARG D 75 7.47 8.80 -17.52
CA ARG D 75 7.50 7.35 -17.34
C ARG D 75 7.77 6.95 -15.89
N ARG D 76 8.57 7.74 -15.17
CA ARG D 76 8.85 7.42 -13.77
C ARG D 76 7.58 7.48 -12.94
N ILE D 77 6.81 8.56 -13.05
CA ILE D 77 5.60 8.65 -12.24
C ILE D 77 4.53 7.72 -12.78
N GLU D 78 4.49 7.47 -14.09
CA GLU D 78 3.58 6.46 -14.60
CA GLU D 78 3.58 6.46 -14.60
C GLU D 78 3.85 5.10 -13.97
N ASN D 79 5.14 4.73 -13.86
CA ASN D 79 5.52 3.46 -13.26
C ASN D 79 5.23 3.45 -11.77
N LEU D 80 5.47 4.57 -11.08
CA LEU D 80 5.12 4.67 -9.68
C LEU D 80 3.63 4.45 -9.49
N ASN D 81 2.81 5.09 -10.31
CA ASN D 81 1.35 4.93 -10.23
C ASN D 81 0.94 3.47 -10.46
N LYS D 82 1.48 2.86 -11.52
CA LYS D 82 1.13 1.47 -11.81
C LYS D 82 1.52 0.55 -10.66
N LYS D 83 2.74 0.71 -10.13
CA LYS D 83 3.19 -0.15 -9.05
C LYS D 83 2.38 0.08 -7.78
N MET D 84 1.99 1.32 -7.50
CA MET D 84 1.19 1.61 -6.31
CA MET D 84 1.20 1.60 -6.31
C MET D 84 -0.18 0.96 -6.40
N GLU D 85 -0.84 1.11 -7.55
CA GLU D 85 -2.17 0.52 -7.69
C GLU D 85 -2.10 -1.00 -7.69
N ASP D 86 -1.15 -1.57 -8.42
CA ASP D 86 -0.96 -3.01 -8.39
C ASP D 86 -0.63 -3.50 -6.99
N GLY D 87 0.19 -2.74 -6.26
CA GLY D 87 0.54 -3.12 -4.91
C GLY D 87 -0.67 -3.19 -4.01
N PHE D 88 -1.52 -2.18 -4.06
CA PHE D 88 -2.72 -2.21 -3.22
C PHE D 88 -3.67 -3.33 -3.65
N LEU D 89 -3.81 -3.56 -4.95
CA LEU D 89 -4.64 -4.66 -5.42
C LEU D 89 -4.12 -6.00 -4.92
N ASP D 90 -2.80 -6.19 -4.94
CA ASP D 90 -2.22 -7.43 -4.45
C ASP D 90 -2.41 -7.56 -2.94
N VAL D 91 -2.24 -6.46 -2.20
CA VAL D 91 -2.44 -6.50 -0.74
C VAL D 91 -3.85 -6.93 -0.41
N TRP D 92 -4.85 -6.35 -1.09
CA TRP D 92 -6.23 -6.66 -0.76
C TRP D 92 -6.64 -8.05 -1.26
N THR D 93 -6.09 -8.50 -2.39
CA THR D 93 -6.31 -9.88 -2.82
C THR D 93 -5.76 -10.86 -1.79
N TYR D 94 -4.54 -10.61 -1.30
CA TYR D 94 -3.97 -11.42 -0.25
C TYR D 94 -4.86 -11.42 1.00
N ASN D 95 -5.31 -10.24 1.41
CA ASN D 95 -6.18 -10.14 2.59
C ASN D 95 -7.42 -11.01 2.43
N ALA D 96 -8.11 -10.86 1.30
CA ALA D 96 -9.33 -11.62 1.05
C ALA D 96 -9.06 -13.12 1.07
N GLU D 97 -8.07 -13.58 0.28
CA GLU D 97 -7.82 -15.00 0.16
C GLU D 97 -7.39 -15.62 1.49
N LEU D 98 -6.48 -14.95 2.21
CA LEU D 98 -6.01 -15.48 3.48
C LEU D 98 -7.12 -15.52 4.52
N LEU D 99 -7.92 -14.45 4.60
CA LEU D 99 -9.04 -14.45 5.54
C LEU D 99 -10.01 -15.58 5.22
N VAL D 100 -10.28 -15.81 3.93
CA VAL D 100 -11.21 -16.88 3.55
C VAL D 100 -10.65 -18.24 3.97
N LEU D 101 -9.37 -18.49 3.69
CA LEU D 101 -8.75 -19.76 4.09
C LEU D 101 -8.85 -19.98 5.60
N MET D 102 -8.38 -19.00 6.37
CA MET D 102 -8.33 -19.14 7.82
C MET D 102 -9.73 -19.32 8.40
N GLU D 103 -10.69 -18.52 7.95
CA GLU D 103 -12.03 -18.62 8.51
C GLU D 103 -12.76 -19.87 8.01
N ASN D 104 -12.41 -20.40 6.84
CA ASN D 104 -12.99 -21.69 6.44
C ASN D 104 -12.53 -22.79 7.38
N GLU D 105 -11.23 -22.81 7.69
CA GLU D 105 -10.73 -23.78 8.67
C GLU D 105 -11.44 -23.62 10.00
N ARG D 106 -11.56 -22.38 10.47
CA ARG D 106 -12.23 -22.13 11.75
C ARG D 106 -13.70 -22.53 11.70
N THR D 107 -14.37 -22.38 10.56
CA THR D 107 -15.77 -22.76 10.45
C THR D 107 -15.94 -24.27 10.54
N LEU D 108 -15.10 -25.02 9.82
CA LEU D 108 -15.15 -26.47 9.93
C LEU D 108 -14.91 -26.93 11.37
N ASP D 109 -13.88 -26.36 12.01
CA ASP D 109 -13.61 -26.73 13.40
C ASP D 109 -14.74 -26.28 14.35
N PHE D 110 -15.43 -25.19 14.01
CA PHE D 110 -16.56 -24.74 14.80
C PHE D 110 -17.71 -25.73 14.76
N HIS D 111 -18.03 -26.24 13.56
CA HIS D 111 -19.02 -27.31 13.46
C HIS D 111 -18.60 -28.53 14.25
N ASP D 112 -17.32 -28.93 14.13
CA ASP D 112 -16.78 -30.04 14.90
C ASP D 112 -17.02 -29.85 16.40
N SER D 113 -16.66 -28.66 16.89
CA SER D 113 -16.82 -28.34 18.32
C SER D 113 -18.28 -28.39 18.72
N ASN D 114 -19.18 -27.91 17.88
CA ASN D 114 -20.60 -27.94 18.21
C ASN D 114 -21.10 -29.38 18.34
N VAL D 115 -20.69 -30.26 17.42
CA VAL D 115 -21.08 -31.66 17.52
C VAL D 115 -20.57 -32.27 18.82
N LYS D 116 -19.29 -32.05 19.13
CA LYS D 116 -18.72 -32.57 20.37
C LYS D 116 -19.45 -32.03 21.60
N ASN D 117 -19.79 -30.75 21.59
CA ASN D 117 -20.45 -30.14 22.75
C ASN D 117 -21.86 -30.69 22.93
N LEU D 118 -22.58 -30.93 21.82
CA LEU D 118 -23.90 -31.55 21.94
C LEU D 118 -23.78 -32.95 22.51
N TYR D 119 -22.82 -33.72 22.02
CA TYR D 119 -22.56 -35.06 22.56
C TYR D 119 -22.29 -35.00 24.05
N ASP D 120 -21.45 -34.07 24.49
CA ASP D 120 -21.12 -33.97 25.91
C ASP D 120 -22.31 -33.49 26.74
N LYS D 121 -23.15 -32.63 26.17
CA LYS D 121 -24.37 -32.22 26.86
C LYS D 121 -25.25 -33.43 27.16
N VAL D 122 -25.48 -34.27 26.15
CA VAL D 122 -26.27 -35.49 26.39
C VAL D 122 -25.56 -36.40 27.39
N ARG D 123 -24.24 -36.56 27.24
CA ARG D 123 -23.49 -37.46 28.11
C ARG D 123 -23.61 -37.05 29.57
N LEU D 124 -23.45 -35.76 29.84
CA LEU D 124 -23.51 -35.25 31.21
C LEU D 124 -24.93 -35.20 31.75
N GLN D 125 -25.94 -35.15 30.88
CA GLN D 125 -27.31 -35.36 31.36
C GLN D 125 -27.51 -36.80 31.82
N LEU D 126 -27.08 -37.76 31.00
CA LEU D 126 -27.40 -39.15 31.28
C LEU D 126 -26.54 -39.72 32.40
N ARG D 127 -25.26 -39.38 32.45
CA ARG D 127 -24.30 -39.88 33.45
C ARG D 127 -24.33 -41.41 33.38
N ASP D 128 -24.43 -42.12 34.50
CA ASP D 128 -24.38 -43.58 34.52
C ASP D 128 -25.74 -44.22 34.32
N ASN D 129 -26.76 -43.44 33.95
CA ASN D 129 -28.04 -44.01 33.56
C ASN D 129 -28.02 -44.59 32.15
N ALA D 130 -26.95 -44.34 31.39
CA ALA D 130 -26.79 -44.91 30.06
C ALA D 130 -25.32 -45.31 29.86
N LYS D 131 -25.11 -46.18 28.89
CA LYS D 131 -23.79 -46.69 28.58
C LYS D 131 -23.28 -46.02 27.32
N GLU D 132 -22.05 -45.53 27.38
CA GLU D 132 -21.40 -44.88 26.26
C GLU D 132 -20.89 -45.95 25.29
N LEU D 133 -21.46 -45.99 24.08
CA LEU D 133 -21.09 -47.02 23.13
C LEU D 133 -19.81 -46.71 22.37
N GLY D 134 -19.38 -45.45 22.36
CA GLY D 134 -18.14 -45.07 21.71
C GLY D 134 -18.27 -44.63 20.27
N ASN D 135 -19.49 -44.58 19.74
CA ASN D 135 -19.74 -44.19 18.35
C ASN D 135 -20.67 -43.00 18.24
N GLY D 136 -20.90 -42.27 19.32
CA GLY D 136 -21.88 -41.21 19.35
C GLY D 136 -23.22 -41.61 19.93
N CYS D 137 -23.43 -42.88 20.25
CA CYS D 137 -24.70 -43.37 20.76
C CYS D 137 -24.60 -43.71 22.25
N PHE D 138 -25.73 -43.61 22.93
CA PHE D 138 -25.87 -44.03 24.32
C PHE D 138 -26.95 -45.10 24.40
N GLU D 139 -26.67 -46.17 25.14
CA GLU D 139 -27.63 -47.24 25.37
C GLU D 139 -28.17 -47.11 26.80
N PHE D 140 -29.44 -46.73 26.92
CA PHE D 140 -30.01 -46.50 28.25
C PHE D 140 -30.04 -47.79 29.07
N TYR D 141 -29.79 -47.66 30.37
CA TYR D 141 -30.00 -48.74 31.31
C TYR D 141 -31.44 -48.81 31.79
N HIS D 142 -32.29 -47.91 31.32
CA HIS D 142 -33.70 -47.88 31.69
C HIS D 142 -34.53 -47.65 30.44
N LYS D 143 -35.82 -47.90 30.56
CA LYS D 143 -36.72 -47.64 29.44
C LYS D 143 -36.90 -46.13 29.29
N CYS D 144 -36.77 -45.65 28.05
CA CYS D 144 -36.83 -44.22 27.74
C CYS D 144 -37.83 -44.01 26.62
N ASP D 145 -39.07 -43.65 26.98
CA ASP D 145 -40.13 -43.45 26.00
C ASP D 145 -39.93 -42.10 25.31
N ASN D 146 -40.91 -41.71 24.48
CA ASN D 146 -40.79 -40.46 23.72
C ASN D 146 -40.70 -39.24 24.62
N GLU D 147 -41.38 -39.25 25.77
CA GLU D 147 -41.27 -38.12 26.69
C GLU D 147 -39.89 -38.06 27.29
N CYS D 148 -39.32 -39.23 27.63
CA CYS D 148 -37.95 -39.29 28.10
C CYS D 148 -36.96 -38.82 27.03
N MET D 149 -37.12 -39.31 25.80
CA MET D 149 -36.27 -38.88 24.70
C MET D 149 -36.34 -37.37 24.49
N GLU D 150 -37.55 -36.81 24.53
CA GLU D 150 -37.68 -35.37 24.33
C GLU D 150 -37.06 -34.60 25.48
N SER D 151 -37.16 -35.12 26.72
CA SER D 151 -36.47 -34.48 27.83
C SER D 151 -34.96 -34.50 27.63
N VAL D 152 -34.44 -35.56 27.02
CA VAL D 152 -33.01 -35.58 26.69
C VAL D 152 -32.69 -34.53 25.63
N ARG D 153 -33.54 -34.44 24.60
CA ARG D 153 -33.25 -33.54 23.48
C ARG D 153 -33.33 -32.07 23.88
N ASN D 154 -34.29 -31.71 24.74
CA ASN D 154 -34.45 -30.31 25.15
C ASN D 154 -33.63 -29.94 26.38
N GLY D 155 -32.90 -30.89 26.96
CA GLY D 155 -32.04 -30.59 28.10
C GLY D 155 -32.73 -30.60 29.44
N THR D 156 -33.86 -31.31 29.59
CA THR D 156 -34.58 -31.38 30.85
C THR D 156 -34.68 -32.81 31.37
N TYR D 157 -33.76 -33.68 30.97
CA TYR D 157 -33.74 -35.06 31.45
C TYR D 157 -33.62 -35.09 32.96
N ASP D 158 -34.49 -35.88 33.61
CA ASP D 158 -34.59 -35.93 35.06
C ASP D 158 -33.94 -37.23 35.51
N TYR D 159 -32.65 -37.15 35.84
CA TYR D 159 -31.88 -38.33 36.24
C TYR D 159 -32.48 -39.09 37.41
N PRO D 160 -32.88 -38.45 38.53
CA PRO D 160 -33.41 -39.23 39.67
C PRO D 160 -34.67 -40.02 39.34
N GLN D 161 -35.43 -39.64 38.31
CA GLN D 161 -36.62 -40.42 37.97
C GLN D 161 -36.27 -41.81 37.47
N TYR D 162 -35.10 -41.98 36.86
CA TYR D 162 -34.68 -43.26 36.29
C TYR D 162 -33.48 -43.87 36.99
N SER D 163 -32.91 -43.19 38.00
CA SER D 163 -31.65 -43.63 38.56
C SER D 163 -31.75 -45.03 39.18
N GLU D 164 -32.87 -45.34 39.86
CA GLU D 164 -32.98 -46.64 40.52
C GLU D 164 -33.15 -47.77 39.52
N GLU D 165 -34.00 -47.56 38.50
CA GLU D 165 -34.14 -48.56 37.44
C GLU D 165 -32.81 -48.81 36.74
N ALA D 166 -32.08 -47.73 36.43
CA ALA D 166 -30.78 -47.87 35.79
C ALA D 166 -29.79 -48.60 36.69
N ARG D 167 -29.80 -48.30 37.99
CA ARG D 167 -28.89 -48.98 38.92
C ARG D 167 -29.21 -50.47 38.98
N LEU D 168 -30.50 -50.82 39.03
CA LEU D 168 -30.88 -52.23 39.02
C LEU D 168 -30.38 -52.92 37.76
N LYS D 169 -30.54 -52.27 36.59
CA LYS D 169 -30.08 -52.87 35.35
C LYS D 169 -28.56 -53.03 35.35
N ARG D 170 -27.83 -52.01 35.82
CA ARG D 170 -26.37 -52.09 35.87
C ARG D 170 -25.90 -53.20 36.80
N GLU D 171 -26.55 -53.35 37.95
CA GLU D 171 -26.17 -54.41 38.88
C GLU D 171 -26.49 -55.78 38.29
N GLU D 172 -27.61 -55.89 37.57
CA GLU D 172 -27.96 -57.14 36.93
C GLU D 172 -26.94 -57.51 35.86
N ILE D 173 -26.48 -56.53 35.08
CA ILE D 173 -25.49 -56.81 34.04
C ILE D 173 -24.15 -57.17 34.66
N SER D 174 -23.68 -56.37 35.62
CA SER D 174 -22.38 -56.62 36.24
C SER D 174 -22.35 -57.94 36.99
N SER D 175 -23.47 -58.35 37.60
CA SER D 175 -23.52 -59.62 38.32
C SER D 175 -23.67 -60.81 37.39
N GLY D 176 -24.05 -60.59 36.14
CA GLY D 176 -24.30 -61.69 35.22
C GLY D 176 -25.69 -62.28 35.39
N PRO E 3 -1.89 -56.87 38.49
CA PRO E 3 -1.72 -55.75 37.55
C PRO E 3 -1.97 -56.17 36.11
N GLY E 4 -2.88 -55.47 35.43
CA GLY E 4 -3.21 -55.82 34.07
C GLY E 4 -2.24 -55.25 33.06
N ASP E 5 -2.44 -55.66 31.80
CA ASP E 5 -1.67 -55.12 30.70
C ASP E 5 -2.02 -53.64 30.50
N GLN E 6 -1.09 -52.90 29.91
CA GLN E 6 -1.27 -51.46 29.72
C GLN E 6 -0.91 -51.05 28.31
N ILE E 7 -1.65 -50.07 27.79
CA ILE E 7 -1.28 -49.36 26.58
C ILE E 7 -1.35 -47.86 26.89
N CYS E 8 -0.35 -47.12 26.45
CA CYS E 8 -0.22 -45.70 26.74
C CYS E 8 -0.19 -44.90 25.45
N ILE E 9 -0.76 -43.71 25.50
CA ILE E 9 -0.73 -42.78 24.37
C ILE E 9 0.30 -41.70 24.67
N GLY E 10 1.19 -41.44 23.72
CA GLY E 10 2.24 -40.46 23.89
C GLY E 10 2.62 -39.77 22.59
N TYR E 11 3.65 -38.93 22.64
CA TYR E 11 4.03 -38.12 21.48
C TYR E 11 5.54 -38.01 21.40
N HIS E 12 6.01 -37.57 20.23
CA HIS E 12 7.43 -37.53 19.94
C HIS E 12 8.15 -36.49 20.79
N ALA E 13 9.39 -36.78 21.14
CA ALA E 13 10.29 -35.83 21.79
C ALA E 13 11.70 -36.11 21.30
N ASN E 14 12.52 -35.06 21.25
CA ASN E 14 13.91 -35.21 20.84
C ASN E 14 14.76 -34.18 21.58
N ASN E 15 15.99 -33.97 21.10
CA ASN E 15 16.91 -33.01 21.67
C ASN E 15 17.03 -31.75 20.81
N SER E 16 15.97 -31.43 20.07
CA SER E 16 15.97 -30.23 19.25
C SER E 16 15.94 -28.99 20.13
N THR E 17 16.72 -27.98 19.75
CA THR E 17 16.75 -26.69 20.43
C THR E 17 16.17 -25.57 19.56
N GLU E 18 15.63 -25.91 18.39
CA GLU E 18 15.02 -24.90 17.53
C GLU E 18 13.84 -24.24 18.22
N GLN E 19 13.74 -22.92 18.08
CA GLN E 19 12.72 -22.14 18.76
C GLN E 19 11.86 -21.39 17.75
N VAL E 20 10.59 -21.22 18.11
CA VAL E 20 9.64 -20.42 17.34
C VAL E 20 8.91 -19.49 18.30
N ASP E 21 8.26 -18.49 17.72
CA ASP E 21 7.45 -17.55 18.49
C ASP E 21 5.98 -17.71 18.12
N THR E 22 5.11 -17.40 19.07
CA THR E 22 3.68 -17.32 18.87
C THR E 22 3.20 -16.00 19.44
N ILE E 23 1.89 -15.73 19.29
CA ILE E 23 1.33 -14.50 19.82
C ILE E 23 1.45 -14.45 21.34
N MET E 24 1.16 -15.57 22.01
CA MET E 24 1.12 -15.60 23.47
C MET E 24 2.42 -16.03 24.12
N GLU E 25 3.39 -16.54 23.35
CA GLU E 25 4.61 -17.07 23.94
C GLU E 25 5.77 -16.95 22.97
N LYS E 26 6.89 -16.42 23.44
CA LYS E 26 8.11 -16.32 22.65
C LYS E 26 9.09 -17.42 23.05
N ASN E 27 10.01 -17.72 22.13
CA ASN E 27 11.09 -18.67 22.35
C ASN E 27 10.55 -20.03 22.81
N VAL E 28 9.67 -20.60 21.99
CA VAL E 28 9.10 -21.92 22.25
C VAL E 28 9.95 -22.98 21.55
N THR E 29 10.56 -23.85 22.34
CA THR E 29 11.38 -24.93 21.77
C THR E 29 10.48 -26.00 21.15
N VAL E 30 10.79 -26.38 19.91
CA VAL E 30 10.00 -27.34 19.15
C VAL E 30 10.91 -28.47 18.68
N THR E 31 10.29 -29.63 18.43
CA THR E 31 11.06 -30.79 17.95
C THR E 31 11.51 -30.60 16.50
N HIS E 32 10.73 -29.88 15.69
CA HIS E 32 11.07 -29.66 14.29
C HIS E 32 10.61 -28.26 13.90
N ALA E 33 11.43 -27.57 13.12
CA ALA E 33 11.11 -26.26 12.61
C ALA E 33 11.77 -26.07 11.26
N GLN E 34 11.29 -25.07 10.51
CA GLN E 34 11.84 -24.77 9.20
C GLN E 34 12.10 -23.27 9.10
N ASP E 35 13.37 -22.92 8.93
CA ASP E 35 13.74 -21.53 8.64
C ASP E 35 13.33 -21.19 7.21
N ILE E 36 12.62 -20.08 7.05
CA ILE E 36 12.16 -19.65 5.73
C ILE E 36 12.76 -18.31 5.33
N LEU E 37 13.78 -17.84 6.05
CA LEU E 37 14.39 -16.54 5.79
C LEU E 37 15.85 -16.72 5.39
N GLU E 38 16.18 -16.34 4.16
CA GLU E 38 17.57 -16.33 3.71
C GLU E 38 18.27 -15.07 4.22
N LYS E 39 19.42 -15.25 4.85
CA LYS E 39 20.16 -14.13 5.46
C LYS E 39 21.57 -14.00 4.93
N LYS E 40 21.96 -14.80 3.92
CA LYS E 40 23.33 -14.84 3.46
C LYS E 40 23.42 -14.44 1.99
N HIS E 41 24.53 -13.77 1.66
CA HIS E 41 24.86 -13.41 0.28
C HIS E 41 26.37 -13.53 0.11
N ASN E 42 26.82 -13.59 -1.14
CA ASN E 42 28.24 -13.79 -1.42
C ASN E 42 29.02 -12.48 -1.50
N GLY E 43 28.34 -11.34 -1.36
CA GLY E 43 29.03 -10.06 -1.39
C GLY E 43 29.66 -9.69 -2.72
N LYS E 44 29.19 -10.30 -3.81
CA LYS E 44 29.76 -10.07 -5.13
C LYS E 44 28.68 -9.66 -6.12
N LEU E 45 29.10 -8.95 -7.15
CA LEU E 45 28.25 -8.68 -8.32
C LEU E 45 28.56 -9.72 -9.38
N CYS E 46 27.57 -10.51 -9.74
CA CYS E 46 27.77 -11.65 -10.62
C CYS E 46 26.99 -11.47 -11.92
N ASP E 47 27.30 -12.35 -12.88
CA ASP E 47 26.44 -12.48 -14.04
C ASP E 47 25.06 -12.94 -13.61
N LEU E 48 24.06 -12.52 -14.36
CA LEU E 48 22.67 -12.92 -14.10
C LEU E 48 22.30 -13.99 -15.12
N ASP E 49 22.31 -15.24 -14.66
CA ASP E 49 22.02 -16.40 -15.51
C ASP E 49 22.92 -16.39 -16.75
N GLY E 50 24.21 -16.14 -16.52
CA GLY E 50 25.21 -16.17 -17.56
C GLY E 50 25.44 -14.87 -18.31
N VAL E 51 24.64 -13.85 -18.06
CA VAL E 51 24.75 -12.57 -18.78
C VAL E 51 25.43 -11.57 -17.85
N LYS E 52 26.59 -11.08 -18.27
CA LYS E 52 27.39 -10.20 -17.44
C LYS E 52 26.74 -8.82 -17.34
N PRO E 53 26.76 -8.19 -16.17
CA PRO E 53 26.25 -6.82 -16.05
C PRO E 53 27.21 -5.79 -16.63
N LEU E 54 26.64 -4.62 -16.92
CA LEU E 54 27.43 -3.45 -17.30
C LEU E 54 27.79 -2.70 -16.02
N ILE E 55 29.06 -2.76 -15.63
CA ILE E 55 29.54 -2.16 -14.40
C ILE E 55 30.31 -0.89 -14.79
N LEU E 56 29.70 0.27 -14.52
CA LEU E 56 30.23 1.54 -15.00
C LEU E 56 31.41 2.05 -14.19
N ARG E 57 31.73 1.39 -13.07
CA ARG E 57 32.87 1.75 -12.22
C ARG E 57 32.83 3.22 -11.81
N ASP E 58 33.79 4.01 -12.27
CA ASP E 58 33.87 5.42 -11.89
C ASP E 58 33.12 6.34 -12.84
N CYS E 59 32.36 5.79 -13.78
CA CYS E 59 31.63 6.58 -14.77
C CYS E 59 30.15 6.58 -14.46
N SER E 60 29.48 7.70 -14.71
CA SER E 60 28.04 7.78 -14.60
C SER E 60 27.41 7.37 -15.93
N VAL E 61 26.08 7.20 -15.90
CA VAL E 61 25.35 6.92 -17.14
C VAL E 61 25.58 8.04 -18.15
N ALA E 62 25.56 9.30 -17.68
CA ALA E 62 25.80 10.42 -18.59
C ALA E 62 27.22 10.38 -19.15
N GLY E 63 28.21 10.09 -18.30
CA GLY E 63 29.57 9.99 -18.78
C GLY E 63 29.74 8.89 -19.82
N TRP E 64 29.03 7.78 -19.65
CA TRP E 64 29.05 6.70 -20.63
C TRP E 64 28.40 7.14 -21.94
N LEU E 65 27.14 7.59 -21.88
CA LEU E 65 26.38 7.85 -23.11
C LEU E 65 26.95 9.02 -23.89
N LEU E 66 27.37 10.08 -23.20
CA LEU E 66 27.96 11.21 -23.90
C LEU E 66 29.39 10.94 -24.34
N GLY E 67 30.07 9.99 -23.70
CA GLY E 67 31.43 9.66 -24.07
C GLY E 67 32.47 10.53 -23.39
N ASN E 68 32.31 10.73 -22.08
CA ASN E 68 33.35 11.31 -21.26
C ASN E 68 34.68 10.62 -21.58
N PRO E 69 35.71 11.37 -21.97
CA PRO E 69 36.97 10.72 -22.41
C PRO E 69 37.65 9.89 -21.33
N MET E 70 37.23 10.01 -20.08
CA MET E 70 37.70 9.12 -19.02
C MET E 70 36.89 7.83 -18.94
N CYS E 71 35.94 7.62 -19.86
CA CYS E 71 35.05 6.47 -19.83
C CYS E 71 35.23 5.60 -21.08
N ASP E 72 36.43 5.61 -21.65
CA ASP E 72 36.69 4.86 -22.88
C ASP E 72 36.48 3.36 -22.70
N GLU E 73 36.51 2.86 -21.46
CA GLU E 73 36.19 1.46 -21.23
C GLU E 73 34.82 1.07 -21.76
N PHE E 74 33.92 2.04 -21.92
CA PHE E 74 32.54 1.78 -22.31
C PHE E 74 32.21 2.37 -23.67
N ILE E 75 33.22 2.52 -24.54
CA ILE E 75 32.97 3.03 -25.89
C ILE E 75 32.10 2.06 -26.67
N ASN E 76 32.31 0.76 -26.49
CA ASN E 76 31.49 -0.26 -27.13
C ASN E 76 31.24 -1.36 -26.10
N VAL E 77 30.05 -1.36 -25.51
CA VAL E 77 29.74 -2.35 -24.48
C VAL E 77 28.91 -3.47 -25.09
N PRO E 78 29.13 -4.72 -24.70
CA PRO E 78 28.29 -5.82 -25.16
C PRO E 78 26.97 -5.80 -24.40
N GLU E 79 26.08 -6.72 -24.80
CA GLU E 79 24.80 -6.88 -24.12
C GLU E 79 25.01 -7.10 -22.62
N TRP E 80 24.14 -6.49 -21.82
CA TRP E 80 24.22 -6.58 -20.37
C TRP E 80 22.90 -7.09 -19.81
N SER E 81 22.96 -7.56 -18.56
CA SER E 81 21.80 -8.01 -17.81
C SER E 81 21.25 -6.93 -16.89
N TYR E 82 22.14 -6.21 -16.21
CA TYR E 82 21.77 -5.04 -15.43
C TYR E 82 22.97 -4.10 -15.44
N ILE E 83 22.72 -2.85 -15.09
CA ILE E 83 23.75 -1.82 -15.04
C ILE E 83 24.07 -1.56 -13.58
N VAL E 84 25.35 -1.33 -13.27
CA VAL E 84 25.79 -0.98 -11.92
C VAL E 84 26.42 0.41 -11.98
N GLU E 85 25.91 1.32 -11.16
CA GLU E 85 26.44 2.67 -11.08
C GLU E 85 26.75 2.99 -9.61
N LYS E 86 27.87 3.66 -9.38
CA LYS E 86 28.21 4.08 -8.02
C LYS E 86 27.28 5.22 -7.57
N ALA E 87 27.30 5.49 -6.27
CA ALA E 87 26.45 6.54 -5.72
C ALA E 87 26.84 7.91 -6.26
N ASN E 88 28.13 8.18 -6.37
CA ASN E 88 28.63 9.45 -6.87
C ASN E 88 29.81 9.20 -7.81
N PRO E 89 29.54 8.81 -9.05
CA PRO E 89 30.63 8.57 -10.00
C PRO E 89 31.40 9.86 -10.26
N VAL E 90 32.74 9.74 -10.24
CA VAL E 90 33.58 10.92 -10.42
C VAL E 90 33.63 11.35 -11.88
N ASN E 91 33.41 10.43 -12.81
CA ASN E 91 33.45 10.74 -14.25
C ASN E 91 32.03 10.92 -14.74
N ASP E 92 31.56 12.16 -14.74
CA ASP E 92 30.19 12.50 -15.11
C ASP E 92 30.21 13.54 -16.22
N LEU E 93 29.74 14.75 -15.95
CA LEU E 93 29.84 15.84 -16.92
C LEU E 93 31.17 16.55 -16.64
N CYS E 94 32.22 16.13 -17.37
CA CYS E 94 33.53 16.73 -17.17
C CYS E 94 33.49 18.23 -17.42
N TYR E 95 32.91 18.64 -18.55
CA TYR E 95 32.53 20.04 -18.71
C TYR E 95 31.20 20.25 -17.99
N PRO E 96 31.13 21.17 -17.02
CA PRO E 96 29.94 21.24 -16.16
C PRO E 96 28.70 21.66 -16.94
N GLY E 97 27.55 21.30 -16.38
CA GLY E 97 26.29 21.67 -16.97
C GLY E 97 25.13 20.82 -16.50
N ASP E 98 24.19 20.53 -17.40
CA ASP E 98 22.98 19.80 -17.04
C ASP E 98 22.64 18.80 -18.14
N PHE E 99 21.99 17.72 -17.72
CA PHE E 99 21.49 16.69 -18.63
C PHE E 99 19.96 16.72 -18.53
N ASN E 100 19.31 17.20 -19.59
CA ASN E 100 17.87 17.40 -19.56
C ASN E 100 17.12 16.06 -19.49
N ASP E 101 16.11 15.99 -18.61
CA ASP E 101 15.31 14.78 -18.41
C ASP E 101 16.20 13.55 -18.19
N TYR E 102 17.22 13.73 -17.36
CA TYR E 102 18.21 12.68 -17.14
C TYR E 102 17.60 11.45 -16.47
N GLU E 103 16.76 11.68 -15.46
CA GLU E 103 16.17 10.56 -14.74
C GLU E 103 15.19 9.78 -15.61
N GLU E 104 14.47 10.48 -16.50
CA GLU E 104 13.62 9.80 -17.47
C GLU E 104 14.46 8.93 -18.41
N LEU E 105 15.64 9.42 -18.80
CA LEU E 105 16.52 8.62 -19.64
C LEU E 105 17.02 7.38 -18.89
N LYS E 106 17.43 7.54 -17.64
CA LYS E 106 17.86 6.38 -16.86
C LYS E 106 16.72 5.37 -16.70
N HIS E 107 15.50 5.86 -16.51
CA HIS E 107 14.36 4.95 -16.44
C HIS E 107 14.19 4.19 -17.74
N LEU E 108 14.33 4.87 -18.88
CA LEU E 108 14.31 4.18 -20.16
C LEU E 108 15.40 3.11 -20.22
N LEU E 109 16.61 3.45 -19.79
CA LEU E 109 17.73 2.51 -19.79
C LEU E 109 17.41 1.26 -19.00
N SER E 110 16.61 1.41 -17.93
CA SER E 110 16.24 0.25 -17.13
C SER E 110 15.50 -0.80 -17.95
N ARG E 111 15.00 -0.48 -19.15
CA ARG E 111 14.31 -1.44 -19.98
C ARG E 111 15.07 -1.78 -21.27
N ILE E 112 16.38 -1.54 -21.28
CA ILE E 112 17.22 -1.79 -22.44
C ILE E 112 18.35 -2.71 -22.01
N ASN E 113 18.68 -3.68 -22.86
CA ASN E 113 19.76 -4.62 -22.59
C ASN E 113 20.96 -4.48 -23.52
N HIS E 114 20.81 -3.81 -24.66
CA HIS E 114 21.94 -3.69 -25.58
C HIS E 114 21.74 -2.51 -26.52
N PHE E 115 22.80 -1.74 -26.73
CA PHE E 115 22.87 -0.69 -27.72
C PHE E 115 23.80 -1.11 -28.86
N GLU E 116 23.54 -0.57 -30.05
CA GLU E 116 24.50 -0.60 -31.15
C GLU E 116 24.82 0.84 -31.53
N LYS E 117 26.06 1.23 -31.33
CA LYS E 117 26.51 2.58 -31.70
CA LYS E 117 26.50 2.58 -31.70
C LYS E 117 26.43 2.75 -33.21
N ILE E 118 25.88 3.89 -33.65
CA ILE E 118 25.94 4.21 -35.07
C ILE E 118 26.29 5.68 -35.25
N GLN E 119 27.14 5.95 -36.23
CA GLN E 119 27.51 7.31 -36.57
C GLN E 119 26.42 7.90 -37.45
N ILE E 120 25.74 8.94 -36.95
CA ILE E 120 24.63 9.51 -37.71
C ILE E 120 25.10 10.76 -38.44
N ILE E 121 26.12 11.43 -37.90
CA ILE E 121 26.71 12.59 -38.54
C ILE E 121 28.23 12.47 -38.45
N PRO E 122 28.93 12.14 -39.54
CA PRO E 122 30.38 11.99 -39.46
C PRO E 122 31.06 13.28 -39.04
N LYS E 123 32.02 13.15 -38.12
CA LYS E 123 32.79 14.31 -37.67
C LYS E 123 33.52 14.98 -38.83
N SER E 124 33.87 14.21 -39.86
CA SER E 124 34.57 14.73 -41.02
C SER E 124 33.66 15.42 -42.03
N SER E 125 32.34 15.43 -41.79
CA SER E 125 31.40 16.01 -42.74
C SER E 125 31.15 17.49 -42.48
N TRP E 126 31.87 18.11 -41.55
CA TRP E 126 31.69 19.53 -41.24
C TRP E 126 32.71 20.32 -42.05
N SER E 127 32.34 20.62 -43.29
CA SER E 127 33.26 21.28 -44.21
C SER E 127 33.27 22.80 -44.05
N SER E 128 32.21 23.39 -43.49
CA SER E 128 32.12 24.82 -43.29
C SER E 128 32.37 25.25 -41.86
N HIS E 129 32.70 24.32 -40.97
CA HIS E 129 32.94 24.62 -39.57
C HIS E 129 34.17 23.85 -39.09
N GLU E 130 34.76 24.33 -38.00
CA GLU E 130 35.86 23.63 -37.36
C GLU E 130 35.31 22.56 -36.43
N ALA E 131 35.67 21.30 -36.69
CA ALA E 131 35.13 20.18 -35.93
C ALA E 131 36.14 19.54 -34.99
N SER E 132 37.40 19.97 -35.02
CA SER E 132 38.45 19.35 -34.22
C SER E 132 39.08 20.32 -33.23
N LEU E 133 38.45 21.47 -32.98
CA LEU E 133 38.95 22.44 -32.02
C LEU E 133 38.15 22.48 -30.73
N GLY E 134 37.03 21.76 -30.66
CA GLY E 134 36.18 21.82 -29.48
C GLY E 134 36.64 20.96 -28.34
N VAL E 135 37.75 21.33 -27.72
CA VAL E 135 38.31 20.58 -26.60
C VAL E 135 38.48 21.53 -25.41
N SER E 136 38.53 20.95 -24.22
CA SER E 136 38.63 21.72 -22.99
C SER E 136 39.50 20.98 -22.01
N SER E 137 40.17 21.75 -21.13
CA SER E 137 40.91 21.17 -20.02
C SER E 137 39.99 20.61 -18.95
N ALA E 138 38.71 21.00 -18.97
CA ALA E 138 37.77 20.40 -18.04
C ALA E 138 37.49 18.94 -18.37
N CYS E 139 37.80 18.52 -19.61
CA CYS E 139 37.61 17.14 -20.04
C CYS E 139 38.94 16.53 -20.48
N PRO E 140 39.85 16.30 -19.54
CA PRO E 140 41.17 15.80 -19.92
C PRO E 140 41.13 14.34 -20.38
N TYR E 141 42.01 14.02 -21.31
CA TYR E 141 42.31 12.64 -21.68
C TYR E 141 43.82 12.52 -21.75
N GLN E 142 44.40 11.74 -20.84
CA GLN E 142 45.84 11.54 -20.78
C GLN E 142 46.57 12.89 -20.76
N GLY E 143 46.06 13.81 -19.94
CA GLY E 143 46.69 15.10 -19.81
C GLY E 143 46.38 16.10 -20.91
N LYS E 144 45.66 15.69 -21.94
CA LYS E 144 45.34 16.56 -23.07
C LYS E 144 43.92 17.09 -22.91
N SER E 145 43.69 18.31 -23.37
CA SER E 145 42.33 18.83 -23.43
C SER E 145 41.51 17.99 -24.41
N SER E 146 40.30 17.63 -24.02
CA SER E 146 39.49 16.76 -24.86
C SER E 146 38.01 17.11 -24.66
N PHE E 147 37.13 16.19 -25.02
CA PHE E 147 35.70 16.46 -24.93
C PHE E 147 34.94 15.15 -25.02
N PHE E 148 33.66 15.20 -24.69
CA PHE E 148 32.76 14.07 -24.91
C PHE E 148 32.93 13.55 -26.33
N ARG E 149 33.06 12.23 -26.46
CA ARG E 149 33.45 11.63 -27.73
C ARG E 149 32.27 11.44 -28.68
N ASN E 150 31.04 11.35 -28.17
CA ASN E 150 29.91 11.06 -29.01
C ASN E 150 29.25 12.31 -29.58
N VAL E 151 29.70 13.49 -29.16
CA VAL E 151 29.20 14.76 -29.67
C VAL E 151 30.40 15.61 -30.08
N VAL E 152 30.13 16.63 -30.89
CA VAL E 152 31.18 17.45 -31.49
C VAL E 152 30.90 18.90 -31.15
N TRP E 153 31.86 19.53 -30.46
CA TRP E 153 31.80 20.95 -30.13
C TRP E 153 32.31 21.72 -31.34
N LEU E 154 31.37 22.15 -32.18
CA LEU E 154 31.72 22.84 -33.43
C LEU E 154 32.12 24.28 -33.16
N ILE E 155 33.09 24.76 -33.92
CA ILE E 155 33.65 26.11 -33.78
C ILE E 155 33.63 26.77 -35.15
N LYS E 156 33.57 28.10 -35.15
CA LYS E 156 33.59 28.87 -36.39
C LYS E 156 34.85 28.58 -37.20
N LYS E 157 34.75 28.81 -38.51
CA LYS E 157 35.85 28.55 -39.44
C LYS E 157 36.11 29.80 -40.28
N ASN E 158 37.37 30.24 -40.30
CA ASN E 158 37.76 31.47 -40.98
C ASN E 158 36.85 32.64 -40.59
N SER E 159 36.68 32.81 -39.27
CA SER E 159 35.90 33.90 -38.69
C SER E 159 34.44 33.89 -39.15
N THR E 160 33.93 32.73 -39.58
CA THR E 160 32.53 32.62 -40.01
C THR E 160 31.93 31.35 -39.43
N TYR E 161 30.64 31.43 -39.11
CA TYR E 161 29.86 30.28 -38.64
C TYR E 161 28.58 30.27 -39.47
N PRO E 162 28.62 29.64 -40.65
CA PRO E 162 27.41 29.58 -41.49
C PRO E 162 26.31 28.81 -40.79
N THR E 163 25.08 29.07 -41.22
CA THR E 163 23.92 28.40 -40.65
C THR E 163 23.94 26.92 -41.00
N ILE E 164 23.98 26.08 -39.98
CA ILE E 164 23.95 24.64 -40.12
C ILE E 164 22.51 24.19 -40.33
N LYS E 165 22.30 23.36 -41.35
CA LYS E 165 21.04 22.66 -41.57
C LYS E 165 21.38 21.21 -41.91
N ARG E 166 21.16 20.30 -40.96
CA ARG E 166 21.47 18.89 -41.14
C ARG E 166 20.27 18.05 -40.77
N SER E 167 20.06 16.96 -41.50
CA SER E 167 18.97 16.05 -41.23
C SER E 167 19.50 14.63 -41.17
N TYR E 168 18.90 13.81 -40.29
CA TYR E 168 19.18 12.39 -40.27
C TYR E 168 17.88 11.61 -40.23
N ASN E 169 17.69 10.72 -41.19
CA ASN E 169 16.51 9.87 -41.29
C ASN E 169 16.85 8.51 -40.69
N ASN E 170 16.08 8.08 -39.70
CA ASN E 170 16.31 6.78 -39.08
C ASN E 170 15.86 5.67 -40.01
N THR E 171 16.76 5.19 -40.86
CA THR E 171 16.46 4.10 -41.78
C THR E 171 16.60 2.74 -41.13
N ASN E 172 16.98 2.69 -39.85
CA ASN E 172 17.06 1.43 -39.15
C ASN E 172 15.66 0.95 -38.77
N GLN E 173 15.58 -0.27 -38.26
CA GLN E 173 14.30 -0.83 -37.87
C GLN E 173 14.02 -0.66 -36.38
N GLU E 174 15.00 -0.16 -35.63
CA GLU E 174 14.92 0.00 -34.18
C GLU E 174 14.90 1.48 -33.81
N ASP E 175 14.42 1.75 -32.60
CA ASP E 175 14.48 3.10 -32.06
C ASP E 175 15.93 3.56 -31.90
N LEU E 176 16.16 4.86 -32.04
CA LEU E 176 17.49 5.44 -31.96
C LEU E 176 17.53 6.49 -30.87
N LEU E 177 18.45 6.34 -29.92
CA LEU E 177 18.68 7.35 -28.89
C LEU E 177 19.66 8.39 -29.43
N VAL E 178 19.20 9.63 -29.62
CA VAL E 178 20.01 10.70 -30.19
C VAL E 178 20.28 11.74 -29.10
N LEU E 179 21.55 12.15 -28.99
CA LEU E 179 22.02 13.09 -27.99
C LEU E 179 22.65 14.30 -28.66
N TRP E 180 22.38 15.50 -28.13
CA TRP E 180 23.02 16.72 -28.59
C TRP E 180 23.11 17.69 -27.43
N GLY E 181 23.66 18.87 -27.69
CA GLY E 181 23.82 19.82 -26.61
C GLY E 181 23.95 21.25 -27.10
N ILE E 182 23.99 22.16 -26.13
CA ILE E 182 24.18 23.59 -26.38
C ILE E 182 25.20 24.13 -25.38
N HIS E 183 26.04 25.06 -25.83
CA HIS E 183 27.04 25.69 -24.99
C HIS E 183 26.54 27.06 -24.54
N HIS E 184 26.46 27.25 -23.21
CA HIS E 184 26.17 28.53 -22.59
C HIS E 184 27.49 29.18 -22.19
N PRO E 185 27.99 30.17 -22.93
CA PRO E 185 29.31 30.74 -22.64
C PRO E 185 29.27 31.78 -21.52
N ASN E 186 30.45 32.29 -21.17
CA ASN E 186 30.61 33.20 -20.04
CA ASN E 186 30.59 33.20 -20.03
C ASN E 186 30.17 34.62 -20.40
N ASP E 187 30.68 35.15 -21.52
CA ASP E 187 30.45 36.54 -21.88
C ASP E 187 30.32 36.65 -23.40
N ALA E 188 29.93 37.85 -23.84
CA ALA E 188 29.75 38.08 -25.27
C ALA E 188 31.04 37.94 -26.04
N ALA E 189 32.17 38.28 -25.42
CA ALA E 189 33.47 38.12 -26.08
C ALA E 189 33.74 36.66 -26.42
N GLU E 190 33.47 35.76 -25.48
CA GLU E 190 33.65 34.34 -25.76
C GLU E 190 32.68 33.87 -26.83
N GLN E 191 31.45 34.38 -26.81
CA GLN E 191 30.49 34.06 -27.86
C GLN E 191 31.04 34.42 -29.24
N THR E 192 31.57 35.64 -29.38
CA THR E 192 32.13 36.07 -30.65
C THR E 192 33.36 35.24 -31.03
N LYS E 193 34.23 34.96 -30.04
CA LYS E 193 35.44 34.21 -30.31
C LYS E 193 35.15 32.81 -30.81
N LEU E 194 34.13 32.15 -30.25
CA LEU E 194 33.87 30.77 -30.62
C LEU E 194 32.96 30.65 -31.84
N TYR E 195 31.94 31.50 -31.95
CA TYR E 195 30.89 31.31 -32.94
C TYR E 195 30.64 32.52 -33.84
N GLN E 196 31.36 33.63 -33.64
CA GLN E 196 31.24 34.84 -34.44
C GLN E 196 29.86 35.50 -34.30
N ASN E 197 28.80 34.76 -34.60
CA ASN E 197 27.45 35.31 -34.54
C ASN E 197 27.08 35.60 -33.08
N PRO E 198 26.61 36.81 -32.77
CA PRO E 198 26.30 37.15 -31.37
C PRO E 198 24.99 36.59 -30.87
N THR E 199 24.02 36.41 -31.76
CA THR E 199 22.67 35.98 -31.39
C THR E 199 22.40 34.66 -32.12
N THR E 200 22.34 33.56 -31.36
CA THR E 200 22.32 32.23 -31.95
C THR E 200 21.17 31.41 -31.38
N TYR E 201 20.97 30.24 -31.99
CA TYR E 201 19.86 29.35 -31.66
C TYR E 201 20.22 27.95 -32.13
N ILE E 202 19.49 26.97 -31.59
CA ILE E 202 19.53 25.59 -32.09
C ILE E 202 18.10 25.10 -32.18
N SER E 203 17.62 24.86 -33.39
CA SER E 203 16.29 24.29 -33.59
C SER E 203 16.43 22.80 -33.88
N VAL E 204 15.64 21.99 -33.20
CA VAL E 204 15.65 20.54 -33.33
C VAL E 204 14.22 20.07 -33.56
N GLY E 205 14.02 19.27 -34.60
CA GLY E 205 12.68 18.81 -34.89
C GLY E 205 12.59 17.35 -35.28
N THR E 206 11.58 16.66 -34.76
CA THR E 206 11.22 15.34 -35.25
C THR E 206 9.71 15.36 -35.52
N SER E 207 9.11 14.18 -35.60
CA SER E 207 7.66 14.10 -35.72
C SER E 207 6.96 14.58 -34.45
N THR E 208 7.64 14.52 -33.30
CA THR E 208 7.07 14.94 -32.03
C THR E 208 7.84 16.07 -31.36
N LEU E 209 9.14 16.22 -31.65
CA LEU E 209 9.96 17.22 -31.00
C LEU E 209 9.94 18.53 -31.79
N ASN E 210 9.74 19.64 -31.08
CA ASN E 210 9.73 20.98 -31.68
C ASN E 210 10.47 21.91 -30.71
N GLN E 211 11.79 21.89 -30.79
CA GLN E 211 12.66 22.50 -29.80
C GLN E 211 13.43 23.67 -30.41
N ARG E 212 13.57 24.75 -29.65
CA ARG E 212 14.44 25.86 -30.03
C ARG E 212 15.18 26.33 -28.79
N LEU E 213 16.48 26.03 -28.74
CA LEU E 213 17.33 26.39 -27.62
C LEU E 213 18.05 27.71 -27.93
N VAL E 214 18.22 28.52 -26.90
CA VAL E 214 18.95 29.78 -27.03
C VAL E 214 20.04 29.80 -25.97
N PRO E 215 21.28 30.14 -26.34
CA PRO E 215 22.36 30.15 -25.34
C PRO E 215 22.14 31.23 -24.30
N ARG E 216 22.49 30.90 -23.07
CA ARG E 216 22.39 31.83 -21.94
C ARG E 216 23.81 32.26 -21.58
N ILE E 217 24.16 33.48 -21.97
CA ILE E 217 25.49 34.04 -21.72
C ILE E 217 25.45 34.72 -20.37
N ALA E 218 26.24 34.22 -19.42
CA ALA E 218 26.22 34.76 -18.06
C ALA E 218 27.48 34.36 -17.30
N THR E 219 27.74 35.10 -16.23
CA THR E 219 28.87 34.85 -15.34
C THR E 219 28.44 33.88 -14.23
N ARG E 220 29.14 32.76 -14.12
CA ARG E 220 28.80 31.70 -13.17
C ARG E 220 30.04 31.30 -12.38
N SER E 221 29.81 30.62 -11.27
CA SER E 221 30.90 30.05 -10.49
C SER E 221 31.64 29.02 -11.34
N LYS E 222 32.95 28.94 -11.15
CA LYS E 222 33.76 28.00 -11.90
C LYS E 222 33.57 26.59 -11.35
N VAL E 223 33.27 25.65 -12.23
CA VAL E 223 33.18 24.24 -11.90
C VAL E 223 34.09 23.49 -12.87
N ASN E 224 35.00 22.68 -12.34
CA ASN E 224 36.06 22.06 -13.12
C ASN E 224 36.79 23.11 -13.95
N GLY E 225 36.97 24.29 -13.36
CA GLY E 225 37.66 25.39 -14.00
C GLY E 225 36.87 26.18 -15.01
N GLN E 226 35.58 25.89 -15.19
CA GLN E 226 34.79 26.50 -16.24
C GLN E 226 33.60 27.25 -15.65
N SER E 227 33.41 28.49 -16.10
CA SER E 227 32.20 29.23 -15.76
C SER E 227 31.12 29.06 -16.82
N GLY E 228 31.48 28.60 -18.01
CA GLY E 228 30.49 28.21 -19.00
C GLY E 228 29.83 26.89 -18.64
N ARG E 229 28.78 26.56 -19.38
CA ARG E 229 28.01 25.34 -19.12
C ARG E 229 27.68 24.65 -20.42
N MET E 230 27.55 23.33 -20.37
CA MET E 230 27.01 22.53 -21.46
C MET E 230 25.67 21.95 -21.01
N GLU E 231 24.64 22.12 -21.83
CA GLU E 231 23.33 21.56 -21.53
C GLU E 231 22.97 20.54 -22.60
N PHE E 232 22.73 19.30 -22.20
CA PHE E 232 22.53 18.20 -23.13
C PHE E 232 21.07 17.78 -23.17
N PHE E 233 20.62 17.37 -24.35
CA PHE E 233 19.27 16.96 -24.62
C PHE E 233 19.28 15.64 -25.39
N TRP E 234 18.16 14.92 -25.32
CA TRP E 234 18.06 13.63 -25.97
C TRP E 234 16.66 13.42 -26.51
N THR E 235 16.56 12.51 -27.47
CA THR E 235 15.25 12.06 -27.92
C THR E 235 15.36 10.64 -28.45
N ILE E 236 14.21 9.98 -28.53
CA ILE E 236 14.08 8.68 -29.18
C ILE E 236 13.52 8.93 -30.57
N LEU E 237 14.35 8.72 -31.59
CA LEU E 237 13.94 8.83 -32.98
C LEU E 237 13.41 7.47 -33.44
N LYS E 238 12.12 7.42 -33.76
CA LYS E 238 11.47 6.19 -34.16
C LYS E 238 11.82 5.83 -35.60
N PRO E 239 11.66 4.56 -35.97
CA PRO E 239 11.95 4.15 -37.36
C PRO E 239 11.17 4.99 -38.37
N ASN E 240 11.85 5.31 -39.48
CA ASN E 240 11.35 6.10 -40.60
C ASN E 240 11.10 7.55 -40.25
N ASP E 241 11.41 8.00 -39.03
CA ASP E 241 11.34 9.40 -38.69
C ASP E 241 12.72 10.03 -38.86
N ALA E 242 12.73 11.34 -39.08
CA ALA E 242 13.97 12.08 -39.25
C ALA E 242 14.07 13.17 -38.19
N ILE E 243 15.30 13.50 -37.83
CA ILE E 243 15.61 14.58 -36.91
C ILE E 243 16.35 15.66 -37.68
N ASN E 244 15.92 16.91 -37.51
CA ASN E 244 16.48 18.06 -38.21
C ASN E 244 17.10 19.02 -37.21
N PHE E 245 18.35 19.37 -37.46
CA PHE E 245 19.09 20.36 -36.67
C PHE E 245 19.33 21.59 -37.53
N GLU E 246 19.13 22.77 -36.94
CA GLU E 246 19.54 24.02 -37.57
C GLU E 246 20.15 24.92 -36.51
N SER E 247 21.29 25.52 -36.81
CA SER E 247 21.95 26.33 -35.80
C SER E 247 22.99 27.26 -36.41
N ASN E 248 23.08 28.48 -35.87
CA ASN E 248 24.14 29.40 -36.25
C ASN E 248 25.14 29.63 -35.11
N GLY E 249 25.24 28.70 -34.17
CA GLY E 249 26.24 28.79 -33.13
C GLY E 249 25.87 27.98 -31.91
N ASN E 250 26.88 27.72 -31.09
CA ASN E 250 26.76 27.06 -29.79
C ASN E 250 26.25 25.63 -29.89
N PHE E 251 26.27 25.04 -31.09
CA PHE E 251 25.73 23.71 -31.33
C PHE E 251 26.75 22.65 -30.91
N ILE E 252 26.33 21.75 -30.01
CA ILE E 252 27.10 20.55 -29.68
C ILE E 252 26.45 19.42 -30.46
N ALA E 253 26.98 19.17 -31.65
CA ALA E 253 26.32 18.33 -32.64
C ALA E 253 26.46 16.84 -32.31
N PRO E 254 25.48 16.02 -32.69
CA PRO E 254 25.67 14.58 -32.57
C PRO E 254 26.71 14.09 -33.56
N GLU E 255 27.47 13.08 -33.15
CA GLU E 255 28.17 12.21 -34.09
C GLU E 255 27.65 10.78 -33.99
N TYR E 256 27.67 10.19 -32.80
CA TYR E 256 27.18 8.85 -32.57
C TYR E 256 25.86 8.88 -31.80
N ALA E 257 24.92 8.06 -32.24
CA ALA E 257 23.69 7.77 -31.54
C ALA E 257 23.68 6.29 -31.20
N TYR E 258 22.67 5.88 -30.42
CA TYR E 258 22.57 4.51 -29.91
C TYR E 258 21.30 3.87 -30.44
N LYS E 259 21.46 2.84 -31.26
CA LYS E 259 20.33 2.02 -31.71
C LYS E 259 19.95 1.03 -30.60
N ILE E 260 18.67 0.97 -30.28
CA ILE E 260 18.18 0.07 -29.24
C ILE E 260 17.93 -1.28 -29.89
N VAL E 261 18.88 -2.20 -29.73
CA VAL E 261 18.80 -3.49 -30.41
C VAL E 261 18.21 -4.61 -29.55
N LYS E 262 18.19 -4.45 -28.23
CA LYS E 262 17.56 -5.46 -27.38
C LYS E 262 16.92 -4.79 -26.17
N LYS E 263 15.64 -5.06 -25.97
CA LYS E 263 14.87 -4.56 -24.84
C LYS E 263 14.50 -5.71 -23.91
N GLY E 264 14.36 -5.40 -22.61
CA GLY E 264 14.01 -6.42 -21.65
C GLY E 264 13.90 -5.83 -20.27
N ASP E 265 13.68 -6.72 -19.30
CA ASP E 265 13.54 -6.31 -17.91
C ASP E 265 14.92 -6.17 -17.30
N SER E 266 15.35 -4.92 -17.07
CA SER E 266 16.64 -4.65 -16.46
C SER E 266 16.51 -3.63 -15.34
N THR E 267 17.64 -3.15 -14.81
CA THR E 267 17.61 -2.14 -13.77
C THR E 267 18.98 -1.49 -13.67
N ILE E 268 18.99 -0.29 -13.11
CA ILE E 268 20.23 0.41 -12.76
C ILE E 268 20.40 0.30 -11.26
N MET E 269 21.30 -0.59 -10.86
CA MET E 269 21.59 -0.89 -9.47
C MET E 269 22.67 0.06 -8.96
N LYS E 270 22.41 0.68 -7.81
CA LYS E 270 23.37 1.55 -7.15
C LYS E 270 24.21 0.71 -6.19
N SER E 271 25.51 0.62 -6.45
CA SER E 271 26.38 -0.18 -5.60
C SER E 271 27.83 0.29 -5.78
N GLU E 272 28.59 0.21 -4.70
CA GLU E 272 30.01 0.50 -4.74
C GLU E 272 30.86 -0.72 -5.08
N LEU E 273 30.27 -1.91 -5.10
CA LEU E 273 30.99 -3.12 -5.46
C LEU E 273 31.31 -3.13 -6.95
N GLU E 274 32.21 -4.03 -7.33
CA GLU E 274 32.50 -4.23 -8.75
C GLU E 274 32.46 -5.72 -9.08
N TYR E 275 32.92 -6.09 -10.27
CA TYR E 275 32.73 -7.44 -10.77
C TYR E 275 33.36 -8.48 -9.85
N GLY E 276 32.64 -9.57 -9.62
CA GLY E 276 33.11 -10.63 -8.74
C GLY E 276 33.41 -11.94 -9.43
N ASN E 277 33.32 -11.97 -10.76
CA ASN E 277 33.61 -13.16 -11.56
C ASN E 277 32.82 -14.37 -11.06
N CYS E 278 31.49 -14.23 -11.10
CA CYS E 278 30.59 -15.27 -10.63
C CYS E 278 29.31 -15.23 -11.44
N ASN E 279 28.45 -16.21 -11.20
CA ASN E 279 27.15 -16.29 -11.86
C ASN E 279 26.09 -16.57 -10.80
N THR E 280 24.88 -16.06 -11.04
CA THR E 280 23.80 -16.21 -10.07
C THR E 280 22.47 -16.10 -10.80
N LYS E 281 21.41 -16.45 -10.06
CA LYS E 281 20.04 -16.27 -10.52
C LYS E 281 19.36 -15.09 -9.85
N CYS E 282 19.95 -14.55 -8.78
CA CYS E 282 19.37 -13.47 -8.01
C CYS E 282 20.48 -12.55 -7.53
N GLN E 283 20.38 -11.26 -7.87
CA GLN E 283 21.40 -10.27 -7.54
C GLN E 283 20.80 -9.13 -6.75
N THR E 284 21.52 -8.71 -5.71
CA THR E 284 21.21 -7.54 -4.90
C THR E 284 22.40 -6.59 -4.91
N PRO E 285 22.20 -5.31 -4.58
CA PRO E 285 23.33 -4.37 -4.57
C PRO E 285 24.42 -4.74 -3.59
N MET E 286 24.15 -5.58 -2.60
CA MET E 286 25.13 -6.01 -1.62
C MET E 286 25.79 -7.34 -1.98
N GLY E 287 25.20 -8.11 -2.88
CA GLY E 287 25.72 -9.41 -3.22
C GLY E 287 24.64 -10.28 -3.81
N ALA E 288 25.08 -11.43 -4.33
CA ALA E 288 24.19 -12.38 -4.97
C ALA E 288 23.63 -13.36 -3.94
N ILE E 289 22.48 -13.95 -4.29
CA ILE E 289 21.78 -14.89 -3.42
C ILE E 289 21.67 -16.22 -4.13
N ASN E 290 22.04 -17.29 -3.44
CA ASN E 290 21.89 -18.67 -3.89
C ASN E 290 21.13 -19.40 -2.79
N SER E 291 19.82 -19.55 -2.98
CA SER E 291 18.98 -20.02 -1.89
C SER E 291 17.71 -20.65 -2.42
N SER E 292 17.16 -21.58 -1.66
CA SER E 292 15.85 -22.15 -1.88
C SER E 292 14.81 -21.57 -0.93
N MET E 293 15.23 -20.69 -0.03
CA MET E 293 14.23 -20.23 0.91
CA MET E 293 14.33 -20.09 0.96
C MET E 293 13.31 -19.20 0.27
N PRO E 294 12.06 -19.13 0.75
CA PRO E 294 11.07 -18.25 0.12
C PRO E 294 11.25 -16.78 0.45
N PHE E 295 11.95 -16.45 1.53
CA PHE E 295 12.15 -15.06 1.93
C PHE E 295 13.63 -14.76 2.10
N HIS E 296 13.95 -13.47 2.02
CA HIS E 296 15.29 -13.00 2.32
C HIS E 296 15.18 -11.59 2.89
N ASN E 297 16.23 -11.16 3.58
CA ASN E 297 16.27 -9.82 4.17
C ASN E 297 17.53 -9.07 3.73
N ILE E 298 18.11 -9.43 2.59
CA ILE E 298 19.37 -8.83 2.16
C ILE E 298 19.16 -7.37 1.76
N HIS E 299 18.31 -7.14 0.76
CA HIS E 299 18.12 -5.81 0.20
C HIS E 299 16.82 -5.82 -0.60
N PRO E 300 16.01 -4.76 -0.53
CA PRO E 300 14.73 -4.79 -1.25
C PRO E 300 14.87 -4.74 -2.76
N LEU E 301 15.95 -4.17 -3.28
CA LEU E 301 16.12 -3.99 -4.72
C LEU E 301 16.90 -5.19 -5.25
N THR E 302 16.21 -6.15 -5.85
CA THR E 302 16.85 -7.33 -6.41
C THR E 302 16.47 -7.47 -7.88
N ILE E 303 17.20 -8.34 -8.58
CA ILE E 303 16.86 -8.70 -9.94
C ILE E 303 17.14 -10.18 -10.13
N GLY E 304 16.27 -10.85 -10.87
CA GLY E 304 16.39 -12.26 -11.14
C GLY E 304 15.31 -13.08 -10.45
N GLU E 305 15.56 -14.38 -10.36
CA GLU E 305 14.67 -15.29 -9.65
C GLU E 305 15.02 -15.23 -8.17
N CYS E 306 14.29 -14.41 -7.41
CA CYS E 306 14.67 -14.10 -6.04
C CYS E 306 13.58 -14.52 -5.06
N PRO E 307 13.95 -14.77 -3.80
CA PRO E 307 12.94 -14.86 -2.75
C PRO E 307 12.30 -13.49 -2.51
N LYS E 308 11.25 -13.49 -1.72
CA LYS E 308 10.56 -12.25 -1.39
C LYS E 308 11.25 -11.54 -0.23
N TYR E 309 11.44 -10.23 -0.38
CA TYR E 309 12.14 -9.45 0.63
C TYR E 309 11.21 -9.07 1.77
N VAL E 310 11.71 -9.23 3.00
CA VAL E 310 11.06 -8.75 4.21
C VAL E 310 12.13 -8.12 5.09
N LYS E 311 11.69 -7.20 5.96
CA LYS E 311 12.60 -6.56 6.90
C LYS E 311 12.88 -7.40 8.13
N SER E 312 12.39 -8.63 8.17
CA SER E 312 12.51 -9.47 9.35
C SER E 312 13.96 -9.88 9.59
N ASN E 313 14.32 -10.02 10.86
CA ASN E 313 15.61 -10.60 11.20
C ASN E 313 15.54 -12.11 11.37
N ARG E 314 14.35 -12.67 11.57
CA ARG E 314 14.16 -14.10 11.76
C ARG E 314 12.73 -14.46 11.37
N LEU E 315 12.58 -15.57 10.64
CA LEU E 315 11.28 -16.09 10.24
C LEU E 315 11.39 -17.61 10.24
N VAL E 316 10.86 -18.24 11.30
CA VAL E 316 10.96 -19.69 11.48
C VAL E 316 9.56 -20.25 11.69
N LEU E 317 9.14 -21.18 10.84
CA LEU E 317 7.85 -21.84 10.97
C LEU E 317 7.99 -23.08 11.83
N ALA E 318 7.07 -23.24 12.79
CA ALA E 318 7.02 -24.49 13.55
C ALA E 318 6.44 -25.59 12.67
N THR E 319 7.09 -26.73 12.66
CA THR E 319 6.57 -27.91 11.98
C THR E 319 6.30 -29.06 12.93
N GLY E 320 7.16 -29.26 13.92
CA GLY E 320 6.96 -30.28 14.93
C GLY E 320 6.18 -29.77 16.11
N LEU E 321 6.28 -30.51 17.21
CA LEU E 321 5.53 -30.22 18.43
C LEU E 321 6.43 -29.55 19.47
N ARG E 322 5.80 -29.01 20.49
CA ARG E 322 6.54 -28.42 21.61
C ARG E 322 7.43 -29.49 22.26
N ASN E 323 8.73 -29.22 22.31
CA ASN E 323 9.70 -30.24 22.70
C ASN E 323 9.80 -30.28 24.22
N SER E 324 9.57 -31.47 24.79
CA SER E 324 9.66 -31.62 26.24
C SER E 324 11.13 -31.63 26.66
N PRO E 325 11.50 -30.86 27.69
CA PRO E 325 12.88 -30.78 28.19
C PRO E 325 13.35 -32.07 28.84
N GLY F 1 -1.29 -26.26 26.52
CA GLY F 1 -1.89 -26.13 25.21
C GLY F 1 -3.41 -26.09 25.25
N LEU F 2 -4.02 -25.71 24.13
CA LEU F 2 -5.47 -25.53 24.08
C LEU F 2 -6.22 -26.82 24.36
N PHE F 3 -5.64 -27.96 24.01
CA PHE F 3 -6.35 -29.24 24.12
C PHE F 3 -5.87 -30.09 25.28
N GLY F 4 -4.95 -29.58 26.10
CA GLY F 4 -4.62 -30.20 27.36
C GLY F 4 -3.91 -31.53 27.30
N ALA F 5 -3.49 -31.98 26.11
CA ALA F 5 -2.81 -33.28 25.99
C ALA F 5 -1.30 -33.12 26.10
N ILE F 6 -0.69 -32.46 25.12
CA ILE F 6 0.76 -32.24 25.12
C ILE F 6 1.13 -31.36 26.31
N ALA F 7 2.07 -31.84 27.13
CA ALA F 7 2.50 -31.17 28.35
C ALA F 7 1.31 -30.87 29.26
N GLY F 8 0.28 -31.72 29.18
CA GLY F 8 -0.90 -31.58 30.01
C GLY F 8 -1.11 -32.81 30.87
N PHE F 9 -2.16 -33.59 30.60
CA PHE F 9 -2.32 -34.85 31.34
C PHE F 9 -1.32 -35.90 30.88
N ILE F 10 -0.69 -35.72 29.72
CA ILE F 10 0.47 -36.49 29.31
C ILE F 10 1.69 -35.62 29.60
N GLU F 11 2.41 -35.98 30.66
CA GLU F 11 3.39 -35.07 31.25
C GLU F 11 4.49 -34.70 30.27
N GLY F 12 4.99 -35.69 29.51
CA GLY F 12 6.12 -35.44 28.63
C GLY F 12 6.08 -36.31 27.40
N GLY F 13 6.99 -36.01 26.47
CA GLY F 13 7.11 -36.78 25.26
C GLY F 13 8.03 -37.98 25.43
N TRP F 14 8.08 -38.80 24.38
CA TRP F 14 8.88 -40.02 24.39
C TRP F 14 10.05 -39.86 23.43
N GLN F 15 11.27 -39.84 23.98
CA GLN F 15 12.45 -39.88 23.13
C GLN F 15 12.56 -41.21 22.39
N GLY F 16 12.00 -42.28 22.95
CA GLY F 16 12.11 -43.59 22.36
C GLY F 16 11.26 -43.80 21.11
N MET F 17 10.28 -42.93 20.88
CA MET F 17 9.45 -43.01 19.69
C MET F 17 10.02 -42.06 18.65
N VAL F 18 10.70 -42.62 17.66
CA VAL F 18 11.41 -41.83 16.66
C VAL F 18 10.75 -41.87 15.29
N ASP F 19 9.98 -42.92 14.98
CA ASP F 19 9.40 -43.10 13.66
C ASP F 19 8.03 -42.46 13.50
N GLY F 20 7.67 -41.53 14.39
CA GLY F 20 6.38 -40.86 14.25
C GLY F 20 6.23 -39.75 15.27
N TRP F 21 5.23 -38.91 15.03
CA TRP F 21 4.93 -37.81 15.96
C TRP F 21 4.06 -38.29 17.11
N TYR F 22 3.11 -39.17 16.84
CA TYR F 22 2.22 -39.71 17.85
C TYR F 22 2.22 -41.23 17.76
N GLY F 23 1.89 -41.87 18.88
CA GLY F 23 1.84 -43.31 18.89
C GLY F 23 1.51 -43.86 20.26
N TYR F 24 1.87 -45.11 20.47
CA TYR F 24 1.48 -45.87 21.65
C TYR F 24 2.70 -46.49 22.29
N HIS F 25 2.60 -46.75 23.59
CA HIS F 25 3.52 -47.62 24.29
C HIS F 25 2.70 -48.70 24.98
N HIS F 26 2.96 -49.96 24.65
CA HIS F 26 2.22 -51.07 25.21
C HIS F 26 3.11 -51.91 26.12
N SER F 27 2.45 -52.64 27.02
CA SER F 27 3.14 -53.51 27.98
C SER F 27 2.22 -54.67 28.33
N ASN F 28 2.59 -55.88 27.95
CA ASN F 28 1.84 -57.08 28.28
C ASN F 28 2.83 -58.19 28.60
N GLU F 29 2.31 -59.42 28.76
CA GLU F 29 3.16 -60.55 29.14
C GLU F 29 4.28 -60.77 28.14
N GLN F 30 4.02 -60.52 26.85
CA GLN F 30 5.02 -60.73 25.81
C GLN F 30 6.07 -59.64 25.75
N GLY F 31 5.96 -58.59 26.57
CA GLY F 31 6.94 -57.52 26.58
C GLY F 31 6.29 -56.17 26.44
N SER F 32 7.13 -55.16 26.23
CA SER F 32 6.68 -53.77 26.12
C SER F 32 7.40 -53.12 24.94
N GLY F 33 6.84 -52.01 24.48
CA GLY F 33 7.50 -51.28 23.40
C GLY F 33 6.67 -50.14 22.86
N TYR F 34 7.34 -49.35 22.01
CA TYR F 34 6.76 -48.20 21.32
C TYR F 34 6.27 -48.60 19.94
N ALA F 35 5.25 -47.89 19.46
CA ALA F 35 4.74 -48.08 18.10
C ALA F 35 4.09 -46.78 17.65
N ALA F 36 4.66 -46.14 16.64
CA ALA F 36 4.08 -44.90 16.14
C ALA F 36 2.74 -45.17 15.45
N ASP F 37 1.81 -44.24 15.64
CA ASP F 37 0.50 -44.32 14.99
C ASP F 37 0.65 -43.83 13.56
N LYS F 38 0.53 -44.76 12.61
CA LYS F 38 0.83 -44.46 11.22
C LYS F 38 -0.09 -43.37 10.68
N GLU F 39 -1.40 -43.53 10.92
CA GLU F 39 -2.40 -42.71 10.25
C GLU F 39 -2.38 -41.26 10.74
N SER F 40 -2.40 -41.06 12.06
CA SER F 40 -2.42 -39.70 12.60
C SER F 40 -1.12 -38.96 12.28
N THR F 41 0.01 -39.67 12.33
CA THR F 41 1.27 -39.04 11.97
C THR F 41 1.28 -38.61 10.50
N GLN F 42 0.79 -39.47 9.61
CA GLN F 42 0.75 -39.09 8.19
C GLN F 42 -0.21 -37.93 7.97
N LYS F 43 -1.33 -37.91 8.69
CA LYS F 43 -2.28 -36.80 8.59
C LYS F 43 -1.64 -35.49 9.03
N ALA F 44 -0.89 -35.52 10.15
CA ALA F 44 -0.22 -34.31 10.62
C ALA F 44 0.85 -33.86 9.63
N ILE F 45 1.59 -34.81 9.05
CA ILE F 45 2.61 -34.45 8.06
C ILE F 45 1.98 -33.76 6.87
N ASP F 46 0.90 -34.34 6.35
CA ASP F 46 0.19 -33.72 5.23
C ASP F 46 -0.30 -32.32 5.58
N GLY F 47 -0.91 -32.17 6.77
CA GLY F 47 -1.42 -30.88 7.18
C GLY F 47 -0.33 -29.82 7.27
N VAL F 48 0.79 -30.16 7.93
CA VAL F 48 1.86 -29.19 8.12
C VAL F 48 2.52 -28.84 6.79
N THR F 49 2.72 -29.83 5.92
CA THR F 49 3.29 -29.57 4.60
C THR F 49 2.39 -28.64 3.80
N ASN F 50 1.08 -28.94 3.77
CA ASN F 50 0.15 -28.07 3.07
C ASN F 50 0.13 -26.67 3.66
N LYS F 51 0.27 -26.55 4.99
CA LYS F 51 0.30 -25.24 5.63
C LYS F 51 1.51 -24.44 5.17
N VAL F 52 2.70 -25.05 5.22
CA VAL F 52 3.91 -24.34 4.80
C VAL F 52 3.79 -23.91 3.34
N ASN F 53 3.36 -24.83 2.47
CA ASN F 53 3.24 -24.51 1.06
C ASN F 53 2.19 -23.43 0.82
N SER F 54 1.10 -23.44 1.59
CA SER F 54 0.06 -22.43 1.44
C SER F 54 0.57 -21.05 1.84
N ILE F 55 1.32 -20.98 2.94
CA ILE F 55 1.91 -19.71 3.36
C ILE F 55 2.83 -19.17 2.26
N ILE F 56 3.76 -20.02 1.81
CA ILE F 56 4.72 -19.60 0.78
C ILE F 56 3.98 -19.13 -0.48
N ASP F 57 2.97 -19.89 -0.92
CA ASP F 57 2.24 -19.54 -2.13
C ASP F 57 1.40 -18.28 -1.94
N LYS F 58 0.93 -18.02 -0.71
CA LYS F 58 0.22 -16.78 -0.47
C LYS F 58 1.16 -15.58 -0.45
N MET F 59 2.46 -15.83 -0.28
CA MET F 59 3.46 -14.78 -0.45
C MET F 59 4.04 -14.75 -1.87
N ASN F 60 3.35 -15.35 -2.85
CA ASN F 60 3.88 -15.42 -4.21
C ASN F 60 3.84 -14.06 -4.90
N THR F 61 2.76 -13.30 -4.72
CA THR F 61 2.58 -12.05 -5.45
C THR F 61 2.75 -10.82 -4.57
N GLN F 62 3.80 -10.80 -3.75
CA GLN F 62 4.03 -9.66 -2.88
C GLN F 62 4.78 -8.55 -3.61
N PHE F 63 4.84 -7.38 -2.98
CA PHE F 63 5.40 -6.20 -3.60
C PHE F 63 6.89 -6.37 -3.91
N GLU F 64 7.29 -5.94 -5.10
CA GLU F 64 8.68 -5.94 -5.55
C GLU F 64 9.14 -4.50 -5.77
N ALA F 65 10.16 -4.08 -5.02
CA ALA F 65 10.63 -2.71 -5.11
C ALA F 65 11.34 -2.45 -6.44
N VAL F 66 11.22 -1.21 -6.91
CA VAL F 66 11.79 -0.77 -8.18
C VAL F 66 12.57 0.51 -7.93
N GLY F 67 13.80 0.58 -8.44
CA GLY F 67 14.61 1.77 -8.28
C GLY F 67 14.13 2.89 -9.19
N ARG F 68 13.79 4.04 -8.61
CA ARG F 68 13.46 5.25 -9.36
C ARG F 68 14.28 6.40 -8.82
N GLU F 69 14.69 7.31 -9.70
CA GLU F 69 15.54 8.42 -9.34
C GLU F 69 14.87 9.75 -9.68
N PHE F 70 15.20 10.78 -8.89
CA PHE F 70 14.58 12.09 -9.01
C PHE F 70 15.64 13.16 -8.81
N ASN F 71 15.45 14.31 -9.45
CA ASN F 71 16.45 15.36 -9.33
C ASN F 71 16.17 16.22 -8.10
N ASN F 72 17.01 17.25 -7.92
CA ASN F 72 16.99 18.04 -6.70
C ASN F 72 15.73 18.90 -6.55
N LEU F 73 15.00 19.12 -7.63
CA LEU F 73 13.74 19.85 -7.56
C LEU F 73 12.53 18.93 -7.71
N GLU F 74 12.71 17.64 -7.42
CA GLU F 74 11.63 16.67 -7.39
C GLU F 74 11.57 15.98 -6.03
N ARG F 75 11.84 16.75 -4.96
CA ARG F 75 11.92 16.15 -3.64
C ARG F 75 10.57 15.64 -3.14
N ARG F 76 9.48 16.32 -3.51
CA ARG F 76 8.17 15.85 -3.08
C ARG F 76 7.85 14.47 -3.64
N ILE F 77 8.00 14.30 -4.96
CA ILE F 77 7.67 13.00 -5.54
CA ILE F 77 7.68 13.00 -5.55
C ILE F 77 8.72 11.96 -5.17
N GLU F 78 9.97 12.37 -4.93
CA GLU F 78 10.97 11.44 -4.44
C GLU F 78 10.56 10.89 -3.06
N ASN F 79 10.11 11.77 -2.18
CA ASN F 79 9.62 11.36 -0.86
C ASN F 79 8.38 10.49 -0.99
N LEU F 80 7.47 10.85 -1.89
CA LEU F 80 6.29 10.03 -2.14
C LEU F 80 6.69 8.63 -2.56
N ASN F 81 7.64 8.53 -3.49
CA ASN F 81 8.10 7.23 -3.98
C ASN F 81 8.70 6.41 -2.85
N LYS F 82 9.57 7.04 -2.05
CA LYS F 82 10.21 6.35 -0.93
C LYS F 82 9.17 5.85 0.06
N LYS F 83 8.20 6.70 0.41
CA LYS F 83 7.18 6.31 1.37
C LYS F 83 6.29 5.21 0.80
N MET F 84 5.99 5.25 -0.49
CA MET F 84 5.20 4.20 -1.12
C MET F 84 5.91 2.85 -1.04
N GLU F 85 7.19 2.82 -1.45
CA GLU F 85 7.94 1.57 -1.43
C GLU F 85 8.15 1.05 -0.01
N ASP F 86 8.56 1.94 0.91
CA ASP F 86 8.71 1.55 2.31
C ASP F 86 7.39 1.06 2.89
N GLY F 87 6.28 1.73 2.55
CA GLY F 87 4.98 1.31 3.05
C GLY F 87 4.63 -0.09 2.62
N PHE F 88 4.81 -0.40 1.33
CA PHE F 88 4.50 -1.76 0.88
C PHE F 88 5.43 -2.78 1.52
N LEU F 89 6.72 -2.44 1.68
CA LEU F 89 7.64 -3.35 2.35
C LEU F 89 7.20 -3.63 3.79
N ASP F 90 6.76 -2.59 4.50
CA ASP F 90 6.29 -2.76 5.88
C ASP F 90 5.03 -3.61 5.92
N VAL F 91 4.11 -3.38 4.97
CA VAL F 91 2.88 -4.16 4.91
C VAL F 91 3.21 -5.64 4.73
N TRP F 92 4.11 -5.96 3.80
CA TRP F 92 4.40 -7.37 3.55
C TRP F 92 5.25 -8.01 4.63
N THR F 93 6.14 -7.24 5.27
CA THR F 93 6.85 -7.75 6.43
C THR F 93 5.87 -8.09 7.56
N TYR F 94 4.91 -7.19 7.81
CA TYR F 94 3.86 -7.48 8.79
C TYR F 94 3.08 -8.73 8.42
N ASN F 95 2.65 -8.84 7.15
CA ASN F 95 1.91 -10.02 6.73
C ASN F 95 2.68 -11.30 7.02
N ALA F 96 3.95 -11.35 6.59
CA ALA F 96 4.75 -12.54 6.79
C ALA F 96 4.91 -12.87 8.28
N GLU F 97 5.35 -11.89 9.07
CA GLU F 97 5.62 -12.15 10.49
C GLU F 97 4.35 -12.56 11.23
N LEU F 98 3.25 -11.85 10.99
CA LEU F 98 2.00 -12.16 11.68
C LEU F 98 1.47 -13.53 11.27
N LEU F 99 1.49 -13.85 9.98
CA LEU F 99 1.03 -15.15 9.55
C LEU F 99 1.87 -16.26 10.18
N VAL F 100 3.18 -16.05 10.27
CA VAL F 100 4.05 -17.05 10.89
C VAL F 100 3.69 -17.24 12.36
N LEU F 101 3.52 -16.13 13.10
CA LEU F 101 3.13 -16.24 14.51
C LEU F 101 1.83 -17.00 14.68
N MET F 102 0.79 -16.57 13.97
CA MET F 102 -0.53 -17.17 14.12
C MET F 102 -0.52 -18.65 13.74
N GLU F 103 0.11 -18.98 12.62
CA GLU F 103 0.10 -20.38 12.19
C GLU F 103 1.03 -21.25 13.03
N ASN F 104 2.07 -20.68 13.65
CA ASN F 104 2.86 -21.45 14.59
C ASN F 104 2.03 -21.85 15.80
N GLU F 105 1.26 -20.89 16.33
CA GLU F 105 0.36 -21.20 17.43
C GLU F 105 -0.62 -22.29 17.02
N ARG F 106 -1.23 -22.14 15.84
CA ARG F 106 -2.18 -23.14 15.38
C ARG F 106 -1.52 -24.50 15.15
N THR F 107 -0.25 -24.53 14.75
CA THR F 107 0.43 -25.80 14.52
C THR F 107 0.69 -26.53 15.83
N LEU F 108 1.16 -25.80 16.84
CA LEU F 108 1.35 -26.42 18.15
C LEU F 108 0.02 -26.96 18.69
N ASP F 109 -1.04 -26.16 18.59
CA ASP F 109 -2.35 -26.62 19.05
C ASP F 109 -2.86 -27.78 18.21
N PHE F 110 -2.47 -27.85 16.94
CA PHE F 110 -2.87 -28.94 16.06
C PHE F 110 -2.25 -30.25 16.51
N HIS F 111 -0.96 -30.22 16.84
CA HIS F 111 -0.32 -31.41 17.41
C HIS F 111 -1.00 -31.82 18.71
N ASP F 112 -1.28 -30.85 19.59
CA ASP F 112 -1.99 -31.12 20.83
C ASP F 112 -3.32 -31.83 20.57
N SER F 113 -4.10 -31.29 19.64
CA SER F 113 -5.39 -31.89 19.29
C SER F 113 -5.24 -33.29 18.74
N ASN F 114 -4.22 -33.53 17.90
CA ASN F 114 -4.01 -34.87 17.37
C ASN F 114 -3.70 -35.87 18.48
N VAL F 115 -2.87 -35.48 19.43
CA VAL F 115 -2.58 -36.36 20.57
C VAL F 115 -3.86 -36.66 21.35
N LYS F 116 -4.64 -35.61 21.67
CA LYS F 116 -5.88 -35.80 22.41
C LYS F 116 -6.85 -36.70 21.66
N ASN F 117 -6.95 -36.52 20.34
CA ASN F 117 -7.88 -37.33 19.54
C ASN F 117 -7.44 -38.79 19.50
N LEU F 118 -6.13 -39.04 19.43
CA LEU F 118 -5.64 -40.42 19.50
C LEU F 118 -5.98 -41.04 20.84
N TYR F 119 -5.75 -40.30 21.92
CA TYR F 119 -6.10 -40.78 23.26
C TYR F 119 -7.59 -41.12 23.34
N ASP F 120 -8.45 -40.23 22.82
CA ASP F 120 -9.88 -40.47 22.86
C ASP F 120 -10.28 -41.63 21.96
N LYS F 121 -9.55 -41.83 20.86
CA LYS F 121 -9.77 -42.99 20.00
C LYS F 121 -9.59 -44.28 20.80
N VAL F 122 -8.46 -44.38 21.50
CA VAL F 122 -8.23 -45.57 22.33
C VAL F 122 -9.26 -45.67 23.44
N ARG F 123 -9.57 -44.55 24.10
CA ARG F 123 -10.50 -44.56 25.22
C ARG F 123 -11.88 -45.05 24.80
N LEU F 124 -12.40 -44.53 23.69
CA LEU F 124 -13.72 -44.91 23.22
C LEU F 124 -13.73 -46.30 22.59
N GLN F 125 -12.58 -46.80 22.14
CA GLN F 125 -12.51 -48.21 21.77
C GLN F 125 -12.63 -49.10 23.01
N LEU F 126 -11.87 -48.79 24.06
CA LEU F 126 -11.79 -49.69 25.22
C LEU F 126 -13.03 -49.62 26.10
N ARG F 127 -13.56 -48.42 26.33
CA ARG F 127 -14.72 -48.19 27.21
C ARG F 127 -14.40 -48.79 28.59
N ASP F 128 -15.29 -49.56 29.20
CA ASP F 128 -15.06 -50.08 30.54
C ASP F 128 -14.31 -51.41 30.54
N ASN F 129 -13.78 -51.83 29.40
CA ASN F 129 -12.89 -52.98 29.36
C ASN F 129 -11.49 -52.63 29.86
N ALA F 130 -11.20 -51.35 30.03
CA ALA F 130 -9.93 -50.91 30.60
C ALA F 130 -10.21 -49.74 31.52
N LYS F 131 -9.29 -49.50 32.43
CA LYS F 131 -9.40 -48.44 33.42
C LYS F 131 -8.45 -47.30 33.06
N GLU F 132 -8.98 -46.08 33.10
CA GLU F 132 -8.23 -44.88 32.77
C GLU F 132 -7.33 -44.49 33.93
N LEU F 133 -6.02 -44.51 33.71
CA LEU F 133 -5.05 -44.25 34.77
C LEU F 133 -4.82 -42.76 35.01
N GLY F 134 -5.19 -41.91 34.06
CA GLY F 134 -5.08 -40.46 34.24
C GLY F 134 -3.78 -39.85 33.76
N ASN F 135 -2.87 -40.64 33.20
CA ASN F 135 -1.59 -40.14 32.71
C ASN F 135 -1.38 -40.43 31.23
N GLY F 136 -2.44 -40.79 30.52
CA GLY F 136 -2.33 -41.23 29.14
C GLY F 136 -2.34 -42.72 28.95
N CYS F 137 -2.34 -43.51 30.03
CA CYS F 137 -2.30 -44.96 29.96
C CYS F 137 -3.64 -45.56 30.35
N PHE F 138 -3.91 -46.73 29.79
CA PHE F 138 -5.08 -47.53 30.14
C PHE F 138 -4.61 -48.89 30.65
N GLU F 139 -5.20 -49.35 31.75
CA GLU F 139 -4.87 -50.65 32.30
C GLU F 139 -6.03 -51.59 31.97
N PHE F 140 -5.79 -52.57 31.11
CA PHE F 140 -6.85 -53.48 30.67
C PHE F 140 -7.37 -54.30 31.84
N TYR F 141 -8.68 -54.56 31.82
CA TYR F 141 -9.30 -55.52 32.72
C TYR F 141 -9.23 -56.95 32.19
N HIS F 142 -8.67 -57.15 31.01
CA HIS F 142 -8.55 -58.47 30.41
C HIS F 142 -7.16 -58.61 29.82
N LYS F 143 -6.80 -59.84 29.48
CA LYS F 143 -5.50 -60.09 28.87
C LYS F 143 -5.51 -59.55 27.44
N CYS F 144 -4.50 -58.76 27.09
CA CYS F 144 -4.43 -58.11 25.78
C CYS F 144 -3.05 -58.37 25.18
N ASP F 145 -2.96 -59.40 24.34
CA ASP F 145 -1.68 -59.79 23.73
C ASP F 145 -1.32 -58.81 22.61
N ASN F 146 -0.25 -59.13 21.89
CA ASN F 146 0.25 -58.23 20.84
C ASN F 146 -0.78 -58.05 19.73
N GLU F 147 -1.55 -59.09 19.42
CA GLU F 147 -2.59 -58.94 18.40
C GLU F 147 -3.73 -58.08 18.91
N CYS F 148 -4.08 -58.22 20.19
CA CYS F 148 -5.06 -57.33 20.81
C CYS F 148 -4.56 -55.89 20.80
N MET F 149 -3.31 -55.67 21.20
CA MET F 149 -2.72 -54.33 21.15
C MET F 149 -2.79 -53.75 19.75
N GLU F 150 -2.48 -54.57 18.73
CA GLU F 150 -2.53 -54.09 17.35
C GLU F 150 -3.97 -53.78 16.94
N SER F 151 -4.94 -54.57 17.41
CA SER F 151 -6.34 -54.27 17.12
C SER F 151 -6.73 -52.92 17.73
N VAL F 152 -6.17 -52.59 18.89
CA VAL F 152 -6.40 -51.27 19.46
C VAL F 152 -5.73 -50.20 18.59
N ARG F 153 -4.50 -50.47 18.15
CA ARG F 153 -3.74 -49.45 17.42
C ARG F 153 -4.37 -49.14 16.06
N ASN F 154 -4.89 -50.15 15.37
CA ASN F 154 -5.47 -49.96 14.05
C ASN F 154 -6.97 -49.61 14.09
N GLY F 155 -7.57 -49.57 15.28
CA GLY F 155 -8.96 -49.20 15.39
C GLY F 155 -9.96 -50.31 15.16
N THR F 156 -9.57 -51.57 15.36
CA THR F 156 -10.47 -52.70 15.17
C THR F 156 -10.66 -53.51 16.45
N TYR F 157 -10.47 -52.88 17.61
CA TYR F 157 -10.65 -53.56 18.89
C TYR F 157 -12.08 -54.06 19.02
N ASP F 158 -12.23 -55.31 19.44
CA ASP F 158 -13.54 -55.97 19.53
C ASP F 158 -13.96 -56.00 21.00
N TYR F 159 -14.73 -54.98 21.40
CA TYR F 159 -15.18 -54.87 22.79
C TYR F 159 -15.96 -56.09 23.26
N PRO F 160 -16.98 -56.58 22.55
CA PRO F 160 -17.72 -57.75 23.06
C PRO F 160 -16.87 -59.00 23.19
N GLN F 161 -15.75 -59.10 22.45
CA GLN F 161 -14.91 -60.28 22.53
C GLN F 161 -14.27 -60.43 23.91
N TYR F 162 -13.99 -59.32 24.58
CA TYR F 162 -13.35 -59.33 25.89
C TYR F 162 -14.24 -58.80 27.00
N SER F 163 -15.46 -58.38 26.67
CA SER F 163 -16.31 -57.70 27.65
C SER F 163 -16.62 -58.60 28.85
N GLU F 164 -16.80 -59.90 28.63
CA GLU F 164 -17.18 -60.78 29.73
C GLU F 164 -16.02 -60.98 30.70
N GLU F 165 -14.81 -61.20 30.16
CA GLU F 165 -13.62 -61.29 31.00
C GLU F 165 -13.38 -60.00 31.77
N ALA F 166 -13.53 -58.85 31.10
CA ALA F 166 -13.37 -57.57 31.77
C ALA F 166 -14.41 -57.38 32.86
N ARG F 167 -15.65 -57.80 32.61
CA ARG F 167 -16.71 -57.68 33.60
C ARG F 167 -16.40 -58.51 34.83
N LEU F 168 -15.94 -59.75 34.63
CA LEU F 168 -15.54 -60.58 35.77
C LEU F 168 -14.42 -59.94 36.56
N LYS F 169 -13.41 -59.39 35.87
CA LYS F 169 -12.31 -58.75 36.58
C LYS F 169 -12.79 -57.54 37.36
N ARG F 170 -13.68 -56.74 36.77
CA ARG F 170 -14.23 -55.58 37.46
C ARG F 170 -15.03 -56.01 38.69
N GLU F 171 -15.78 -57.11 38.58
CA GLU F 171 -16.55 -57.60 39.72
C GLU F 171 -15.62 -58.09 40.82
N GLU F 172 -14.52 -58.75 40.45
CA GLU F 172 -13.55 -59.20 41.45
C GLU F 172 -12.90 -58.02 42.15
N ILE F 173 -12.56 -56.96 41.40
CA ILE F 173 -11.94 -55.79 41.99
C ILE F 173 -12.93 -55.06 42.90
N SER F 174 -14.17 -54.90 42.45
CA SER F 174 -15.19 -54.20 43.23
C SER F 174 -15.43 -54.92 44.56
N SER F 175 -15.27 -56.23 44.60
CA SER F 175 -15.45 -56.99 45.83
C SER F 175 -14.24 -56.80 46.75
C1 NAG G . 33.95 32.82 -2.27
C2 NAG G . 34.42 32.15 -3.55
C3 NAG G . 35.37 31.00 -3.22
C4 NAG G . 36.49 31.45 -2.28
C5 NAG G . 35.93 32.22 -1.09
C6 NAG G . 37.01 32.86 -0.25
C7 NAG G . 33.30 31.72 -5.69
C8 NAG G . 32.08 31.15 -6.35
N2 NAG G . 33.31 31.66 -4.34
O3 NAG G . 35.89 30.54 -4.46
O4 NAG G . 37.19 30.33 -1.72
O5 NAG G . 35.07 33.27 -1.53
O6 NAG G . 36.51 34.01 0.44
O7 NAG G . 34.22 32.21 -6.33
C1 NAG G . 37.82 29.45 -2.66
C2 NAG G . 39.12 28.85 -2.13
C3 NAG G . 39.76 27.94 -3.18
C4 NAG G . 38.75 26.89 -3.66
C5 NAG G . 37.46 27.57 -4.11
C6 NAG G . 36.38 26.58 -4.47
C7 NAG G . 40.09 30.42 -0.51
C8 NAG G . 41.10 31.50 -0.28
N2 NAG G . 40.05 29.91 -1.74
O3 NAG G . 40.90 27.31 -2.63
O4 NAG G . 39.30 26.17 -4.75
O5 NAG G . 36.94 28.38 -3.05
O6 NAG G . 35.26 27.23 -5.06
O7 NAG G . 39.33 30.04 0.39
C1 NAG H . -16.46 40.73 -15.89
C2 NAG H . -15.51 41.50 -14.99
C3 NAG H . -16.10 41.65 -13.59
C4 NAG H . -17.52 42.19 -13.64
C5 NAG H . -18.37 41.42 -14.64
C6 NAG H . -19.72 42.07 -14.87
C7 NAG H . -13.08 41.42 -15.35
C8 NAG H . -11.82 40.60 -15.17
N2 NAG H . -14.21 40.85 -14.92
O3 NAG H . -15.26 42.51 -12.83
O4 NAG H . -18.13 42.02 -12.36
O5 NAG H . -17.72 41.37 -15.91
O6 NAG H . -19.59 43.34 -15.51
O7 NAG H . -13.06 42.53 -15.85
C1 NAG H . -18.09 43.23 -11.60
C2 NAG H . -19.34 43.31 -10.76
C3 NAG H . -19.34 44.60 -9.93
C4 NAG H . -18.06 44.68 -9.10
C5 NAG H . -16.82 44.48 -9.98
C6 NAG H . -15.55 44.36 -9.17
C7 NAG H . -21.32 42.14 -11.61
C8 NAG H . -22.52 42.21 -12.49
N2 NAG H . -20.54 43.22 -11.56
O3 NAG H . -20.48 44.64 -9.10
O4 NAG H . -17.99 45.93 -8.45
O5 NAG H . -16.93 43.29 -10.76
O6 NAG H . -14.42 44.18 -10.01
O7 NAG H . -21.06 41.13 -10.95
C1 NAG I . 12.77 8.63 -44.18
C2 NAG I . 11.54 9.50 -44.42
C3 NAG I . 10.34 8.61 -44.78
C4 NAG I . 10.69 7.66 -45.93
C5 NAG I . 11.99 6.93 -45.66
C6 NAG I . 12.48 6.14 -46.85
C7 NAG I . 11.12 11.63 -43.30
C8 NAG I . 10.78 12.30 -42.00
N2 NAG I . 11.23 10.31 -43.25
O3 NAG I . 9.25 9.45 -45.15
O4 NAG I . 9.67 6.68 -46.04
O5 NAG I . 13.03 7.85 -45.33
O6 NAG I . 13.43 5.16 -46.48
O7 NAG I . 11.29 12.27 -44.33
C1 NAG I . 8.70 6.97 -47.04
C2 NAG I . 8.28 5.63 -47.66
C3 NAG I . 7.13 5.83 -48.65
C4 NAG I . 5.98 6.57 -47.98
C5 NAG I . 6.49 7.87 -47.38
C6 NAG I . 5.42 8.60 -46.60
C7 NAG I . 9.77 3.71 -48.09
C8 NAG I . 10.96 3.22 -48.85
N2 NAG I . 9.41 4.99 -48.32
O3 NAG I . 6.69 4.55 -49.12
O4 NAG I . 4.96 6.85 -48.93
O5 NAG I . 7.56 7.60 -46.46
O6 NAG I . 5.71 9.99 -46.52
O7 NAG I . 9.16 3.01 -47.29
C3' NHE J . 6.17 53.51 -10.34
C2' NHE J . 4.77 53.13 -9.87
C1' NHE J . 4.61 51.62 -9.94
C6' NHE J . 5.64 50.98 -9.02
N NHE J . 3.26 51.19 -9.57
C1 NHE J . 2.22 52.09 -10.11
C2 NHE J . 1.38 52.65 -8.97
S NHE J . 0.48 51.29 -8.12
O1 NHE J . -0.83 51.04 -8.86
O2 NHE J . 1.33 50.01 -8.13
O3 NHE J . 0.20 51.71 -6.68
C5' NHE J . 7.05 51.37 -9.44
C4' NHE J . 7.20 52.88 -9.42
C1 NAG K . -23.63 -3.29 20.21
C2 NAG K . -24.64 -3.18 19.07
C3 NAG K . -24.70 -1.74 18.56
C4 NAG K . -24.98 -0.78 19.71
C5 NAG K . -23.96 -0.98 20.83
C6 NAG K . -24.23 -0.15 22.05
C7 NAG K . -24.98 -5.19 17.70
C8 NAG K . -24.48 -6.00 16.55
N2 NAG K . -24.29 -4.09 17.98
O3 NAG K . -25.73 -1.63 17.59
O4 NAG K . -24.91 0.56 19.25
O5 NAG K . -23.97 -2.36 21.25
O6 NAG K . -23.22 -0.31 23.03
O7 NAG K . -25.97 -5.52 18.35
C1 PEG L . -0.07 -1.14 27.47
O1 PEG L . -0.06 -0.49 26.22
C2 PEG L . 0.17 -2.63 27.29
O2 PEG L . -0.73 -3.27 28.15
C3 PEG L . -0.48 -4.65 28.31
C4 PEG L . -1.12 -5.10 29.62
O4 PEG L . -2.47 -5.49 29.43
C1 PEG M . 11.66 49.18 7.11
O1 PEG M . 12.77 48.57 7.79
C2 PEG M . 10.48 49.31 8.08
O2 PEG M . 10.33 48.09 8.83
C3 PEG M . 9.15 48.17 9.63
C4 PEG M . 9.30 47.27 10.86
O4 PEG M . 10.41 46.39 10.68
C1 PEG N . 15.35 43.29 9.40
O1 PEG N . 14.44 43.93 10.30
C2 PEG N . 16.55 42.75 10.19
O2 PEG N . 17.25 41.79 9.39
C3 PEG N . 18.50 41.45 10.01
C4 PEG N . 18.26 40.92 11.42
O4 PEG N . 19.08 39.77 11.65
C1 GOL O . -13.79 -5.07 19.17
O1 GOL O . -13.49 -5.35 20.51
C2 GOL O . -13.43 -3.58 18.90
O2 GOL O . -14.12 -2.70 19.73
C3 GOL O . -13.80 -3.35 17.42
O3 GOL O . -12.84 -2.48 16.91
C1 PEG P . -20.40 -22.56 44.18
O1 PEG P . -21.67 -22.14 44.62
C2 PEG P . -20.36 -23.98 43.72
O2 PEG P . -21.17 -24.06 42.61
C3 PEG P . -21.23 -25.28 41.97
C4 PEG P . -21.91 -25.05 40.66
O4 PEG P . -23.33 -25.02 40.73
C1 PEG Q . -4.63 -7.93 31.27
O1 PEG Q . -3.32 -8.24 30.84
C2 PEG Q . -5.12 -8.60 32.55
O2 PEG Q . -5.89 -7.58 33.18
C3 PEG Q . -6.69 -7.86 34.32
C4 PEG Q . -5.86 -8.27 35.49
O4 PEG Q . -6.02 -9.67 35.75
C3' NHE R . -2.74 29.11 -46.81
C2' NHE R . -2.66 27.60 -46.77
C1' NHE R . -2.43 27.13 -45.34
C6' NHE R . -3.58 27.60 -44.46
N NHE R . -2.32 25.67 -45.27
C1 NHE R . -1.43 25.14 -46.32
C2 NHE R . -2.18 24.20 -47.27
S NHE R . -2.16 22.50 -46.63
O1 NHE R . -0.98 21.71 -47.23
O2 NHE R . -3.47 21.81 -47.02
O3 NHE R . -2.01 22.53 -45.11
C5' NHE R . -3.68 29.12 -44.53
C4' NHE R . -3.91 29.57 -45.95
C1 NAG S . -29.96 -6.81 -13.50
C2 NAG S . -30.59 -8.18 -13.34
C3 NAG S . -32.10 -8.09 -13.54
C4 NAG S . -32.69 -7.03 -12.63
C5 NAG S . -31.93 -5.71 -12.76
C6 NAG S . -32.39 -4.65 -11.78
C7 NAG S . -29.62 -10.37 -13.92
C8 NAG S . -29.03 -11.21 -15.00
N2 NAG S . -30.00 -9.13 -14.27
O3 NAG S . -32.69 -9.36 -13.27
O4 NAG S . -34.06 -6.82 -12.96
O5 NAG S . -30.53 -5.91 -12.53
O6 NAG S . -31.79 -4.83 -10.50
O7 NAG S . -29.75 -10.79 -12.77
C1 NAG T . -8.75 -29.31 -6.52
C2 NAG T . -7.34 -29.71 -6.96
C3 NAG T . -7.01 -29.10 -8.32
C4 NAG T . -8.10 -29.44 -9.34
C5 NAG T . -9.46 -29.02 -8.80
C6 NAG T . -10.61 -29.41 -9.70
C7 NAG T . -5.63 -30.17 -5.27
C8 NAG T . -4.64 -29.58 -4.29
N2 NAG T . -6.34 -29.31 -5.98
O3 NAG T . -5.76 -29.60 -8.78
O4 NAG T . -7.85 -28.76 -10.57
O5 NAG T . -9.69 -29.65 -7.53
O6 NAG T . -11.82 -28.80 -9.29
O7 NAG T . -5.76 -31.39 -5.39
C1 PEG U . -18.70 28.50 -36.50
O1 PEG U . -18.96 29.84 -36.97
C2 PEG U . -17.50 27.91 -37.25
O2 PEG U . -16.89 26.90 -36.45
C3 PEG U . -17.53 25.65 -36.67
C4 PEG U . -18.05 25.10 -35.34
O4 PEG U . -18.95 24.02 -35.57
C1 GOL V . -11.83 -20.83 -0.66
O1 GOL V . -12.58 -21.96 -0.52
C2 GOL V . -11.29 -20.65 -2.05
O2 GOL V . -10.16 -21.45 -2.15
C3 GOL V . -10.91 -19.20 -2.21
O3 GOL V . -9.66 -18.99 -2.82
C1 PEG W . -28.20 -43.56 13.86
O1 PEG W . -28.51 -43.96 12.52
C2 PEG W . -27.09 -44.46 14.42
O2 PEG W . -25.90 -44.29 13.64
C3 PEG W . -24.76 -44.36 14.50
C4 PEG W . -23.52 -44.74 13.69
O4 PEG W . -23.35 -46.15 13.73
C1 PEG X . -11.45 -22.65 15.37
O1 PEG X . -12.82 -23.00 15.08
C2 PEG X . -10.72 -23.82 16.04
O2 PEG X . -9.35 -23.45 16.29
C3 PEG X . -8.99 -23.62 17.66
C4 PEG X . -7.63 -22.97 17.94
O4 PEG X . -6.56 -23.85 17.57
C3' NHE Y . 38.82 27.23 -28.00
C2' NHE Y . 38.97 26.78 -26.56
C1' NHE Y . 37.60 26.58 -25.93
C6' NHE Y . 36.86 25.50 -26.72
N NHE Y . 37.71 26.21 -24.52
C1 NHE Y . 38.28 27.32 -23.74
C2 NHE Y . 39.59 26.91 -23.07
S NHE Y . 39.28 25.70 -21.73
O1 NHE Y . 37.84 25.18 -21.83
O2 NHE Y . 40.27 24.55 -21.87
O3 NHE Y . 39.47 26.38 -20.37
C5' NHE Y . 36.71 25.93 -28.16
C4' NHE Y . 38.07 26.15 -28.79
C1 PEG Z . 38.52 8.50 -31.03
O1 PEG Z . 38.61 8.06 -32.39
C2 PEG Z . 38.10 7.33 -30.12
O2 PEG Z . 39.27 6.68 -29.58
C3 PEG Z . 39.58 7.23 -28.30
C4 PEG Z . 40.88 8.04 -28.37
O4 PEG Z . 41.99 7.15 -28.59
C1 GOL AA . 9.07 -16.83 15.00
O1 GOL AA . 9.14 -18.21 14.81
C2 GOL AA . 9.84 -16.15 13.85
O2 GOL AA . 11.14 -16.64 13.73
C3 GOL AA . 9.82 -14.64 14.20
O3 GOL AA . 9.69 -13.96 12.99
C1 GOL BA . 22.78 14.76 -13.86
O1 GOL BA . 22.14 15.94 -14.22
C2 GOL BA . 24.00 14.63 -14.80
O2 GOL BA . 24.66 13.42 -14.64
C3 GOL BA . 24.87 15.84 -14.43
O3 GOL BA . 25.38 15.60 -13.16
#